data_6HC5
# 
_entry.id   6HC5 
# 
_audit_conform.dict_name       mmcif_pdbx.dic 
_audit_conform.dict_version    5.392 
_audit_conform.dict_location   http://mmcif.pdb.org/dictionaries/ascii/mmcif_pdbx.dic 
# 
loop_
_database_2.database_id 
_database_2.database_code 
_database_2.pdbx_database_accession 
_database_2.pdbx_DOI 
PDB   6HC5         pdb_00006hc5 10.2210/pdb6hc5/pdb 
WWPDB D_1200011461 ?            ?                   
# 
loop_
_pdbx_audit_revision_history.ordinal 
_pdbx_audit_revision_history.data_content_type 
_pdbx_audit_revision_history.major_revision 
_pdbx_audit_revision_history.minor_revision 
_pdbx_audit_revision_history.revision_date 
1 'Structure model' 1 0 2019-02-20 
2 'Structure model' 1 1 2019-03-27 
3 'Structure model' 1 2 2024-05-15 
# 
_pdbx_audit_revision_details.ordinal             1 
_pdbx_audit_revision_details.revision_ordinal    1 
_pdbx_audit_revision_details.data_content_type   'Structure model' 
_pdbx_audit_revision_details.provider            repository 
_pdbx_audit_revision_details.type                'Initial release' 
_pdbx_audit_revision_details.description         ? 
_pdbx_audit_revision_details.details             ? 
# 
loop_
_pdbx_audit_revision_group.ordinal 
_pdbx_audit_revision_group.revision_ordinal 
_pdbx_audit_revision_group.data_content_type 
_pdbx_audit_revision_group.group 
1 2 'Structure model' 'Data collection'     
2 2 'Structure model' 'Database references' 
3 3 'Structure model' 'Data collection'     
4 3 'Structure model' 'Database references' 
# 
loop_
_pdbx_audit_revision_category.ordinal 
_pdbx_audit_revision_category.revision_ordinal 
_pdbx_audit_revision_category.data_content_type 
_pdbx_audit_revision_category.category 
1 2 'Structure model' citation           
2 2 'Structure model' citation_author    
3 2 'Structure model' pdbx_database_proc 
4 3 'Structure model' chem_comp_atom     
5 3 'Structure model' chem_comp_bond     
6 3 'Structure model' database_2         
# 
loop_
_pdbx_audit_revision_item.ordinal 
_pdbx_audit_revision_item.revision_ordinal 
_pdbx_audit_revision_item.data_content_type 
_pdbx_audit_revision_item.item 
1 2 'Structure model' '_citation.journal_abbrev'            
2 2 'Structure model' '_citation.journal_volume'            
3 2 'Structure model' '_citation.page_first'                
4 2 'Structure model' '_citation.page_last'                 
5 2 'Structure model' '_citation.title'                     
6 2 'Structure model' '_citation_author.identifier_ORCID'   
7 3 'Structure model' '_database_2.pdbx_DOI'                
8 3 'Structure model' '_database_2.pdbx_database_accession' 
# 
_pdbx_database_status.status_code                     REL 
_pdbx_database_status.status_code_sf                  REL 
_pdbx_database_status.status_code_mr                  ? 
_pdbx_database_status.entry_id                        6HC5 
_pdbx_database_status.recvd_initial_deposition_date   2018-08-14 
_pdbx_database_status.SG_entry                        N 
_pdbx_database_status.deposit_site                    PDBE 
_pdbx_database_status.process_site                    PDBE 
_pdbx_database_status.status_code_cs                  ? 
_pdbx_database_status.methods_development_category    ? 
_pdbx_database_status.pdb_format_compatible           Y 
_pdbx_database_status.status_code_nmr_data            ? 
# 
loop_
_audit_author.name 
_audit_author.pdbx_ordinal 
_audit_author.identifier_ORCID 
'Huang, L.'      1 ? 
'Lilley, D.M.J.' 2 ? 
# 
_citation.abstract                  ? 
_citation.abstract_id_CAS           ? 
_citation.book_id_ISBN              ? 
_citation.book_publisher            ? 
_citation.book_publisher_city       ? 
_citation.book_title                ? 
_citation.coordinate_linkage        ? 
_citation.country                   UK 
_citation.database_id_Medline       ? 
_citation.details                   ? 
_citation.id                        primary 
_citation.journal_abbrev            Rna 
_citation.journal_id_ASTM           RNARFU 
_citation.journal_id_CSD            2122 
_citation.journal_id_ISSN           1469-9001 
_citation.journal_full              ? 
_citation.journal_issue             ? 
_citation.journal_volume            25 
_citation.language                  ? 
_citation.page_first                423 
_citation.page_last                 430 
_citation.title                     'Structure-guided design of a high-affinity ligand for a riboswitch.' 
_citation.year                      2019 
_citation.database_id_CSD           ? 
_citation.pdbx_database_id_DOI      10.1261/rna.069567.118 
_citation.pdbx_database_id_PubMed   30609994 
_citation.unpublished_flag          ? 
# 
loop_
_citation_author.citation_id 
_citation_author.name 
_citation_author.ordinal 
_citation_author.identifier_ORCID 
primary 'Huang, L.'      1 ? 
primary 'Wang, J.'       2 ? 
primary 'Wilson, T.J.'   3 ? 
primary 'Lilley, D.M.J.' 4 ? 
# 
loop_
_entity.id 
_entity.type 
_entity.src_method 
_entity.pdbx_description 
_entity.formula_weight 
_entity.pdbx_number_of_molecules 
_entity.pdbx_ec 
_entity.pdbx_mutation 
_entity.pdbx_fragment 
_entity.details 
1 polymer     syn 
;RNA (5'-R(*GP*GP*UP*GP*GP*GP*GP*AP*CP*GP*AP*CP*CP*CP*CP*AP*(CBV)P*C)-3')
;
5880.434 1  ? ? ? ? 
2 non-polymer syn 'SULFATE ION'                                                              96.063   1  ? ? ? ? 
3 non-polymer syn 'SODIUM ION'                                                               22.990   3  ? ? ? ? 
4 non-polymer syn '1-(5-carbamimidamidopentyl)guanidine'                                     186.258  1  ? ? ? ? 
5 water       nat water                                                                      18.015   45 ? ? ? ? 
# 
_entity_poly.entity_id                      1 
_entity_poly.type                           polyribonucleotide 
_entity_poly.nstd_linkage                   no 
_entity_poly.nstd_monomer                   yes 
_entity_poly.pdbx_seq_one_letter_code       'GGUGGGGACGACCCCA(CBV)C' 
_entity_poly.pdbx_seq_one_letter_code_can   GGUGGGGACGACCCCACC 
_entity_poly.pdbx_strand_id                 A 
_entity_poly.pdbx_target_identifier         ? 
# 
loop_
_pdbx_entity_nonpoly.entity_id 
_pdbx_entity_nonpoly.name 
_pdbx_entity_nonpoly.comp_id 
2 'SULFATE ION'                          SO4 
3 'SODIUM ION'                           NA  
4 '1-(5-carbamimidamidopentyl)guanidine' FXT 
5 water                                  HOH 
# 
loop_
_entity_poly_seq.entity_id 
_entity_poly_seq.num 
_entity_poly_seq.mon_id 
_entity_poly_seq.hetero 
1 1  G   n 
1 2  G   n 
1 3  U   n 
1 4  G   n 
1 5  G   n 
1 6  G   n 
1 7  G   n 
1 8  A   n 
1 9  C   n 
1 10 G   n 
1 11 A   n 
1 12 C   n 
1 13 C   n 
1 14 C   n 
1 15 C   n 
1 16 A   n 
1 17 CBV n 
1 18 C   n 
# 
_pdbx_entity_src_syn.entity_id              1 
_pdbx_entity_src_syn.pdbx_src_id            1 
_pdbx_entity_src_syn.pdbx_alt_source_flag   sample 
_pdbx_entity_src_syn.pdbx_beg_seq_num       1 
_pdbx_entity_src_syn.pdbx_end_seq_num       18 
_pdbx_entity_src_syn.organism_scientific    'Gloeobacter violaceus' 
_pdbx_entity_src_syn.organism_common_name   ? 
_pdbx_entity_src_syn.ncbi_taxonomy_id       33072 
_pdbx_entity_src_syn.details                ? 
# 
loop_
_chem_comp.id 
_chem_comp.type 
_chem_comp.mon_nstd_flag 
_chem_comp.name 
_chem_comp.pdbx_synonyms 
_chem_comp.formula 
_chem_comp.formula_weight 
A   'RNA linking' y "ADENOSINE-5'-MONOPHOSPHATE"                ? 'C10 H14 N5 O7 P'   347.221 
C   'RNA linking' y "CYTIDINE-5'-MONOPHOSPHATE"                 ? 'C9 H14 N3 O8 P'    323.197 
CBV 'RNA linking' n 
;5-BROMOCYTIDINE 5'-(DIHYDROGEN PHOSPHATE)
;
? 'C9 H13 Br N3 O8 P' 402.093 
FXT non-polymer   . '1-(5-carbamimidamidopentyl)guanidine'      ? 'C7 H18 N6'         186.258 
G   'RNA linking' y "GUANOSINE-5'-MONOPHOSPHATE"                ? 'C10 H14 N5 O8 P'   363.221 
HOH non-polymer   . WATER                                       ? 'H2 O'              18.015  
NA  non-polymer   . 'SODIUM ION'                                ? 'Na 1'              22.990  
SO4 non-polymer   . 'SULFATE ION'                               ? 'O4 S -2'           96.063  
U   'RNA linking' y "URIDINE-5'-MONOPHOSPHATE"                  ? 'C9 H13 N2 O9 P'    324.181 
# 
loop_
_pdbx_poly_seq_scheme.asym_id 
_pdbx_poly_seq_scheme.entity_id 
_pdbx_poly_seq_scheme.seq_id 
_pdbx_poly_seq_scheme.mon_id 
_pdbx_poly_seq_scheme.ndb_seq_num 
_pdbx_poly_seq_scheme.pdb_seq_num 
_pdbx_poly_seq_scheme.auth_seq_num 
_pdbx_poly_seq_scheme.pdb_mon_id 
_pdbx_poly_seq_scheme.auth_mon_id 
_pdbx_poly_seq_scheme.pdb_strand_id 
_pdbx_poly_seq_scheme.pdb_ins_code 
_pdbx_poly_seq_scheme.hetero 
A 1 1  G   1  1  1  G   G   A . n 
A 1 2  G   2  2  2  G   G   A . n 
A 1 3  U   3  3  3  U   U   A . n 
A 1 4  G   4  4  4  G   G   A . n 
A 1 5  G   5  5  5  G   G   A . n 
A 1 6  G   6  6  6  G   G   A . n 
A 1 7  G   7  7  7  G   G   A . n 
A 1 8  A   8  8  8  A   A   A . n 
A 1 9  C   9  9  9  C   C   A . n 
A 1 10 G   10 10 10 G   G   A . n 
A 1 11 A   11 11 11 A   A   A . n 
A 1 12 C   12 12 12 C   C   A . n 
A 1 13 C   13 13 13 C   C   A . n 
A 1 14 C   14 14 14 C   C   A . n 
A 1 15 C   15 15 15 C   C   A . n 
A 1 16 A   16 16 16 A   A   A . n 
A 1 17 CBV 17 17 17 CBV CBV A . n 
A 1 18 C   18 18 18 C   C   A . n 
# 
loop_
_pdbx_nonpoly_scheme.asym_id 
_pdbx_nonpoly_scheme.entity_id 
_pdbx_nonpoly_scheme.mon_id 
_pdbx_nonpoly_scheme.ndb_seq_num 
_pdbx_nonpoly_scheme.pdb_seq_num 
_pdbx_nonpoly_scheme.auth_seq_num 
_pdbx_nonpoly_scheme.pdb_mon_id 
_pdbx_nonpoly_scheme.auth_mon_id 
_pdbx_nonpoly_scheme.pdb_strand_id 
_pdbx_nonpoly_scheme.pdb_ins_code 
B 2 SO4 1  101 1  SO4 SO4 A . 
C 3 NA  1  102 1  NA  NA  A . 
D 3 NA  1  103 2  NA  NA  A . 
E 3 NA  1  104 3  NA  NA  A . 
F 4 FXT 1  105 1  FXT DRG A . 
G 5 HOH 1  201 35 HOH HOH A . 
G 5 HOH 2  202 10 HOH HOH A . 
G 5 HOH 3  203 14 HOH HOH A . 
G 5 HOH 4  204 8  HOH HOH A . 
G 5 HOH 5  205 40 HOH HOH A . 
G 5 HOH 6  206 26 HOH HOH A . 
G 5 HOH 7  207 45 HOH HOH A . 
G 5 HOH 8  208 39 HOH HOH A . 
G 5 HOH 9  209 24 HOH HOH A . 
G 5 HOH 10 210 3  HOH HOH A . 
G 5 HOH 11 211 11 HOH HOH A . 
G 5 HOH 12 212 18 HOH HOH A . 
G 5 HOH 13 213 6  HOH HOH A . 
G 5 HOH 14 214 9  HOH HOH A . 
G 5 HOH 15 215 32 HOH HOH A . 
G 5 HOH 16 216 12 HOH HOH A . 
G 5 HOH 17 217 41 HOH HOH A . 
G 5 HOH 18 218 15 HOH HOH A . 
G 5 HOH 19 219 20 HOH HOH A . 
G 5 HOH 20 220 5  HOH HOH A . 
G 5 HOH 21 221 13 HOH HOH A . 
G 5 HOH 22 222 21 HOH HOH A . 
G 5 HOH 23 223 7  HOH HOH A . 
G 5 HOH 24 224 31 HOH HOH A . 
G 5 HOH 25 225 4  HOH HOH A . 
G 5 HOH 26 226 1  HOH HOH A . 
G 5 HOH 27 227 2  HOH HOH A . 
G 5 HOH 28 228 28 HOH HOH A . 
G 5 HOH 29 229 34 HOH HOH A . 
G 5 HOH 30 230 38 HOH HOH A . 
G 5 HOH 31 231 27 HOH HOH A . 
G 5 HOH 32 232 37 HOH HOH A . 
G 5 HOH 33 233 25 HOH HOH A . 
G 5 HOH 34 234 23 HOH HOH A . 
G 5 HOH 35 235 22 HOH HOH A . 
G 5 HOH 36 236 16 HOH HOH A . 
G 5 HOH 37 237 44 HOH HOH A . 
G 5 HOH 38 238 17 HOH HOH A . 
G 5 HOH 39 239 43 HOH HOH A . 
G 5 HOH 40 240 33 HOH HOH A . 
G 5 HOH 41 241 19 HOH HOH A . 
G 5 HOH 42 242 42 HOH HOH A . 
G 5 HOH 43 243 36 HOH HOH A . 
G 5 HOH 44 244 30 HOH HOH A . 
G 5 HOH 45 245 29 HOH HOH A . 
# 
loop_
_pdbx_unobs_or_zero_occ_atoms.id 
_pdbx_unobs_or_zero_occ_atoms.PDB_model_num 
_pdbx_unobs_or_zero_occ_atoms.polymer_flag 
_pdbx_unobs_or_zero_occ_atoms.occupancy_flag 
_pdbx_unobs_or_zero_occ_atoms.auth_asym_id 
_pdbx_unobs_or_zero_occ_atoms.auth_comp_id 
_pdbx_unobs_or_zero_occ_atoms.auth_seq_id 
_pdbx_unobs_or_zero_occ_atoms.PDB_ins_code 
_pdbx_unobs_or_zero_occ_atoms.auth_atom_id 
_pdbx_unobs_or_zero_occ_atoms.label_alt_id 
_pdbx_unobs_or_zero_occ_atoms.label_asym_id 
_pdbx_unobs_or_zero_occ_atoms.label_comp_id 
_pdbx_unobs_or_zero_occ_atoms.label_seq_id 
_pdbx_unobs_or_zero_occ_atoms.label_atom_id 
1  1 Y 1 A A 11 ? N9 ? A A 11 N9 
2  1 Y 1 A A 11 ? C8 ? A A 11 C8 
3  1 Y 1 A A 11 ? N7 ? A A 11 N7 
4  1 Y 1 A A 11 ? C5 ? A A 11 C5 
5  1 Y 1 A A 11 ? C6 ? A A 11 C6 
6  1 Y 1 A A 11 ? N6 ? A A 11 N6 
7  1 Y 1 A A 11 ? N1 ? A A 11 N1 
8  1 Y 1 A A 11 ? C2 ? A A 11 C2 
9  1 Y 1 A A 11 ? N3 ? A A 11 N3 
10 1 Y 1 A A 11 ? C4 ? A A 11 C4 
# 
loop_
_software.citation_id 
_software.classification 
_software.compiler_name 
_software.compiler_version 
_software.contact_author 
_software.contact_author_email 
_software.date 
_software.description 
_software.dependencies 
_software.hardware 
_software.language 
_software.location 
_software.mods 
_software.name 
_software.os 
_software.os_version 
_software.type 
_software.version 
_software.pdbx_ordinal 
? refinement       ? ? ? ? ? ? ? ? ? ? ? PHENIX ? ? ? '(1.14_3228: ???)' 1 
? 'data reduction' ? ? ? ? ? ? ? ? ? ? ? xia2   ? ? ? .                  2 
? 'data scaling'   ? ? ? ? ? ? ? ? ? ? ? xia2   ? ? ? .                  3 
? phasing          ? ? ? ? ? ? ? ? ? ? ? PHENIX ? ? ? .                  4 
# 
_cell.angle_alpha                  90.00 
_cell.angle_alpha_esd              ? 
_cell.angle_beta                   90.00 
_cell.angle_beta_esd               ? 
_cell.angle_gamma                  120.00 
_cell.angle_gamma_esd              ? 
_cell.entry_id                     6HC5 
_cell.details                      ? 
_cell.formula_units_Z              ? 
_cell.length_a                     55.826 
_cell.length_a_esd                 ? 
_cell.length_b                     55.826 
_cell.length_b_esd                 ? 
_cell.length_c                     133.363 
_cell.length_c_esd                 ? 
_cell.volume                       ? 
_cell.volume_esd                   ? 
_cell.Z_PDB                        18 
_cell.reciprocal_angle_alpha       ? 
_cell.reciprocal_angle_beta        ? 
_cell.reciprocal_angle_gamma       ? 
_cell.reciprocal_angle_alpha_esd   ? 
_cell.reciprocal_angle_beta_esd    ? 
_cell.reciprocal_angle_gamma_esd   ? 
_cell.reciprocal_length_a          ? 
_cell.reciprocal_length_b          ? 
_cell.reciprocal_length_c          ? 
_cell.reciprocal_length_a_esd      ? 
_cell.reciprocal_length_b_esd      ? 
_cell.reciprocal_length_c_esd      ? 
_cell.pdbx_unique_axis             ? 
# 
_symmetry.entry_id                         6HC5 
_symmetry.cell_setting                     ? 
_symmetry.Int_Tables_number                155 
_symmetry.space_group_name_Hall            ? 
_symmetry.space_group_name_H-M             'H 3 2' 
_symmetry.pdbx_full_space_group_name_H-M   ? 
# 
_exptl.absorpt_coefficient_mu     ? 
_exptl.absorpt_correction_T_max   ? 
_exptl.absorpt_correction_T_min   ? 
_exptl.absorpt_correction_type    ? 
_exptl.absorpt_process_details    ? 
_exptl.entry_id                   6HC5 
_exptl.crystals_number            1 
_exptl.details                    ? 
_exptl.method                     'X-RAY DIFFRACTION' 
_exptl.method_details             ? 
# 
_exptl_crystal.colour                      ? 
_exptl_crystal.density_diffrn              ? 
_exptl_crystal.density_Matthews            3.40 
_exptl_crystal.density_method              ? 
_exptl_crystal.density_percent_sol         63.83 
_exptl_crystal.description                 ? 
_exptl_crystal.F_000                       ? 
_exptl_crystal.id                          1 
_exptl_crystal.preparation                 ? 
_exptl_crystal.size_max                    ? 
_exptl_crystal.size_mid                    ? 
_exptl_crystal.size_min                    ? 
_exptl_crystal.size_rad                    ? 
_exptl_crystal.colour_lustre               ? 
_exptl_crystal.colour_modifier             ? 
_exptl_crystal.colour_primary              ? 
_exptl_crystal.density_meas                ? 
_exptl_crystal.density_meas_esd            ? 
_exptl_crystal.density_meas_gt             ? 
_exptl_crystal.density_meas_lt             ? 
_exptl_crystal.density_meas_temp           ? 
_exptl_crystal.density_meas_temp_esd       ? 
_exptl_crystal.density_meas_temp_gt        ? 
_exptl_crystal.density_meas_temp_lt        ? 
_exptl_crystal.pdbx_crystal_image_url      ? 
_exptl_crystal.pdbx_crystal_image_format   ? 
_exptl_crystal.pdbx_mosaicity              ? 
_exptl_crystal.pdbx_mosaicity_esd          ? 
# 
_exptl_crystal_grow.apparatus       ? 
_exptl_crystal_grow.atmosphere      ? 
_exptl_crystal_grow.crystal_id      1 
_exptl_crystal_grow.details         ? 
_exptl_crystal_grow.method          'VAPOR DIFFUSION, HANGING DROP' 
_exptl_crystal_grow.method_ref      ? 
_exptl_crystal_grow.pH              5.0 
_exptl_crystal_grow.pressure        ? 
_exptl_crystal_grow.pressure_esd    ? 
_exptl_crystal_grow.seeding         ? 
_exptl_crystal_grow.seeding_ref     ? 
_exptl_crystal_grow.temp            293 
_exptl_crystal_grow.temp_details    ? 
_exptl_crystal_grow.temp_esd        ? 
_exptl_crystal_grow.time            ? 
_exptl_crystal_grow.pdbx_details    
;0.01 M Magnesium Acetate, 
0.05 M MES pH 5.0,  
2.5 M Ammonium Sulfate
;
_exptl_crystal_grow.pdbx_pH_range   ? 
# 
_diffrn.ambient_environment              ? 
_diffrn.ambient_temp                     100 
_diffrn.ambient_temp_details             ? 
_diffrn.ambient_temp_esd                 ? 
_diffrn.crystal_id                       1 
_diffrn.crystal_support                  ? 
_diffrn.crystal_treatment                ? 
_diffrn.details                          ? 
_diffrn.id                               1 
_diffrn.ambient_pressure                 ? 
_diffrn.ambient_pressure_esd             ? 
_diffrn.ambient_pressure_gt              ? 
_diffrn.ambient_pressure_lt              ? 
_diffrn.ambient_temp_gt                  ? 
_diffrn.ambient_temp_lt                  ? 
_diffrn.pdbx_serial_crystal_experiment   ? 
# 
_diffrn_detector.details                      ? 
_diffrn_detector.detector                     PIXEL 
_diffrn_detector.diffrn_id                    1 
_diffrn_detector.type                         'DECTRIS PILATUS3 6M' 
_diffrn_detector.area_resol_mean              ? 
_diffrn_detector.dtime                        ? 
_diffrn_detector.pdbx_frames_total            ? 
_diffrn_detector.pdbx_collection_time_total   ? 
_diffrn_detector.pdbx_collection_date         2017-11-29 
_diffrn_detector.pdbx_frequency               ? 
# 
_diffrn_radiation.collimation                      ? 
_diffrn_radiation.diffrn_id                        1 
_diffrn_radiation.filter_edge                      ? 
_diffrn_radiation.inhomogeneity                    ? 
_diffrn_radiation.monochromator                    ? 
_diffrn_radiation.polarisn_norm                    ? 
_diffrn_radiation.polarisn_ratio                   ? 
_diffrn_radiation.probe                            ? 
_diffrn_radiation.type                             ? 
_diffrn_radiation.xray_symbol                      ? 
_diffrn_radiation.wavelength_id                    1 
_diffrn_radiation.pdbx_monochromatic_or_laue_m_l   M 
_diffrn_radiation.pdbx_wavelength_list             ? 
_diffrn_radiation.pdbx_wavelength                  ? 
_diffrn_radiation.pdbx_diffrn_protocol             'SINGLE WAVELENGTH' 
_diffrn_radiation.pdbx_analyzer                    ? 
_diffrn_radiation.pdbx_scattering_type             x-ray 
# 
_diffrn_radiation_wavelength.id           1 
_diffrn_radiation_wavelength.wavelength   0.9196 
_diffrn_radiation_wavelength.wt           1.0 
# 
_diffrn_source.current                     ? 
_diffrn_source.details                     ? 
_diffrn_source.diffrn_id                   1 
_diffrn_source.power                       ? 
_diffrn_source.size                        ? 
_diffrn_source.source                      SYNCHROTRON 
_diffrn_source.target                      ? 
_diffrn_source.type                        'DIAMOND BEAMLINE I04' 
_diffrn_source.voltage                     ? 
_diffrn_source.take-off_angle              ? 
_diffrn_source.pdbx_wavelength_list        0.9196 
_diffrn_source.pdbx_wavelength             ? 
_diffrn_source.pdbx_synchrotron_beamline   I04 
_diffrn_source.pdbx_synchrotron_site       Diamond 
# 
_reflns.B_iso_Wilson_estimate            ? 
_reflns.entry_id                         6HC5 
_reflns.data_reduction_details           ? 
_reflns.data_reduction_method            ? 
_reflns.d_resolution_high                1.413 
_reflns.d_resolution_low                 27.913 
_reflns.details                          ? 
_reflns.limit_h_max                      ? 
_reflns.limit_h_min                      ? 
_reflns.limit_k_max                      ? 
_reflns.limit_k_min                      ? 
_reflns.limit_l_max                      ? 
_reflns.limit_l_min                      ? 
_reflns.number_all                       ? 
_reflns.number_obs                       28892 
_reflns.observed_criterion               ? 
_reflns.observed_criterion_F_max         ? 
_reflns.observed_criterion_F_min         ? 
_reflns.observed_criterion_I_max         ? 
_reflns.observed_criterion_I_min         ? 
_reflns.observed_criterion_sigma_F       ? 
_reflns.observed_criterion_sigma_I       0.8 
_reflns.percent_possible_obs             98.0 
_reflns.R_free_details                   ? 
_reflns.Rmerge_F_all                     ? 
_reflns.Rmerge_F_obs                     ? 
_reflns.Friedel_coverage                 ? 
_reflns.number_gt                        ? 
_reflns.threshold_expression             ? 
_reflns.pdbx_redundancy                  6.3 
_reflns.pdbx_Rmerge_I_obs                0.047 
_reflns.pdbx_Rmerge_I_all                ? 
_reflns.pdbx_Rsym_value                  ? 
_reflns.pdbx_netI_over_av_sigmaI         ? 
_reflns.pdbx_netI_over_sigmaI            18.1 
_reflns.pdbx_res_netI_over_av_sigmaI_2   ? 
_reflns.pdbx_res_netI_over_sigmaI_2      ? 
_reflns.pdbx_chi_squared                 ? 
_reflns.pdbx_scaling_rejects             ? 
_reflns.pdbx_d_res_high_opt              ? 
_reflns.pdbx_d_res_low_opt               ? 
_reflns.pdbx_d_res_opt_method            ? 
_reflns.phase_calculation_details        ? 
_reflns.pdbx_Rrim_I_all                  ? 
_reflns.pdbx_Rpim_I_all                  0.021 
_reflns.pdbx_d_opt                       ? 
_reflns.pdbx_number_measured_all         ? 
_reflns.pdbx_diffrn_id                   1 
_reflns.pdbx_ordinal                     1 
_reflns.pdbx_CC_half                     1.00 
_reflns.pdbx_R_split                     ? 
# 
_reflns_shell.d_res_high                  1.413 
_reflns_shell.d_res_low                   1.437 
_reflns_shell.meanI_over_sigI_all         ? 
_reflns_shell.meanI_over_sigI_obs         ? 
_reflns_shell.number_measured_all         ? 
_reflns_shell.number_measured_obs         ? 
_reflns_shell.number_possible             ? 
_reflns_shell.number_unique_all           ? 
_reflns_shell.number_unique_obs           775 
_reflns_shell.percent_possible_all        100 
_reflns_shell.percent_possible_obs        ? 
_reflns_shell.Rmerge_F_all                ? 
_reflns_shell.Rmerge_F_obs                ? 
_reflns_shell.Rmerge_I_all                ? 
_reflns_shell.Rmerge_I_obs                1.920 
_reflns_shell.meanI_over_sigI_gt          ? 
_reflns_shell.meanI_over_uI_all           ? 
_reflns_shell.meanI_over_uI_gt            ? 
_reflns_shell.number_measured_gt          ? 
_reflns_shell.number_unique_gt            ? 
_reflns_shell.percent_possible_gt         ? 
_reflns_shell.Rmerge_F_gt                 ? 
_reflns_shell.Rmerge_I_gt                 ? 
_reflns_shell.pdbx_redundancy             6.5 
_reflns_shell.pdbx_Rsym_value             ? 
_reflns_shell.pdbx_chi_squared            ? 
_reflns_shell.pdbx_netI_over_sigmaI_all   ? 
_reflns_shell.pdbx_netI_over_sigmaI_obs   ? 
_reflns_shell.pdbx_Rrim_I_all             ? 
_reflns_shell.pdbx_Rpim_I_all             0.813 
_reflns_shell.pdbx_rejects                ? 
_reflns_shell.pdbx_ordinal                1 
_reflns_shell.pdbx_diffrn_id              1 
_reflns_shell.pdbx_CC_half                0.428 
_reflns_shell.pdbx_R_split                ? 
# 
_refine.aniso_B[1][1]                            ? 
_refine.aniso_B[1][2]                            ? 
_refine.aniso_B[1][3]                            ? 
_refine.aniso_B[2][2]                            ? 
_refine.aniso_B[2][3]                            ? 
_refine.aniso_B[3][3]                            ? 
_refine.B_iso_max                                ? 
_refine.B_iso_mean                               ? 
_refine.B_iso_min                                ? 
_refine.correlation_coeff_Fo_to_Fc               ? 
_refine.correlation_coeff_Fo_to_Fc_free          ? 
_refine.details                                  ? 
_refine.diff_density_max                         ? 
_refine.diff_density_max_esd                     ? 
_refine.diff_density_min                         ? 
_refine.diff_density_min_esd                     ? 
_refine.diff_density_rms                         ? 
_refine.diff_density_rms_esd                     ? 
_refine.entry_id                                 6HC5 
_refine.pdbx_refine_id                           'X-RAY DIFFRACTION' 
_refine.ls_abs_structure_details                 ? 
_refine.ls_abs_structure_Flack                   ? 
_refine.ls_abs_structure_Flack_esd               ? 
_refine.ls_abs_structure_Rogers                  ? 
_refine.ls_abs_structure_Rogers_esd              ? 
_refine.ls_d_res_high                            1.413 
_refine.ls_d_res_low                             27.913 
_refine.ls_extinction_coef                       ? 
_refine.ls_extinction_coef_esd                   ? 
_refine.ls_extinction_expression                 ? 
_refine.ls_extinction_method                     ? 
_refine.ls_goodness_of_fit_all                   ? 
_refine.ls_goodness_of_fit_all_esd               ? 
_refine.ls_goodness_of_fit_obs                   ? 
_refine.ls_goodness_of_fit_obs_esd               ? 
_refine.ls_hydrogen_treatment                    ? 
_refine.ls_matrix_type                           ? 
_refine.ls_number_constraints                    ? 
_refine.ls_number_parameters                     ? 
_refine.ls_number_reflns_all                     ? 
_refine.ls_number_reflns_obs                     28892 
_refine.ls_number_reflns_R_free                  1467 
_refine.ls_number_reflns_R_work                  ? 
_refine.ls_number_restraints                     ? 
_refine.ls_percent_reflns_obs                    97.08 
_refine.ls_percent_reflns_R_free                 5.08 
_refine.ls_R_factor_all                          ? 
_refine.ls_R_factor_obs                          0.1765 
_refine.ls_R_factor_R_free                       0.1989 
_refine.ls_R_factor_R_free_error                 ? 
_refine.ls_R_factor_R_free_error_details         ? 
_refine.ls_R_factor_R_work                       0.1754 
_refine.ls_R_Fsqd_factor_obs                     ? 
_refine.ls_R_I_factor_obs                        ? 
_refine.ls_redundancy_reflns_all                 ? 
_refine.ls_redundancy_reflns_obs                 ? 
_refine.ls_restrained_S_all                      ? 
_refine.ls_restrained_S_obs                      ? 
_refine.ls_shift_over_esd_max                    ? 
_refine.ls_shift_over_esd_mean                   ? 
_refine.ls_structure_factor_coef                 ? 
_refine.ls_weighting_details                     ? 
_refine.ls_weighting_scheme                      ? 
_refine.ls_wR_factor_all                         ? 
_refine.ls_wR_factor_obs                         ? 
_refine.ls_wR_factor_R_free                      ? 
_refine.ls_wR_factor_R_work                      ? 
_refine.occupancy_max                            ? 
_refine.occupancy_min                            ? 
_refine.solvent_model_details                    ? 
_refine.solvent_model_param_bsol                 ? 
_refine.solvent_model_param_ksol                 ? 
_refine.ls_R_factor_gt                           ? 
_refine.ls_goodness_of_fit_gt                    ? 
_refine.ls_goodness_of_fit_ref                   ? 
_refine.ls_shift_over_su_max                     ? 
_refine.ls_shift_over_su_max_lt                  ? 
_refine.ls_shift_over_su_mean                    ? 
_refine.ls_shift_over_su_mean_lt                 ? 
_refine.pdbx_ls_sigma_I                          ? 
_refine.pdbx_ls_sigma_F                          1.34 
_refine.pdbx_ls_sigma_Fsqd                       ? 
_refine.pdbx_data_cutoff_high_absF               ? 
_refine.pdbx_data_cutoff_high_rms_absF           ? 
_refine.pdbx_data_cutoff_low_absF                ? 
_refine.pdbx_isotropic_thermal_model             ? 
_refine.pdbx_ls_cross_valid_method               THROUGHOUT 
_refine.pdbx_method_to_determine_struct          ? 
_refine.pdbx_starting_model                      ? 
_refine.pdbx_stereochemistry_target_values       ? 
_refine.pdbx_R_Free_selection_details            ? 
_refine.pdbx_stereochem_target_val_spec_case     ? 
_refine.pdbx_overall_ESU_R                       ? 
_refine.pdbx_overall_ESU_R_Free                  ? 
_refine.pdbx_solvent_vdw_probe_radii             1.11 
_refine.pdbx_solvent_ion_probe_radii             ? 
_refine.pdbx_solvent_shrinkage_radii             0.90 
_refine.pdbx_real_space_R                        ? 
_refine.pdbx_density_correlation                 ? 
_refine.pdbx_pd_number_of_powder_patterns        ? 
_refine.pdbx_pd_number_of_points                 ? 
_refine.pdbx_pd_meas_number_of_points            ? 
_refine.pdbx_pd_proc_ls_prof_R_factor            ? 
_refine.pdbx_pd_proc_ls_prof_wR_factor           ? 
_refine.pdbx_pd_Marquardt_correlation_coeff      ? 
_refine.pdbx_pd_Fsqrd_R_factor                   ? 
_refine.pdbx_pd_ls_matrix_band_width             ? 
_refine.pdbx_overall_phase_error                 24.10 
_refine.pdbx_overall_SU_R_free_Cruickshank_DPI   ? 
_refine.pdbx_overall_SU_R_free_Blow_DPI          ? 
_refine.pdbx_overall_SU_R_Blow_DPI               ? 
_refine.pdbx_TLS_residual_ADP_flag               ? 
_refine.pdbx_diffrn_id                           1 
_refine.overall_SU_B                             ? 
_refine.overall_SU_ML                            0.24 
_refine.overall_SU_R_Cruickshank_DPI             ? 
_refine.overall_SU_R_free                        ? 
_refine.overall_FOM_free_R_set                   ? 
_refine.overall_FOM_work_R_set                   ? 
_refine.pdbx_average_fsc_overall                 ? 
_refine.pdbx_average_fsc_work                    ? 
_refine.pdbx_average_fsc_free                    ? 
# 
_refine_hist.pdbx_refine_id                   'X-RAY DIFFRACTION' 
_refine_hist.cycle_id                         LAST 
_refine_hist.pdbx_number_atoms_protein        0 
_refine_hist.pdbx_number_atoms_nucleic_acid   375 
_refine_hist.pdbx_number_atoms_ligand         21 
_refine_hist.number_atoms_solvent             45 
_refine_hist.number_atoms_total               441 
_refine_hist.d_res_high                       1.413 
_refine_hist.d_res_low                        27.913 
# 
loop_
_refine_ls_restr.pdbx_refine_id 
_refine_ls_restr.criterion 
_refine_ls_restr.dev_ideal 
_refine_ls_restr.dev_ideal_target 
_refine_ls_restr.number 
_refine_ls_restr.rejects 
_refine_ls_restr.type 
_refine_ls_restr.weight 
_refine_ls_restr.pdbx_restraint_function 
'X-RAY DIFFRACTION' ? 0.012  ? 434 ? f_bond_d           ? ? 
'X-RAY DIFFRACTION' ? 1.801  ? 670 ? f_angle_d          ? ? 
'X-RAY DIFFRACTION' ? 16.631 ? 211 ? f_dihedral_angle_d ? ? 
'X-RAY DIFFRACTION' ? 0.068  ? 87  ? f_chiral_restr     ? ? 
'X-RAY DIFFRACTION' ? 0.015  ? 17  ? f_plane_restr      ? ? 
# 
loop_
_refine_ls_shell.pdbx_refine_id 
_refine_ls_shell.d_res_high 
_refine_ls_shell.d_res_low 
_refine_ls_shell.number_reflns_all 
_refine_ls_shell.number_reflns_obs 
_refine_ls_shell.number_reflns_R_free 
_refine_ls_shell.number_reflns_R_work 
_refine_ls_shell.percent_reflns_obs 
_refine_ls_shell.percent_reflns_R_free 
_refine_ls_shell.R_factor_all 
_refine_ls_shell.R_factor_obs 
_refine_ls_shell.R_factor_R_free 
_refine_ls_shell.R_factor_R_free_error 
_refine_ls_shell.R_factor_R_work 
_refine_ls_shell.redundancy_reflns_all 
_refine_ls_shell.redundancy_reflns_obs 
_refine_ls_shell.wR_factor_all 
_refine_ls_shell.wR_factor_obs 
_refine_ls_shell.wR_factor_R_free 
_refine_ls_shell.wR_factor_R_work 
_refine_ls_shell.pdbx_total_number_of_bins_used 
_refine_ls_shell.pdbx_phase_error 
_refine_ls_shell.pdbx_fsc_work 
_refine_ls_shell.pdbx_fsc_free 
'X-RAY DIFFRACTION' 1.4125 1.4630  . . 174 2733 98.00  . . . 0.4148 . 0.3683 . . . . . . . . . . 
'X-RAY DIFFRACTION' 1.4630 1.5216  . . 125 2865 100.00 . . . 0.3482 . 0.3009 . . . . . . . . . . 
'X-RAY DIFFRACTION' 1.5216 1.5908  . . 172 2750 99.00  . . . 0.3023 . 0.2419 . . . . . . . . . . 
'X-RAY DIFFRACTION' 1.5908 1.6747  . . 131 2800 99.00  . . . 0.2465 . 0.2047 . . . . . . . . . . 
'X-RAY DIFFRACTION' 1.6747 1.7796  . . 104 2864 98.00  . . . 0.1688 . 0.1762 . . . . . . . . . . 
'X-RAY DIFFRACTION' 1.7796 1.9169  . . 159 2792 100.00 . . . 0.2156 . 0.1658 . . . . . . . . . . 
'X-RAY DIFFRACTION' 1.9169 2.1098  . . 155 2490 89.00  . . . 0.2324 . 0.1722 . . . . . . . . . . 
'X-RAY DIFFRACTION' 2.1098 2.4149  . . 148 2605 92.00  . . . 0.1916 . 0.1791 . . . . . . . . . . 
'X-RAY DIFFRACTION' 2.4149 3.0420  . . 179 2754 99.00  . . . 0.1782 . 0.1962 . . . . . . . . . . 
'X-RAY DIFFRACTION' 3.0420 27.9184 . . 120 2772 97.00  . . . 0.1889 . 0.1556 . . . . . . . . . . 
# 
_struct.entry_id                     6HC5 
_struct.title                        'The structure of the G. violaceus guanidine II riboswitch P2 stem-loop with audouine' 
_struct.pdbx_model_details           ? 
_struct.pdbx_formula_weight          ? 
_struct.pdbx_formula_weight_method   ? 
_struct.pdbx_model_type_details      ? 
_struct.pdbx_CASP_flag               N 
# 
_struct_keywords.entry_id        6HC5 
_struct_keywords.text            'guanidine II riboswitch, stem-loop, tetra loop, dimer, RNA' 
_struct_keywords.pdbx_keywords   RNA 
# 
loop_
_struct_asym.id 
_struct_asym.pdbx_blank_PDB_chainid_flag 
_struct_asym.pdbx_modified 
_struct_asym.entity_id 
_struct_asym.details 
A N N 1 ? 
B N N 2 ? 
C N N 3 ? 
D N N 3 ? 
E N N 3 ? 
F N N 4 ? 
G N N 5 ? 
# 
_struct_ref.id                         1 
_struct_ref.db_name                    PDB 
_struct_ref.db_code                    6HC5 
_struct_ref.pdbx_db_accession          6HC5 
_struct_ref.pdbx_db_isoform            ? 
_struct_ref.entity_id                  1 
_struct_ref.pdbx_seq_one_letter_code   ? 
_struct_ref.pdbx_align_begin           1 
# 
_struct_ref_seq.align_id                      1 
_struct_ref_seq.ref_id                        1 
_struct_ref_seq.pdbx_PDB_id_code              6HC5 
_struct_ref_seq.pdbx_strand_id                A 
_struct_ref_seq.seq_align_beg                 1 
_struct_ref_seq.pdbx_seq_align_beg_ins_code   ? 
_struct_ref_seq.seq_align_end                 18 
_struct_ref_seq.pdbx_seq_align_end_ins_code   ? 
_struct_ref_seq.pdbx_db_accession             6HC5 
_struct_ref_seq.db_align_beg                  1 
_struct_ref_seq.pdbx_db_align_beg_ins_code    ? 
_struct_ref_seq.db_align_end                  18 
_struct_ref_seq.pdbx_db_align_end_ins_code    ? 
_struct_ref_seq.pdbx_auth_seq_align_beg       1 
_struct_ref_seq.pdbx_auth_seq_align_end       18 
# 
_pdbx_struct_assembly.id                   1 
_pdbx_struct_assembly.details              author_and_software_defined_assembly 
_pdbx_struct_assembly.method_details       PISA 
_pdbx_struct_assembly.oligomeric_details   monomeric 
_pdbx_struct_assembly.oligomeric_count     1 
# 
_pdbx_struct_assembly_gen.assembly_id       1 
_pdbx_struct_assembly_gen.oper_expression   1 
_pdbx_struct_assembly_gen.asym_id_list      A,B,C,D,E,F,G 
# 
_pdbx_struct_assembly_auth_evidence.id                     1 
_pdbx_struct_assembly_auth_evidence.assembly_id            1 
_pdbx_struct_assembly_auth_evidence.experimental_support   none 
_pdbx_struct_assembly_auth_evidence.details                ? 
# 
_pdbx_struct_oper_list.id                   1 
_pdbx_struct_oper_list.type                 'identity operation' 
_pdbx_struct_oper_list.name                 1_555 
_pdbx_struct_oper_list.symmetry_operation   x,y,z 
_pdbx_struct_oper_list.matrix[1][1]         1.0000000000 
_pdbx_struct_oper_list.matrix[1][2]         0.0000000000 
_pdbx_struct_oper_list.matrix[1][3]         0.0000000000 
_pdbx_struct_oper_list.vector[1]            0.0000000000 
_pdbx_struct_oper_list.matrix[2][1]         0.0000000000 
_pdbx_struct_oper_list.matrix[2][2]         1.0000000000 
_pdbx_struct_oper_list.matrix[2][3]         0.0000000000 
_pdbx_struct_oper_list.vector[2]            0.0000000000 
_pdbx_struct_oper_list.matrix[3][1]         0.0000000000 
_pdbx_struct_oper_list.matrix[3][2]         0.0000000000 
_pdbx_struct_oper_list.matrix[3][3]         1.0000000000 
_pdbx_struct_oper_list.vector[3]            0.0000000000 
# 
loop_
_struct_conn.id 
_struct_conn.conn_type_id 
_struct_conn.pdbx_leaving_atom_flag 
_struct_conn.pdbx_PDB_id 
_struct_conn.ptnr1_label_asym_id 
_struct_conn.ptnr1_label_comp_id 
_struct_conn.ptnr1_label_seq_id 
_struct_conn.ptnr1_label_atom_id 
_struct_conn.pdbx_ptnr1_label_alt_id 
_struct_conn.pdbx_ptnr1_PDB_ins_code 
_struct_conn.pdbx_ptnr1_standard_comp_id 
_struct_conn.ptnr1_symmetry 
_struct_conn.ptnr2_label_asym_id 
_struct_conn.ptnr2_label_comp_id 
_struct_conn.ptnr2_label_seq_id 
_struct_conn.ptnr2_label_atom_id 
_struct_conn.pdbx_ptnr2_label_alt_id 
_struct_conn.pdbx_ptnr2_PDB_ins_code 
_struct_conn.ptnr1_auth_asym_id 
_struct_conn.ptnr1_auth_comp_id 
_struct_conn.ptnr1_auth_seq_id 
_struct_conn.ptnr2_auth_asym_id 
_struct_conn.ptnr2_auth_comp_id 
_struct_conn.ptnr2_auth_seq_id 
_struct_conn.ptnr2_symmetry 
_struct_conn.pdbx_ptnr3_label_atom_id 
_struct_conn.pdbx_ptnr3_label_seq_id 
_struct_conn.pdbx_ptnr3_label_comp_id 
_struct_conn.pdbx_ptnr3_label_asym_id 
_struct_conn.pdbx_ptnr3_label_alt_id 
_struct_conn.pdbx_ptnr3_PDB_ins_code 
_struct_conn.details 
_struct_conn.pdbx_dist_value 
_struct_conn.pdbx_value_order 
_struct_conn.pdbx_role 
covale1  covale both ? A A   16 "O3'" ? ? ? 1_555 A CBV 17 P  ? ? A A   16  A CBV 17  1_555 ? ? ? ? ? ? ?            1.622 ? ? 
covale2  covale one  ? A CBV 17 "O3'" ? ? ? 1_555 A C   18 P  ? ? A CBV 17  A C   18  1_555 ? ? ? ? ? ? ?            1.600 ? ? 
metalc1  metalc ?    ? D NA  .  NA    ? ? ? 1_555 G HOH .  O  ? ? A NA  103 A HOH 216 1_555 ? ? ? ? ? ? ?            3.097 ? ? 
metalc2  metalc ?    ? D NA  .  NA    ? ? ? 1_555 G HOH .  O  ? ? A NA  103 A HOH 230 1_555 ? ? ? ? ? ? ?            2.951 ? ? 
hydrog1  hydrog ?    ? A G   1  N1    ? ? ? 1_555 A C   18 N3 ? ? A G   1   A C   18  1_555 ? ? ? ? ? ? WATSON-CRICK ?     ? ? 
hydrog2  hydrog ?    ? A G   1  N2    ? ? ? 1_555 A C   18 O2 ? ? A G   1   A C   18  1_555 ? ? ? ? ? ? WATSON-CRICK ?     ? ? 
hydrog3  hydrog ?    ? A G   1  O6    ? ? ? 1_555 A C   18 N4 ? ? A G   1   A C   18  1_555 ? ? ? ? ? ? WATSON-CRICK ?     ? ? 
hydrog4  hydrog ?    ? A G   2  N1    ? ? ? 1_555 A CBV 17 N3 ? ? A G   2   A CBV 17  1_555 ? ? ? ? ? ? WATSON-CRICK ?     ? ? 
hydrog5  hydrog ?    ? A G   2  N2    ? ? ? 1_555 A CBV 17 O2 ? ? A G   2   A CBV 17  1_555 ? ? ? ? ? ? WATSON-CRICK ?     ? ? 
hydrog6  hydrog ?    ? A G   2  O6    ? ? ? 1_555 A CBV 17 N4 ? ? A G   2   A CBV 17  1_555 ? ? ? ? ? ? WATSON-CRICK ?     ? ? 
hydrog7  hydrog ?    ? A U   3  N3    ? ? ? 1_555 A A   16 N1 ? ? A U   3   A A   16  1_555 ? ? ? ? ? ? WATSON-CRICK ?     ? ? 
hydrog8  hydrog ?    ? A U   3  O4    ? ? ? 1_555 A A   16 N6 ? ? A U   3   A A   16  1_555 ? ? ? ? ? ? WATSON-CRICK ?     ? ? 
hydrog9  hydrog ?    ? A G   4  N1    ? ? ? 1_555 A C   15 N3 ? ? A G   4   A C   15  1_555 ? ? ? ? ? ? WATSON-CRICK ?     ? ? 
hydrog10 hydrog ?    ? A G   4  N2    ? ? ? 1_555 A C   15 O2 ? ? A G   4   A C   15  1_555 ? ? ? ? ? ? WATSON-CRICK ?     ? ? 
hydrog11 hydrog ?    ? A G   4  O6    ? ? ? 1_555 A C   15 N4 ? ? A G   4   A C   15  1_555 ? ? ? ? ? ? WATSON-CRICK ?     ? ? 
hydrog12 hydrog ?    ? A G   5  N1    ? ? ? 1_555 A C   14 N3 ? ? A G   5   A C   14  1_555 ? ? ? ? ? ? WATSON-CRICK ?     ? ? 
hydrog13 hydrog ?    ? A G   5  N2    ? ? ? 1_555 A C   14 O2 ? ? A G   5   A C   14  1_555 ? ? ? ? ? ? WATSON-CRICK ?     ? ? 
hydrog14 hydrog ?    ? A G   5  O6    ? ? ? 1_555 A C   14 N4 ? ? A G   5   A C   14  1_555 ? ? ? ? ? ? WATSON-CRICK ?     ? ? 
hydrog15 hydrog ?    ? A G   6  N1    ? ? ? 1_555 A C   13 N3 ? ? A G   6   A C   13  1_555 ? ? ? ? ? ? WATSON-CRICK ?     ? ? 
hydrog16 hydrog ?    ? A G   6  N2    ? ? ? 1_555 A C   13 O2 ? ? A G   6   A C   13  1_555 ? ? ? ? ? ? WATSON-CRICK ?     ? ? 
hydrog17 hydrog ?    ? A G   6  O6    ? ? ? 1_555 A C   13 N4 ? ? A G   6   A C   13  1_555 ? ? ? ? ? ? WATSON-CRICK ?     ? ? 
hydrog18 hydrog ?    ? A G   7  N1    ? ? ? 1_555 A C   12 N3 ? ? A G   7   A C   12  1_555 ? ? ? ? ? ? WATSON-CRICK ?     ? ? 
hydrog19 hydrog ?    ? A G   7  N2    ? ? ? 1_555 A C   12 O2 ? ? A G   7   A C   12  1_555 ? ? ? ? ? ? WATSON-CRICK ?     ? ? 
hydrog20 hydrog ?    ? A G   7  O6    ? ? ? 1_555 A C   12 N4 ? ? A G   7   A C   12  1_555 ? ? ? ? ? ? WATSON-CRICK ?     ? ? 
# 
loop_
_struct_conn_type.id 
_struct_conn_type.criteria 
_struct_conn_type.reference 
covale ? ? 
metalc ? ? 
hydrog ? ? 
# 
_pdbx_struct_conn_angle.id                    1 
_pdbx_struct_conn_angle.ptnr1_label_atom_id   O 
_pdbx_struct_conn_angle.ptnr1_label_alt_id    ? 
_pdbx_struct_conn_angle.ptnr1_label_asym_id   G 
_pdbx_struct_conn_angle.ptnr1_label_comp_id   HOH 
_pdbx_struct_conn_angle.ptnr1_label_seq_id    . 
_pdbx_struct_conn_angle.ptnr1_auth_atom_id    ? 
_pdbx_struct_conn_angle.ptnr1_auth_asym_id    A 
_pdbx_struct_conn_angle.ptnr1_auth_comp_id    HOH 
_pdbx_struct_conn_angle.ptnr1_auth_seq_id     216 
_pdbx_struct_conn_angle.ptnr1_PDB_ins_code    ? 
_pdbx_struct_conn_angle.ptnr1_symmetry        1_555 
_pdbx_struct_conn_angle.ptnr2_label_atom_id   NA 
_pdbx_struct_conn_angle.ptnr2_label_alt_id    ? 
_pdbx_struct_conn_angle.ptnr2_label_asym_id   D 
_pdbx_struct_conn_angle.ptnr2_label_comp_id   NA 
_pdbx_struct_conn_angle.ptnr2_label_seq_id    . 
_pdbx_struct_conn_angle.ptnr2_auth_atom_id    ? 
_pdbx_struct_conn_angle.ptnr2_auth_asym_id    A 
_pdbx_struct_conn_angle.ptnr2_auth_comp_id    NA 
_pdbx_struct_conn_angle.ptnr2_auth_seq_id     103 
_pdbx_struct_conn_angle.ptnr2_PDB_ins_code    ? 
_pdbx_struct_conn_angle.ptnr2_symmetry        1_555 
_pdbx_struct_conn_angle.ptnr3_label_atom_id   O 
_pdbx_struct_conn_angle.ptnr3_label_alt_id    ? 
_pdbx_struct_conn_angle.ptnr3_label_asym_id   G 
_pdbx_struct_conn_angle.ptnr3_label_comp_id   HOH 
_pdbx_struct_conn_angle.ptnr3_label_seq_id    . 
_pdbx_struct_conn_angle.ptnr3_auth_atom_id    ? 
_pdbx_struct_conn_angle.ptnr3_auth_asym_id    A 
_pdbx_struct_conn_angle.ptnr3_auth_comp_id    HOH 
_pdbx_struct_conn_angle.ptnr3_auth_seq_id     230 
_pdbx_struct_conn_angle.ptnr3_PDB_ins_code    ? 
_pdbx_struct_conn_angle.ptnr3_symmetry        1_555 
_pdbx_struct_conn_angle.value                 115.5 
_pdbx_struct_conn_angle.value_esd             ? 
# 
loop_
_struct_site.id 
_struct_site.pdbx_evidence_code 
_struct_site.pdbx_auth_asym_id 
_struct_site.pdbx_auth_comp_id 
_struct_site.pdbx_auth_seq_id 
_struct_site.pdbx_auth_ins_code 
_struct_site.pdbx_num_residues 
_struct_site.details 
AC1 Software A SO4 101 ? 4 'binding site for residue SO4 A 101' 
AC2 Software A NA  102 ? 1 'binding site for residue NA A 102'  
AC3 Software A NA  103 ? 3 'binding site for residue NA A 103'  
AC4 Software A NA  104 ? 2 'binding site for residue NA A 104'  
AC5 Software A FXT 105 ? 8 'binding site for residue FXT A 105' 
# 
loop_
_struct_site_gen.id 
_struct_site_gen.site_id 
_struct_site_gen.pdbx_num_res 
_struct_site_gen.label_comp_id 
_struct_site_gen.label_asym_id 
_struct_site_gen.label_seq_id 
_struct_site_gen.pdbx_auth_ins_code 
_struct_site_gen.auth_comp_id 
_struct_site_gen.auth_asym_id 
_struct_site_gen.auth_seq_id 
_struct_site_gen.label_atom_id 
_struct_site_gen.label_alt_id 
_struct_site_gen.symmetry 
_struct_site_gen.details 
1  AC1 4 G   A 2  ? G   A 2   . ? 1_555 ? 
2  AC1 4 U   A 3  ? U   A 3   . ? 1_555 ? 
3  AC1 4 C   A 15 ? C   A 15  . ? 2_665 ? 
4  AC1 4 HOH G .  ? HOH A 219 . ? 1_555 ? 
5  AC2 1 G   A 2  ? G   A 2   . ? 1_555 ? 
6  AC3 3 G   A 5  ? G   A 5   . ? 1_555 ? 
7  AC3 3 HOH G .  ? HOH A 216 . ? 1_555 ? 
8  AC3 3 HOH G .  ? HOH A 230 . ? 1_555 ? 
9  AC4 2 C   A 14 ? C   A 14  . ? 1_555 ? 
10 AC4 2 C   A 15 ? C   A 15  . ? 1_555 ? 
11 AC5 8 G   A 7  ? G   A 7   . ? 1_555 ? 
12 AC5 8 G   A 7  ? G   A 7   . ? 4_556 ? 
13 AC5 8 A   A 8  ? A   A 8   . ? 1_555 ? 
14 AC5 8 A   A 8  ? A   A 8   . ? 4_556 ? 
15 AC5 8 C   A 9  ? C   A 9   . ? 4_556 ? 
16 AC5 8 C   A 9  ? C   A 9   . ? 1_555 ? 
17 AC5 8 G   A 10 ? G   A 10  . ? 4_556 ? 
18 AC5 8 G   A 10 ? G   A 10  . ? 1_555 ? 
# 
loop_
_pdbx_validate_rmsd_angle.id 
_pdbx_validate_rmsd_angle.PDB_model_num 
_pdbx_validate_rmsd_angle.auth_atom_id_1 
_pdbx_validate_rmsd_angle.auth_asym_id_1 
_pdbx_validate_rmsd_angle.auth_comp_id_1 
_pdbx_validate_rmsd_angle.auth_seq_id_1 
_pdbx_validate_rmsd_angle.PDB_ins_code_1 
_pdbx_validate_rmsd_angle.label_alt_id_1 
_pdbx_validate_rmsd_angle.auth_atom_id_2 
_pdbx_validate_rmsd_angle.auth_asym_id_2 
_pdbx_validate_rmsd_angle.auth_comp_id_2 
_pdbx_validate_rmsd_angle.auth_seq_id_2 
_pdbx_validate_rmsd_angle.PDB_ins_code_2 
_pdbx_validate_rmsd_angle.label_alt_id_2 
_pdbx_validate_rmsd_angle.auth_atom_id_3 
_pdbx_validate_rmsd_angle.auth_asym_id_3 
_pdbx_validate_rmsd_angle.auth_comp_id_3 
_pdbx_validate_rmsd_angle.auth_seq_id_3 
_pdbx_validate_rmsd_angle.PDB_ins_code_3 
_pdbx_validate_rmsd_angle.label_alt_id_3 
_pdbx_validate_rmsd_angle.angle_value 
_pdbx_validate_rmsd_angle.angle_target_value 
_pdbx_validate_rmsd_angle.angle_deviation 
_pdbx_validate_rmsd_angle.angle_standard_deviation 
_pdbx_validate_rmsd_angle.linker_flag 
1 1 "O5'" A G 5 ? ? P A G 5 ? ? OP1 A G 5 ? ? 121.60 110.70 10.90 1.20 N 
2 1 "O5'" A G 5 ? ? P A G 5 ? ? OP2 A G 5 ? ? 95.78  105.70 -9.92 0.90 N 
# 
loop_
_pdbx_struct_special_symmetry.id 
_pdbx_struct_special_symmetry.PDB_model_num 
_pdbx_struct_special_symmetry.auth_asym_id 
_pdbx_struct_special_symmetry.auth_comp_id 
_pdbx_struct_special_symmetry.auth_seq_id 
_pdbx_struct_special_symmetry.PDB_ins_code 
_pdbx_struct_special_symmetry.label_asym_id 
_pdbx_struct_special_symmetry.label_comp_id 
_pdbx_struct_special_symmetry.label_seq_id 
1 1 A FXT 105 ? F FXT . 
2 1 A HOH 218 ? G HOH . 
3 1 A HOH 225 ? G HOH . 
4 1 A HOH 226 ? G HOH . 
5 1 A HOH 227 ? G HOH . 
6 1 A HOH 245 ? G HOH . 
# 
_pdbx_distant_solvent_atoms.id                                1 
_pdbx_distant_solvent_atoms.PDB_model_num                     1 
_pdbx_distant_solvent_atoms.auth_atom_id                      O 
_pdbx_distant_solvent_atoms.label_alt_id                      ? 
_pdbx_distant_solvent_atoms.auth_asym_id                      A 
_pdbx_distant_solvent_atoms.auth_comp_id                      HOH 
_pdbx_distant_solvent_atoms.auth_seq_id                       245 
_pdbx_distant_solvent_atoms.PDB_ins_code                      ? 
_pdbx_distant_solvent_atoms.neighbor_macromolecule_distance   5.88 
_pdbx_distant_solvent_atoms.neighbor_ligand_distance          . 
# 
loop_
_chem_comp_atom.comp_id 
_chem_comp_atom.atom_id 
_chem_comp_atom.type_symbol 
_chem_comp_atom.pdbx_aromatic_flag 
_chem_comp_atom.pdbx_stereo_config 
_chem_comp_atom.pdbx_ordinal 
A   OP3    O  N N 1   
A   P      P  N N 2   
A   OP1    O  N N 3   
A   OP2    O  N N 4   
A   "O5'"  O  N N 5   
A   "C5'"  C  N N 6   
A   "C4'"  C  N R 7   
A   "O4'"  O  N N 8   
A   "C3'"  C  N S 9   
A   "O3'"  O  N N 10  
A   "C2'"  C  N R 11  
A   "O2'"  O  N N 12  
A   "C1'"  C  N R 13  
A   N9     N  Y N 14  
A   C8     C  Y N 15  
A   N7     N  Y N 16  
A   C5     C  Y N 17  
A   C6     C  Y N 18  
A   N6     N  N N 19  
A   N1     N  Y N 20  
A   C2     C  Y N 21  
A   N3     N  Y N 22  
A   C4     C  Y N 23  
A   HOP3   H  N N 24  
A   HOP2   H  N N 25  
A   "H5'"  H  N N 26  
A   "H5''" H  N N 27  
A   "H4'"  H  N N 28  
A   "H3'"  H  N N 29  
A   "HO3'" H  N N 30  
A   "H2'"  H  N N 31  
A   "HO2'" H  N N 32  
A   "H1'"  H  N N 33  
A   H8     H  N N 34  
A   H61    H  N N 35  
A   H62    H  N N 36  
A   H2     H  N N 37  
C   OP3    O  N N 38  
C   P      P  N N 39  
C   OP1    O  N N 40  
C   OP2    O  N N 41  
C   "O5'"  O  N N 42  
C   "C5'"  C  N N 43  
C   "C4'"  C  N R 44  
C   "O4'"  O  N N 45  
C   "C3'"  C  N S 46  
C   "O3'"  O  N N 47  
C   "C2'"  C  N R 48  
C   "O2'"  O  N N 49  
C   "C1'"  C  N R 50  
C   N1     N  N N 51  
C   C2     C  N N 52  
C   O2     O  N N 53  
C   N3     N  N N 54  
C   C4     C  N N 55  
C   N4     N  N N 56  
C   C5     C  N N 57  
C   C6     C  N N 58  
C   HOP3   H  N N 59  
C   HOP2   H  N N 60  
C   "H5'"  H  N N 61  
C   "H5''" H  N N 62  
C   "H4'"  H  N N 63  
C   "H3'"  H  N N 64  
C   "HO3'" H  N N 65  
C   "H2'"  H  N N 66  
C   "HO2'" H  N N 67  
C   "H1'"  H  N N 68  
C   H41    H  N N 69  
C   H42    H  N N 70  
C   H5     H  N N 71  
C   H6     H  N N 72  
CBV O3P    O  N N 73  
CBV P      P  N N 74  
CBV O1P    O  N N 75  
CBV O2P    O  N N 76  
CBV "O5'"  O  N N 77  
CBV "C5'"  C  N N 78  
CBV "C4'"  C  N R 79  
CBV "O4'"  O  N N 80  
CBV "C3'"  C  N S 81  
CBV "O3'"  O  N N 82  
CBV "C2'"  C  N R 83  
CBV "O2'"  O  N N 84  
CBV "C1'"  C  N R 85  
CBV N1     N  N N 86  
CBV C2     C  N N 87  
CBV O2     O  N N 88  
CBV N3     N  N N 89  
CBV C4     C  N N 90  
CBV N4     N  N N 91  
CBV C5     C  N N 92  
CBV C6     C  N N 93  
CBV BR     BR N N 94  
CBV HO3P   H  N N 95  
CBV HO1P   H  N N 96  
CBV "H5'1" H  N N 97  
CBV "H5'2" H  N N 98  
CBV "H4'"  H  N N 99  
CBV "H3'"  H  N N 100 
CBV "HO3'" H  N N 101 
CBV "H2'"  H  N N 102 
CBV "HO2'" H  N N 103 
CBV "H1'"  H  N N 104 
CBV HN41   H  N N 105 
CBV HN42   H  N N 106 
CBV H6     H  N N 107 
FXT CAD    C  N N 108 
FXT CAF    C  N N 109 
FXT CAG    C  N N 110 
FXT CAH    C  N N 111 
FXT CAI    C  N N 112 
FXT CAJ    C  N N 113 
FXT CAL    C  N N 114 
FXT NAA    N  N N 115 
FXT NAB    N  N N 116 
FXT NAC    N  N N 117 
FXT NAE    N  N N 118 
FXT NAK    N  N N 119 
FXT NAM    N  N N 120 
FXT HAG    H  N N 121 
FXT HAF    H  N N 122 
FXT HAH    H  N N 123 
FXT HAI    H  N N 124 
FXT HAK    H  N N 125 
FXT HAJ    H  N N 126 
FXT HAL    H  N N 127 
FXT HAM    H  N N 128 
FXT HAO    H  N N 129 
FXT HAN    H  N N 130 
FXT HAA    H  N N 131 
FXT HAT    H  N N 132 
FXT HAU    H  N N 133 
FXT HAC    H  N N 134 
FXT HAE    H  N N 135 
FXT HAP    H  N N 136 
FXT HAR    H  N N 137 
FXT HAS    H  N N 138 
G   OP3    O  N N 139 
G   P      P  N N 140 
G   OP1    O  N N 141 
G   OP2    O  N N 142 
G   "O5'"  O  N N 143 
G   "C5'"  C  N N 144 
G   "C4'"  C  N R 145 
G   "O4'"  O  N N 146 
G   "C3'"  C  N S 147 
G   "O3'"  O  N N 148 
G   "C2'"  C  N R 149 
G   "O2'"  O  N N 150 
G   "C1'"  C  N R 151 
G   N9     N  Y N 152 
G   C8     C  Y N 153 
G   N7     N  Y N 154 
G   C5     C  Y N 155 
G   C6     C  N N 156 
G   O6     O  N N 157 
G   N1     N  N N 158 
G   C2     C  N N 159 
G   N2     N  N N 160 
G   N3     N  N N 161 
G   C4     C  Y N 162 
G   HOP3   H  N N 163 
G   HOP2   H  N N 164 
G   "H5'"  H  N N 165 
G   "H5''" H  N N 166 
G   "H4'"  H  N N 167 
G   "H3'"  H  N N 168 
G   "HO3'" H  N N 169 
G   "H2'"  H  N N 170 
G   "HO2'" H  N N 171 
G   "H1'"  H  N N 172 
G   H8     H  N N 173 
G   H1     H  N N 174 
G   H21    H  N N 175 
G   H22    H  N N 176 
HOH O      O  N N 177 
HOH H1     H  N N 178 
HOH H2     H  N N 179 
NA  NA     NA N N 180 
SO4 S      S  N N 181 
SO4 O1     O  N N 182 
SO4 O2     O  N N 183 
SO4 O3     O  N N 184 
SO4 O4     O  N N 185 
U   OP3    O  N N 186 
U   P      P  N N 187 
U   OP1    O  N N 188 
U   OP2    O  N N 189 
U   "O5'"  O  N N 190 
U   "C5'"  C  N N 191 
U   "C4'"  C  N R 192 
U   "O4'"  O  N N 193 
U   "C3'"  C  N S 194 
U   "O3'"  O  N N 195 
U   "C2'"  C  N R 196 
U   "O2'"  O  N N 197 
U   "C1'"  C  N R 198 
U   N1     N  N N 199 
U   C2     C  N N 200 
U   O2     O  N N 201 
U   N3     N  N N 202 
U   C4     C  N N 203 
U   O4     O  N N 204 
U   C5     C  N N 205 
U   C6     C  N N 206 
U   HOP3   H  N N 207 
U   HOP2   H  N N 208 
U   "H5'"  H  N N 209 
U   "H5''" H  N N 210 
U   "H4'"  H  N N 211 
U   "H3'"  H  N N 212 
U   "HO3'" H  N N 213 
U   "H2'"  H  N N 214 
U   "HO2'" H  N N 215 
U   "H1'"  H  N N 216 
U   H3     H  N N 217 
U   H5     H  N N 218 
U   H6     H  N N 219 
# 
loop_
_chem_comp_bond.comp_id 
_chem_comp_bond.atom_id_1 
_chem_comp_bond.atom_id_2 
_chem_comp_bond.value_order 
_chem_comp_bond.pdbx_aromatic_flag 
_chem_comp_bond.pdbx_stereo_config 
_chem_comp_bond.pdbx_ordinal 
A   OP3   P      sing N N 1   
A   OP3   HOP3   sing N N 2   
A   P     OP1    doub N N 3   
A   P     OP2    sing N N 4   
A   P     "O5'"  sing N N 5   
A   OP2   HOP2   sing N N 6   
A   "O5'" "C5'"  sing N N 7   
A   "C5'" "C4'"  sing N N 8   
A   "C5'" "H5'"  sing N N 9   
A   "C5'" "H5''" sing N N 10  
A   "C4'" "O4'"  sing N N 11  
A   "C4'" "C3'"  sing N N 12  
A   "C4'" "H4'"  sing N N 13  
A   "O4'" "C1'"  sing N N 14  
A   "C3'" "O3'"  sing N N 15  
A   "C3'" "C2'"  sing N N 16  
A   "C3'" "H3'"  sing N N 17  
A   "O3'" "HO3'" sing N N 18  
A   "C2'" "O2'"  sing N N 19  
A   "C2'" "C1'"  sing N N 20  
A   "C2'" "H2'"  sing N N 21  
A   "O2'" "HO2'" sing N N 22  
A   "C1'" N9     sing N N 23  
A   "C1'" "H1'"  sing N N 24  
A   N9    C8     sing Y N 25  
A   N9    C4     sing Y N 26  
A   C8    N7     doub Y N 27  
A   C8    H8     sing N N 28  
A   N7    C5     sing Y N 29  
A   C5    C6     sing Y N 30  
A   C5    C4     doub Y N 31  
A   C6    N6     sing N N 32  
A   C6    N1     doub Y N 33  
A   N6    H61    sing N N 34  
A   N6    H62    sing N N 35  
A   N1    C2     sing Y N 36  
A   C2    N3     doub Y N 37  
A   C2    H2     sing N N 38  
A   N3    C4     sing Y N 39  
C   OP3   P      sing N N 40  
C   OP3   HOP3   sing N N 41  
C   P     OP1    doub N N 42  
C   P     OP2    sing N N 43  
C   P     "O5'"  sing N N 44  
C   OP2   HOP2   sing N N 45  
C   "O5'" "C5'"  sing N N 46  
C   "C5'" "C4'"  sing N N 47  
C   "C5'" "H5'"  sing N N 48  
C   "C5'" "H5''" sing N N 49  
C   "C4'" "O4'"  sing N N 50  
C   "C4'" "C3'"  sing N N 51  
C   "C4'" "H4'"  sing N N 52  
C   "O4'" "C1'"  sing N N 53  
C   "C3'" "O3'"  sing N N 54  
C   "C3'" "C2'"  sing N N 55  
C   "C3'" "H3'"  sing N N 56  
C   "O3'" "HO3'" sing N N 57  
C   "C2'" "O2'"  sing N N 58  
C   "C2'" "C1'"  sing N N 59  
C   "C2'" "H2'"  sing N N 60  
C   "O2'" "HO2'" sing N N 61  
C   "C1'" N1     sing N N 62  
C   "C1'" "H1'"  sing N N 63  
C   N1    C2     sing N N 64  
C   N1    C6     sing N N 65  
C   C2    O2     doub N N 66  
C   C2    N3     sing N N 67  
C   N3    C4     doub N N 68  
C   C4    N4     sing N N 69  
C   C4    C5     sing N N 70  
C   N4    H41    sing N N 71  
C   N4    H42    sing N N 72  
C   C5    C6     doub N N 73  
C   C5    H5     sing N N 74  
C   C6    H6     sing N N 75  
CBV O3P   P      sing N N 76  
CBV O3P   HO3P   sing N N 77  
CBV P     O1P    sing N N 78  
CBV P     O2P    doub N N 79  
CBV P     "O5'"  sing N N 80  
CBV O1P   HO1P   sing N N 81  
CBV "O5'" "C5'"  sing N N 82  
CBV "C5'" "C4'"  sing N N 83  
CBV "C5'" "H5'1" sing N N 84  
CBV "C5'" "H5'2" sing N N 85  
CBV "C4'" "O4'"  sing N N 86  
CBV "C4'" "C3'"  sing N N 87  
CBV "C4'" "H4'"  sing N N 88  
CBV "O4'" "C1'"  sing N N 89  
CBV "C3'" "O3'"  sing N N 90  
CBV "C3'" "C2'"  sing N N 91  
CBV "C3'" "H3'"  sing N N 92  
CBV "O3'" "HO3'" sing N N 93  
CBV "C2'" "O2'"  sing N N 94  
CBV "C2'" "C1'"  sing N N 95  
CBV "C2'" "H2'"  sing N N 96  
CBV "O2'" "HO2'" sing N N 97  
CBV "C1'" N1     sing N N 98  
CBV "C1'" "H1'"  sing N N 99  
CBV N1    C2     sing N N 100 
CBV N1    C6     sing N N 101 
CBV C2    O2     doub N N 102 
CBV C2    N3     sing N N 103 
CBV N3    C4     doub N N 104 
CBV C4    N4     sing N N 105 
CBV C4    C5     sing N N 106 
CBV N4    HN41   sing N N 107 
CBV N4    HN42   sing N N 108 
CBV C5    C6     doub N N 109 
CBV C5    BR     sing N N 110 
CBV C6    H6     sing N N 111 
FXT CAG   CAF    sing N N 112 
FXT CAG   CAH    sing N N 113 
FXT CAD   NAC    doub N N 114 
FXT CAD   NAE    sing N N 115 
FXT CAD   NAA    sing N N 116 
FXT NAE   CAF    sing N N 117 
FXT NAB   CAL    doub N N 118 
FXT CAH   CAI    sing N N 119 
FXT CAJ   NAK    sing N N 120 
FXT CAJ   CAI    sing N N 121 
FXT CAL   NAK    sing N N 122 
FXT CAL   NAM    sing N N 123 
FXT CAF   HAG    sing N N 124 
FXT CAF   HAF    sing N N 125 
FXT CAG   HAH    sing N N 126 
FXT CAG   HAI    sing N N 127 
FXT CAH   HAK    sing N N 128 
FXT CAH   HAJ    sing N N 129 
FXT CAI   HAL    sing N N 130 
FXT CAI   HAM    sing N N 131 
FXT CAJ   HAO    sing N N 132 
FXT CAJ   HAN    sing N N 133 
FXT NAA   HAA    sing N N 134 
FXT NAA   HAT    sing N N 135 
FXT NAB   HAU    sing N N 136 
FXT NAC   HAC    sing N N 137 
FXT NAE   HAE    sing N N 138 
FXT NAK   HAP    sing N N 139 
FXT NAM   HAR    sing N N 140 
FXT NAM   HAS    sing N N 141 
G   OP3   P      sing N N 142 
G   OP3   HOP3   sing N N 143 
G   P     OP1    doub N N 144 
G   P     OP2    sing N N 145 
G   P     "O5'"  sing N N 146 
G   OP2   HOP2   sing N N 147 
G   "O5'" "C5'"  sing N N 148 
G   "C5'" "C4'"  sing N N 149 
G   "C5'" "H5'"  sing N N 150 
G   "C5'" "H5''" sing N N 151 
G   "C4'" "O4'"  sing N N 152 
G   "C4'" "C3'"  sing N N 153 
G   "C4'" "H4'"  sing N N 154 
G   "O4'" "C1'"  sing N N 155 
G   "C3'" "O3'"  sing N N 156 
G   "C3'" "C2'"  sing N N 157 
G   "C3'" "H3'"  sing N N 158 
G   "O3'" "HO3'" sing N N 159 
G   "C2'" "O2'"  sing N N 160 
G   "C2'" "C1'"  sing N N 161 
G   "C2'" "H2'"  sing N N 162 
G   "O2'" "HO2'" sing N N 163 
G   "C1'" N9     sing N N 164 
G   "C1'" "H1'"  sing N N 165 
G   N9    C8     sing Y N 166 
G   N9    C4     sing Y N 167 
G   C8    N7     doub Y N 168 
G   C8    H8     sing N N 169 
G   N7    C5     sing Y N 170 
G   C5    C6     sing N N 171 
G   C5    C4     doub Y N 172 
G   C6    O6     doub N N 173 
G   C6    N1     sing N N 174 
G   N1    C2     sing N N 175 
G   N1    H1     sing N N 176 
G   C2    N2     sing N N 177 
G   C2    N3     doub N N 178 
G   N2    H21    sing N N 179 
G   N2    H22    sing N N 180 
G   N3    C4     sing N N 181 
HOH O     H1     sing N N 182 
HOH O     H2     sing N N 183 
SO4 S     O1     doub N N 184 
SO4 S     O2     doub N N 185 
SO4 S     O3     sing N N 186 
SO4 S     O4     sing N N 187 
U   OP3   P      sing N N 188 
U   OP3   HOP3   sing N N 189 
U   P     OP1    doub N N 190 
U   P     OP2    sing N N 191 
U   P     "O5'"  sing N N 192 
U   OP2   HOP2   sing N N 193 
U   "O5'" "C5'"  sing N N 194 
U   "C5'" "C4'"  sing N N 195 
U   "C5'" "H5'"  sing N N 196 
U   "C5'" "H5''" sing N N 197 
U   "C4'" "O4'"  sing N N 198 
U   "C4'" "C3'"  sing N N 199 
U   "C4'" "H4'"  sing N N 200 
U   "O4'" "C1'"  sing N N 201 
U   "C3'" "O3'"  sing N N 202 
U   "C3'" "C2'"  sing N N 203 
U   "C3'" "H3'"  sing N N 204 
U   "O3'" "HO3'" sing N N 205 
U   "C2'" "O2'"  sing N N 206 
U   "C2'" "C1'"  sing N N 207 
U   "C2'" "H2'"  sing N N 208 
U   "O2'" "HO2'" sing N N 209 
U   "C1'" N1     sing N N 210 
U   "C1'" "H1'"  sing N N 211 
U   N1    C2     sing N N 212 
U   N1    C6     sing N N 213 
U   C2    O2     doub N N 214 
U   C2    N3     sing N N 215 
U   N3    C4     sing N N 216 
U   N3    H3     sing N N 217 
U   C4    O4     doub N N 218 
U   C4    C5     sing N N 219 
U   C5    C6     doub N N 220 
U   C5    H5     sing N N 221 
U   C6    H6     sing N N 222 
# 
loop_
_ndb_struct_conf_na.entry_id 
_ndb_struct_conf_na.feature 
6HC5 'a-form double helix'  
6HC5 'hairpin loop'         
6HC5 'mismatched base pair' 
# 
loop_
_ndb_struct_na_base_pair.model_number 
_ndb_struct_na_base_pair.i_label_asym_id 
_ndb_struct_na_base_pair.i_label_comp_id 
_ndb_struct_na_base_pair.i_label_seq_id 
_ndb_struct_na_base_pair.i_symmetry 
_ndb_struct_na_base_pair.j_label_asym_id 
_ndb_struct_na_base_pair.j_label_comp_id 
_ndb_struct_na_base_pair.j_label_seq_id 
_ndb_struct_na_base_pair.j_symmetry 
_ndb_struct_na_base_pair.shear 
_ndb_struct_na_base_pair.stretch 
_ndb_struct_na_base_pair.stagger 
_ndb_struct_na_base_pair.buckle 
_ndb_struct_na_base_pair.propeller 
_ndb_struct_na_base_pair.opening 
_ndb_struct_na_base_pair.pair_number 
_ndb_struct_na_base_pair.pair_name 
_ndb_struct_na_base_pair.i_auth_asym_id 
_ndb_struct_na_base_pair.i_auth_seq_id 
_ndb_struct_na_base_pair.i_PDB_ins_code 
_ndb_struct_na_base_pair.j_auth_asym_id 
_ndb_struct_na_base_pair.j_auth_seq_id 
_ndb_struct_na_base_pair.j_PDB_ins_code 
_ndb_struct_na_base_pair.hbond_type_28 
_ndb_struct_na_base_pair.hbond_type_12 
1 A G 1 1_555 A C   18 1_555 -0.186 -0.126 -0.018 -5.104  -0.943  -2.060 1 A_G1:C18_A   A 1 ? A 18 ? 19 1 
1 A G 2 1_555 A CBV 17 1_555 -0.206 -0.208 0.043  -3.192  -10.704 0.859  2 A_G2:CBV17_A A 2 ? A 17 ? 19 1 
1 A U 3 1_555 A A   16 1_555 0.024  -0.091 0.084  -2.613  -11.804 3.611  3 A_U3:A16_A   A 3 ? A 16 ? 20 1 
1 A G 4 1_555 A C   15 1_555 -0.301 -0.069 -0.232 -6.477  -8.788  1.122  4 A_G4:C15_A   A 4 ? A 15 ? 19 1 
1 A G 5 1_555 A C   14 1_555 -0.151 -0.080 -0.267 -10.513 -8.933  -2.291 5 A_G5:C14_A   A 5 ? A 14 ? 19 1 
1 A G 6 1_555 A C   13 1_555 -0.199 -0.054 -0.076 -7.747  -5.395  -0.685 6 A_G6:C13_A   A 6 ? A 13 ? 19 1 
1 A G 7 1_555 A C   12 1_555 -0.192 -0.117 -0.199 -0.861  3.473   -3.130 7 A_G7:C12_A   A 7 ? A 12 ? 19 1 
# 
loop_
_ndb_struct_na_base_pair_step.model_number 
_ndb_struct_na_base_pair_step.i_label_asym_id_1 
_ndb_struct_na_base_pair_step.i_label_comp_id_1 
_ndb_struct_na_base_pair_step.i_label_seq_id_1 
_ndb_struct_na_base_pair_step.i_symmetry_1 
_ndb_struct_na_base_pair_step.j_label_asym_id_1 
_ndb_struct_na_base_pair_step.j_label_comp_id_1 
_ndb_struct_na_base_pair_step.j_label_seq_id_1 
_ndb_struct_na_base_pair_step.j_symmetry_1 
_ndb_struct_na_base_pair_step.i_label_asym_id_2 
_ndb_struct_na_base_pair_step.i_label_comp_id_2 
_ndb_struct_na_base_pair_step.i_label_seq_id_2 
_ndb_struct_na_base_pair_step.i_symmetry_2 
_ndb_struct_na_base_pair_step.j_label_asym_id_2 
_ndb_struct_na_base_pair_step.j_label_comp_id_2 
_ndb_struct_na_base_pair_step.j_label_seq_id_2 
_ndb_struct_na_base_pair_step.j_symmetry_2 
_ndb_struct_na_base_pair_step.shift 
_ndb_struct_na_base_pair_step.slide 
_ndb_struct_na_base_pair_step.rise 
_ndb_struct_na_base_pair_step.tilt 
_ndb_struct_na_base_pair_step.roll 
_ndb_struct_na_base_pair_step.twist 
_ndb_struct_na_base_pair_step.x_displacement 
_ndb_struct_na_base_pair_step.y_displacement 
_ndb_struct_na_base_pair_step.helical_rise 
_ndb_struct_na_base_pair_step.inclination 
_ndb_struct_na_base_pair_step.tip 
_ndb_struct_na_base_pair_step.helical_twist 
_ndb_struct_na_base_pair_step.step_number 
_ndb_struct_na_base_pair_step.step_name 
_ndb_struct_na_base_pair_step.i_auth_asym_id_1 
_ndb_struct_na_base_pair_step.i_auth_seq_id_1 
_ndb_struct_na_base_pair_step.i_PDB_ins_code_1 
_ndb_struct_na_base_pair_step.j_auth_asym_id_1 
_ndb_struct_na_base_pair_step.j_auth_seq_id_1 
_ndb_struct_na_base_pair_step.j_PDB_ins_code_1 
_ndb_struct_na_base_pair_step.i_auth_asym_id_2 
_ndb_struct_na_base_pair_step.i_auth_seq_id_2 
_ndb_struct_na_base_pair_step.i_PDB_ins_code_2 
_ndb_struct_na_base_pair_step.j_auth_asym_id_2 
_ndb_struct_na_base_pair_step.j_auth_seq_id_2 
_ndb_struct_na_base_pair_step.j_PDB_ins_code_2 
1 A G 1 1_555 A C   18 1_555 A G 2 1_555 A CBV 17 1_555 0.383  -2.068 3.230 1.521 2.724  29.122 -4.657 -0.442 3.044 5.397  -3.014 
29.285 1 AA_G1G2:CBV17C18_AA A 1 ? A 18 ? A 2 ? A 17 ? 
1 A G 2 1_555 A CBV 17 1_555 A U 3 1_555 A A   16 1_555 0.311  -1.798 3.288 0.142 2.582  32.570 -3.637 -0.529 3.141 4.594  -0.253 
32.670 2 AA_G2U3:A16CBV17_AA A 2 ? A 17 ? A 3 ? A 16 ? 
1 A U 3 1_555 A A   16 1_555 A G 4 1_555 A C   15 1_555 -0.480 -1.622 3.327 1.385 11.276 31.074 -4.631 1.063  2.575 20.220 -2.484 
33.038 3 AA_U3G4:C15A16_AA   A 3 ? A 16 ? A 4 ? A 15 ? 
1 A G 4 1_555 A C   15 1_555 A G 5 1_555 A C   14 1_555 0.346  -2.025 3.368 1.764 8.503  28.248 -5.682 -0.325 2.675 16.923 -3.511 
29.526 4 AA_G4G5:C14C15_AA   A 4 ? A 15 ? A 5 ? A 14 ? 
1 A G 5 1_555 A C   14 1_555 A G 6 1_555 A C   13 1_555 0.465  -1.906 3.248 0.858 4.006  30.381 -4.363 -0.719 2.990 7.601  -1.627 
30.650 5 AA_G5G6:C13C14_AA   A 5 ? A 14 ? A 6 ? A 13 ? 
1 A G 6 1_555 A C   13 1_555 A G 7 1_555 A C   12 1_555 -0.269 -2.223 3.168 1.382 2.054  28.288 -4.977 0.848  2.986 4.192  -2.821 
28.394 6 AA_G6G7:C12C13_AA   A 6 ? A 13 ? A 7 ? A 12 ? 
# 
_pdbx_audit_support.funding_organization   'Cancer Research UK' 
_pdbx_audit_support.country                'United Kingdom' 
_pdbx_audit_support.grant_number           A18604 
_pdbx_audit_support.ordinal                1 
# 
_atom_sites.entry_id                    6HC5 
_atom_sites.fract_transf_matrix[1][1]   0.00052037 
_atom_sites.fract_transf_matrix[1][2]   0.02019579 
_atom_sites.fract_transf_matrix[1][3]   -0.00443753 
_atom_sites.fract_transf_matrix[2][1]   0.01638677 
_atom_sites.fract_transf_matrix[2][2]   0.00803022 
_atom_sites.fract_transf_matrix[2][3]   -0.00973741 
_atom_sites.fract_transf_matrix[3][1]   -0.00325854 
_atom_sites.fract_transf_matrix[3][2]   -0.00136902 
_atom_sites.fract_transf_matrix[3][3]   -0.00661269 
_atom_sites.fract_transf_vector[1]      0.553743 
_atom_sites.fract_transf_vector[2]      0.735219 
_atom_sites.fract_transf_vector[3]      0.425558 
# 
loop_
_atom_type.symbol 
BR 
C  
H  
N  
NA 
O  
P  
S  
# 
loop_
_atom_site.group_PDB 
_atom_site.id 
_atom_site.type_symbol 
_atom_site.label_atom_id 
_atom_site.label_alt_id 
_atom_site.label_comp_id 
_atom_site.label_asym_id 
_atom_site.label_entity_id 
_atom_site.label_seq_id 
_atom_site.pdbx_PDB_ins_code 
_atom_site.Cartn_x 
_atom_site.Cartn_y 
_atom_site.Cartn_z 
_atom_site.occupancy 
_atom_site.B_iso_or_equiv 
_atom_site.pdbx_formal_charge 
_atom_site.auth_seq_id 
_atom_site.auth_comp_id 
_atom_site.auth_asym_id 
_atom_site.auth_atom_id 
_atom_site.pdbx_PDB_model_num 
ATOM   1   O  "O5'"  . G   A 1 1  ? 7.534   11.391  3.282   1.00 39.53  ? 1   G   A "O5'"  1 
ATOM   2   C  "C5'"  . G   A 1 1  ? 8.567   12.035  2.549   1.00 38.57  ? 1   G   A "C5'"  1 
ATOM   3   C  "C4'"  . G   A 1 1  ? 9.815   11.201  2.517   1.00 35.25  ? 1   G   A "C4'"  1 
ATOM   4   O  "O4'"  . G   A 1 1  ? 10.287  10.949  3.872   1.00 34.75  ? 1   G   A "O4'"  1 
ATOM   5   C  "C3'"  . G   A 1 1  ? 9.645   9.815   1.956   1.00 34.86  ? 1   G   A "C3'"  1 
ATOM   6   O  "O3'"  . G   A 1 1  ? 9.632   9.847   0.550   1.00 36.85  ? 1   G   A "O3'"  1 
ATOM   7   C  "C2'"  . G   A 1 1  ? 10.865  9.106   2.534   1.00 33.85  ? 1   G   A "C2'"  1 
ATOM   8   O  "O2'"  . G   A 1 1  ? 12.054  9.540   1.886   1.00 35.82  ? 1   G   A "O2'"  1 
ATOM   9   C  "C1'"  . G   A 1 1  ? 10.856  9.666   3.951   1.00 32.26  ? 1   G   A "C1'"  1 
ATOM   10  N  N9     . G   A 1 1  ? 9.983   8.821   4.785   1.00 31.76  ? 1   G   A N9     1 
ATOM   11  C  C8     . G   A 1 1  ? 8.749   9.136   5.280   1.00 31.73  ? 1   G   A C8     1 
ATOM   12  N  N7     . G   A 1 1  ? 8.206   8.179   5.999   1.00 31.90  ? 1   G   A N7     1 
ATOM   13  C  C5     . G   A 1 1  ? 9.148   7.157   5.942   1.00 31.60  ? 1   G   A C5     1 
ATOM   14  C  C6     . G   A 1 1  ? 9.130   5.823   6.475   1.00 32.62  ? 1   G   A C6     1 
ATOM   15  O  O6     . G   A 1 1  ? 8.241   5.280   7.136   1.00 32.67  ? 1   G   A O6     1 
ATOM   16  N  N1     . G   A 1 1  ? 10.309  5.129   6.192   1.00 31.03  ? 1   G   A N1     1 
ATOM   17  C  C2     . G   A 1 1  ? 11.330  5.599   5.463   1.00 31.12  ? 1   G   A C2     1 
ATOM   18  N  N2     . G   A 1 1  ? 12.352  4.758   5.297   1.00 30.98  ? 1   G   A N2     1 
ATOM   19  N  N3     . G   A 1 1  ? 11.347  6.829   4.946   1.00 30.98  ? 1   G   A N3     1 
ATOM   20  C  C4     . G   A 1 1  ? 10.237  7.527   5.203   1.00 32.08  ? 1   G   A C4     1 
ATOM   21  P  P      . G   A 1 2  ? 8.903   8.707   -0.310  1.00 39.17  ? 2   G   A P      1 
ATOM   22  O  OP1    . G   A 1 2  ? 9.101   9.182   -1.700  1.00 42.05  ? 2   G   A OP1    1 
ATOM   23  O  OP2    . G   A 1 2  ? 7.537   8.421   0.245   1.00 41.86  ? 2   G   A OP2    1 
ATOM   24  O  "O5'"  . G   A 1 2  ? 9.762   7.396   -0.094  1.00 38.21  ? 2   G   A "O5'"  1 
ATOM   25  C  "C5'"  . G   A 1 2  ? 11.084  7.304   -0.579  1.00 38.89  ? 2   G   A "C5'"  1 
ATOM   26  C  "C4'"  . G   A 1 2  ? 11.714  6.059   -0.041  1.00 37.62  ? 2   G   A "C4'"  1 
ATOM   27  O  "O4'"  . G   A 1 2  ? 11.604  6.050   1.403   1.00 36.27  ? 2   G   A "O4'"  1 
ATOM   28  C  "C3'"  . G   A 1 2  ? 11.045  4.756   -0.436  1.00 35.83  ? 2   G   A "C3'"  1 
ATOM   29  O  "O3'"  . G   A 1 2  ? 11.396  4.386   -1.749  1.00 36.09  ? 2   G   A "O3'"  1 
ATOM   30  C  "C2'"  . G   A 1 2  ? 11.561  3.805   0.647   1.00 35.69  ? 2   G   A "C2'"  1 
ATOM   31  O  "O2'"  . G   A 1 2  ? 12.928  3.516   0.413   1.00 36.12  ? 2   G   A "O2'"  1 
ATOM   32  C  "C1'"  . G   A 1 2  ? 11.505  4.708   1.871   1.00 34.94  ? 2   G   A "C1'"  1 
ATOM   33  N  N9     . G   A 1 2  ? 10.213  4.536   2.559   1.00 33.34  ? 2   G   A N9     1 
ATOM   34  C  C8     . G   A 1 2  ? 9.151   5.404   2.583   1.00 34.23  ? 2   G   A C8     1 
ATOM   35  N  N7     . G   A 1 2  ? 8.160   4.920   3.324   1.00 34.19  ? 2   G   A N7     1 
ATOM   36  C  C5     . G   A 1 2  ? 8.582   3.680   3.758   1.00 33.19  ? 2   G   A C5     1 
ATOM   37  C  C6     . G   A 1 2  ? 7.927   2.692   4.564   1.00 32.44  ? 2   G   A C6     1 
ATOM   38  O  O6     . G   A 1 2  ? 6.807   2.787   5.053   1.00 32.87  ? 2   G   A O6     1 
ATOM   39  N  N1     . G   A 1 2  ? 8.727   1.555   4.777   1.00 32.74  ? 2   G   A N1     1 
ATOM   40  C  C2     . G   A 1 2  ? 9.989   1.421   4.264   1.00 33.12  ? 2   G   A C2     1 
ATOM   41  N  N2     . G   A 1 2  ? 10.614  0.261   4.556   1.00 33.18  ? 2   G   A N2     1 
ATOM   42  N  N3     . G   A 1 2  ? 10.602  2.346   3.511   1.00 31.70  ? 2   G   A N3     1 
ATOM   43  C  C4     . G   A 1 2  ? 9.845   3.444   3.301   1.00 32.38  ? 2   G   A C4     1 
ATOM   44  P  P      . U   A 1 3  ? 10.437  3.429   -2.627  1.00 35.90  ? 3   U   A P      1 
ATOM   45  O  OP1    . U   A 1 3  ? 11.043  3.379   -3.985  1.00 36.91  ? 3   U   A OP1    1 
ATOM   46  O  OP2    . U   A 1 3  ? 9.016   3.833   -2.447  1.00 40.15  ? 3   U   A OP2    1 
ATOM   47  O  "O5'"  . U   A 1 3  ? 10.519  2.024   -1.885  1.00 34.64  ? 3   U   A "O5'"  1 
ATOM   48  C  "C5'"  . U   A 1 3  ? 11.744  1.304   -1.796  1.00 33.74  ? 3   U   A "C5'"  1 
ATOM   49  C  "C4'"  . U   A 1 3  ? 11.569  0.087   -0.940  1.00 32.20  ? 3   U   A "C4'"  1 
ATOM   50  O  "O4'"  . U   A 1 3  ? 11.140  0.488   0.383   1.00 31.41  ? 3   U   A "O4'"  1 
ATOM   51  C  "C3'"  . U   A 1 3  ? 10.494  -0.889  -1.370  1.00 31.46  ? 3   U   A "C3'"  1 
ATOM   52  O  "O3'"  . U   A 1 3  ? 10.923  -1.698  -2.437  1.00 32.86  ? 3   U   A "O3'"  1 
ATOM   53  C  "C2'"  . U   A 1 3  ? 10.218  -1.655  -0.093  1.00 32.01  ? 3   U   A "C2'"  1 
ATOM   54  O  "O2'"  . U   A 1 3  ? 11.275  -2.595  0.166   1.00 33.19  ? 3   U   A "O2'"  1 
ATOM   55  C  "C1'"  . U   A 1 3  ? 10.307  -0.518  0.938   1.00 30.10  ? 3   U   A "C1'"  1 
ATOM   56  N  N1     . U   A 1 3  ? 8.990   0.083   1.236   1.00 29.86  ? 3   U   A N1     1 
ATOM   57  C  C2     . U   A 1 3  ? 8.179   -0.626  2.074   1.00 30.08  ? 3   U   A C2     1 
ATOM   58  O  O2     . U   A 1 3  ? 8.520   -1.718  2.529   1.00 33.02  ? 3   U   A O2     1 
ATOM   59  N  N3     . U   A 1 3  ? 6.984   -0.020  2.391   1.00 30.48  ? 3   U   A N3     1 
ATOM   60  C  C4     . U   A 1 3  ? 6.537   1.194   1.931   1.00 30.56  ? 3   U   A C4     1 
ATOM   61  O  O4     . U   A 1 3  ? 5.441   1.602   2.287   1.00 32.31  ? 3   U   A O4     1 
ATOM   62  C  C5     . U   A 1 3  ? 7.419   1.894   1.034   1.00 28.97  ? 3   U   A C5     1 
ATOM   63  C  C6     . U   A 1 3  ? 8.605   1.318   0.739   1.00 30.44  ? 3   U   A C6     1 
ATOM   64  P  P      . G   A 1 4  ? 9.839   -2.289  -3.462  1.00 36.02  ? 4   G   A P      1 
ATOM   65  O  OP1    . G   A 1 4  ? 10.618  -2.995  -4.568  1.00 39.34  ? 4   G   A OP1    1 
ATOM   66  O  OP2    . G   A 1 4  ? 8.951   -1.153  -3.833  1.00 39.06  ? 4   G   A OP2    1 
ATOM   67  O  "O5'"  . G   A 1 4  ? 9.002   -3.350  -2.623  1.00 32.77  ? 4   G   A "O5'"  1 
ATOM   68  C  "C5'"  . G   A 1 4  ? 9.636   -4.577  -2.306  1.00 33.30  ? 4   G   A "C5'"  1 
ATOM   69  C  "C4'"  . G   A 1 4  ? 8.714   -5.517  -1.594  1.00 35.40  ? 4   G   A "C4'"  1 
ATOM   70  O  "O4'"  . G   A 1 4  ? 8.448   -4.976  -0.302  1.00 34.59  ? 4   G   A "O4'"  1 
ATOM   71  C  "C3'"  . G   A 1 4  ? 7.334   -5.748  -2.175  1.00 35.53  ? 4   G   A "C3'"  1 
ATOM   72  O  "O3'"  . G   A 1 4  ? 7.348   -6.740  -3.195  1.00 41.83  ? 4   G   A "O3'"  1 
ATOM   73  C  "C2'"  . G   A 1 4  ? 6.580   -6.246  -0.975  1.00 35.41  ? 4   G   A "C2'"  1 
ATOM   74  O  "O2'"  . G   A 1 4  ? 6.963   -7.580  -0.676  1.00 36.16  ? 4   G   A "O2'"  1 
ATOM   75  C  "C1'"  . G   A 1 4  ? 7.169   -5.360  0.121   1.00 34.77  ? 4   G   A "C1'"  1 
ATOM   76  N  N9     . G   A 1 4  ? 6.361   -4.154  0.270   1.00 32.93  ? 4   G   A N9     1 
ATOM   77  C  C8     . G   A 1 4  ? 6.567   -2.942  -0.313  1.00 32.49  ? 4   G   A C8     1 
ATOM   78  N  N7     . G   A 1 4  ? 5.639   -2.060  0.011   1.00 28.81  ? 4   G   A N7     1 
ATOM   79  C  C5     . G   A 1 4  ? 4.755   -2.732  0.864   1.00 29.94  ? 4   G   A C5     1 
ATOM   80  C  C6     . G   A 1 4  ? 3.545   -2.303  1.488   1.00 35.30  ? 4   G   A C6     1 
ATOM   81  O  O6     . G   A 1 4  ? 3.047   -1.150  1.445   1.00 34.22  ? 4   G   A O6     1 
ATOM   82  N  N1     . G   A 1 4  ? 2.970   -3.330  2.250   1.00 32.61  ? 4   G   A N1     1 
ATOM   83  C  C2     . G   A 1 4  ? 3.487   -4.616  2.335   1.00 34.95  ? 4   G   A C2     1 
ATOM   84  N  N2     . G   A 1 4  ? 2.776   -5.471  3.096   1.00 34.94  ? 4   G   A N2     1 
ATOM   85  N  N3     . G   A 1 4  ? 4.606   -5.039  1.743   1.00 38.20  ? 4   G   A N3     1 
ATOM   86  C  C4     . G   A 1 4  ? 5.182   -4.057  1.011   1.00 35.17  ? 4   G   A C4     1 
ATOM   87  P  P      . G   A 1 5  ? 6.222   -6.657  -4.331  1.00 41.29  ? 5   G   A P      1 
ATOM   88  O  OP1    . G   A 1 5  ? 6.647   -7.547  -5.469  1.00 46.46  ? 5   G   A OP1    1 
ATOM   89  O  OP2    . G   A 1 5  ? 6.005   -5.234  -4.645  1.00 42.74  ? 5   G   A OP2    1 
ATOM   90  O  "O5'"  . G   A 1 5  ? 4.807   -6.874  -3.564  1.00 42.37  ? 5   G   A "O5'"  1 
ATOM   91  C  "C5'"  . G   A 1 5  ? 4.334   -8.141  -3.146  1.00 41.26  ? 5   G   A "C5'"  1 
ATOM   92  C  "C4'"  . G   A 1 5  ? 3.120   -8.108  -2.208  1.00 33.93  ? 5   G   A "C4'"  1 
ATOM   93  O  "O4'"  . G   A 1 5  ? 3.297   -7.229  -1.077  1.00 36.07  ? 5   G   A "O4'"  1 
ATOM   94  C  "C3'"  . G   A 1 5  ? 1.747   -7.713  -2.730  1.00 31.43  ? 5   G   A "C3'"  1 
ATOM   95  O  "O3'"  . G   A 1 5  ? 1.190   -8.724  -3.530  1.00 30.32  ? 5   G   A "O3'"  1 
ATOM   96  C  "C2'"  . G   A 1 5  ? 0.974   -7.559  -1.427  1.00 33.62  ? 5   G   A "C2'"  1 
ATOM   97  O  "O2'"  . G   A 1 5  ? 0.685   -8.840  -0.878  1.00 34.84  ? 5   G   A "O2'"  1 
ATOM   98  C  "C1'"  . G   A 1 5  ? 2.030   -6.881  -0.541  1.00 32.88  ? 5   G   A "C1'"  1 
ATOM   99  N  N9     . G   A 1 5  ? 1.877   -5.414  -0.650  1.00 34.20  ? 5   G   A N9     1 
ATOM   100 C  C8     . G   A 1 5  ? 2.631   -4.513  -1.364  1.00 35.94  ? 5   G   A C8     1 
ATOM   101 N  N7     . G   A 1 5  ? 2.194   -3.280  -1.292  1.00 36.70  ? 5   G   A N7     1 
ATOM   102 C  C5     . G   A 1 5  ? 1.038   -3.388  -0.501  1.00 34.00  ? 5   G   A C5     1 
ATOM   103 C  C6     . G   A 1 5  ? 0.081   -2.413  -0.066  1.00 36.04  ? 5   G   A C6     1 
ATOM   104 O  O6     . G   A 1 5  ? 0.094   -1.225  -0.333  1.00 37.85  ? 5   G   A O6     1 
ATOM   105 N  N1     . G   A 1 5  ? -0.929  -2.932  0.717   1.00 36.05  ? 5   G   A N1     1 
ATOM   106 C  C2     . G   A 1 5  ? -1.061  -4.251  1.066   1.00 37.44  ? 5   G   A C2     1 
ATOM   107 N  N2     . G   A 1 5  ? -2.132  -4.573  1.818   1.00 35.07  ? 5   G   A N2     1 
ATOM   108 N  N3     . G   A 1 5  ? -0.184  -5.176  0.662   1.00 33.42  ? 5   G   A N3     1 
ATOM   109 C  C4     . G   A 1 5  ? 0.826   -4.675  -0.086  1.00 35.21  ? 5   G   A C4     1 
ATOM   110 P  P      . G   A 1 6  ? 0.204   -8.323  -4.761  1.00 29.95  ? 6   G   A P      1 
ATOM   111 O  OP1    . G   A 1 6  ? -0.030  -9.588  -5.544  1.00 31.08  ? 6   G   A OP1    1 
ATOM   112 O  OP2    . G   A 1 6  ? 0.770   -7.133  -5.461  1.00 31.42  ? 6   G   A OP2    1 
ATOM   113 O  "O5'"  . G   A 1 6  ? -1.126  -7.860  -4.015  1.00 31.13  ? 6   G   A "O5'"  1 
ATOM   114 C  "C5'"  . G   A 1 6  ? -1.954  -8.819  -3.402  1.00 31.14  ? 6   G   A "C5'"  1 
ATOM   115 C  "C4'"  . G   A 1 6  ? -3.086  -8.186  -2.634  1.00 30.46  ? 6   G   A "C4'"  1 
ATOM   116 O  "O4'"  . G   A 1 6  ? -2.564  -7.287  -1.617  1.00 29.82  ? 6   G   A "O4'"  1 
ATOM   117 C  "C3'"  . G   A 1 6  ? -4.042  -7.293  -3.387  1.00 31.33  ? 6   G   A "C3'"  1 
ATOM   118 O  "O3'"  . G   A 1 6  ? -4.943  -8.026  -4.169  1.00 32.38  ? 6   G   A "O3'"  1 
ATOM   119 C  "C2'"  . G   A 1 6  ? -4.711  -6.551  -2.241  1.00 30.49  ? 6   G   A "C2'"  1 
ATOM   120 O  "O2'"  . G   A 1 6  ? -5.575  -7.444  -1.538  1.00 31.50  ? 6   G   A "O2'"  1 
ATOM   121 C  "C1'"  . G   A 1 6  ? -3.490  -6.254  -1.369  1.00 30.78  ? 6   G   A "C1'"  1 
ATOM   122 N  N9     . G   A 1 6  ? -2.874  -4.975  -1.795  1.00 28.75  ? 6   G   A N9     1 
ATOM   123 C  C8     . G   A 1 6  ? -1.781  -4.742  -2.592  1.00 30.59  ? 6   G   A C8     1 
ATOM   124 N  N7     . G   A 1 6  ? -1.581  -3.450  -2.830  1.00 30.71  ? 6   G   A N7     1 
ATOM   125 C  C5     . G   A 1 6  ? -2.622  -2.833  -2.167  1.00 29.24  ? 6   G   A C5     1 
ATOM   126 C  C6     . G   A 1 6  ? -2.980  -1.451  -2.054  1.00 30.92  ? 6   G   A C6     1 
ATOM   127 O  O6     . G   A 1 6  ? -2.409  -0.454  -2.509  1.00 31.09  ? 6   G   A O6     1 
ATOM   128 N  N1     . G   A 1 6  ? -4.130  -1.249  -1.297  1.00 30.36  ? 6   G   A N1     1 
ATOM   129 C  C2     . G   A 1 6  ? -4.886  -2.222  -0.716  1.00 29.55  ? 6   G   A C2     1 
ATOM   130 N  N2     . G   A 1 6  ? -5.974  -1.832  -0.013  1.00 28.91  ? 6   G   A N2     1 
ATOM   131 N  N3     . G   A 1 6  ? -4.552  -3.515  -0.808  1.00 29.23  ? 6   G   A N3     1 
ATOM   132 C  C4     . G   A 1 6  ? -3.436  -3.738  -1.545  1.00 28.99  ? 6   G   A C4     1 
ATOM   133 P  P      . G   A 1 7  ? -5.726  -7.364  -5.421  1.00 34.02  ? 7   G   A P      1 
ATOM   134 O  OP1    . G   A 1 7  ? -6.436  -8.486  -6.132  1.00 35.02  ? 7   G   A OP1    1 
ATOM   135 O  OP2    . G   A 1 7  ? -4.742  -6.527  -6.172  1.00 35.63  ? 7   G   A OP2    1 
ATOM   136 O  "O5'"  . G   A 1 7  ? -6.735  -6.345  -4.751  1.00 32.26  ? 7   G   A "O5'"  1 
ATOM   137 C  "C5'"  . G   A 1 7  ? -7.817  -6.815  -3.977  1.00 31.43  ? 7   G   A "C5'"  1 
ATOM   138 C  "C4'"  . G   A 1 7  ? -8.679  -5.677  -3.492  1.00 32.75  ? 7   G   A "C4'"  1 
ATOM   139 O  "O4'"  . G   A 1 7  ? -7.926  -4.822  -2.593  1.00 33.85  ? 7   G   A "O4'"  1 
ATOM   140 C  "C3'"  . G   A 1 7  ? -9.191  -4.714  -4.529  1.00 31.43  ? 7   G   A "C3'"  1 
ATOM   141 O  "O3'"  . G   A 1 7  ? -10.270 -5.288  -5.225  1.00 32.58  ? 7   G   A "O3'"  1 
ATOM   142 C  "C2'"  . G   A 1 7  ? -9.571  -3.510  -3.663  1.00 33.64  ? 7   G   A "C2'"  1 
ATOM   143 O  "O2'"  . G   A 1 7  ? -10.768 -3.786  -2.951  1.00 37.34  ? 7   G   A "O2'"  1 
ATOM   144 C  "C1'"  . G   A 1 7  ? -8.409  -3.496  -2.666  1.00 32.87  ? 7   G   A "C1'"  1 
ATOM   145 N  N9     . G   A 1 7  ? -7.328  -2.662  -3.196  1.00 33.45  ? 7   G   A N9     1 
ATOM   146 C  C8     . G   A 1 7  ? -6.206  -3.064  -3.883  1.00 34.36  ? 7   G   A C8     1 
ATOM   147 N  N7     . G   A 1 7  ? -5.456  -2.079  -4.279  1.00 32.81  ? 7   G   A N7     1 
ATOM   148 C  C5     . G   A 1 7  ? -6.128  -0.946  -3.825  1.00 34.57  ? 7   G   A C5     1 
ATOM   149 C  C6     . G   A 1 7  ? -5.837  0.446   -3.947  1.00 36.03  ? 7   G   A C6     1 
ATOM   150 O  O6     . G   A 1 7  ? -4.862  0.964   -4.482  1.00 36.82  ? 7   G   A O6     1 
ATOM   151 N  N1     . G   A 1 7  ? -6.822  1.259   -3.375  1.00 37.22  ? 7   G   A N1     1 
ATOM   152 C  C2     . G   A 1 7  ? -7.916  0.807   -2.735  1.00 37.31  ? 7   G   A C2     1 
ATOM   153 N  N2     . G   A 1 7  ? -8.704  1.783   -2.240  1.00 36.59  ? 7   G   A N2     1 
ATOM   154 N  N3     . G   A 1 7  ? -8.229  -0.499  -2.625  1.00 35.30  ? 7   G   A N3     1 
ATOM   155 C  C4     . G   A 1 7  ? -7.278  -1.283  -3.170  1.00 33.05  ? 7   G   A C4     1 
ATOM   156 P  P      . A   A 1 8  ? -10.787 -4.629  -6.589  1.00 34.19  ? 8   A   A P      1 
ATOM   157 O  OP1    . A   A 1 8  ? -11.128 -3.203  -6.356  1.00 34.56  ? 8   A   A OP1    1 
ATOM   158 O  OP2    . A   A 1 8  ? -11.816 -5.600  -7.116  1.00 34.99  ? 8   A   A OP2    1 
ATOM   159 O  "O5'"  . A   A 1 8  ? -9.479  -4.594  -7.502  1.00 35.37  ? 8   A   A "O5'"  1 
ATOM   160 C  "C5'"  . A   A 1 8  ? -8.860  -5.798  -7.912  1.00 35.43  ? 8   A   A "C5'"  1 
ATOM   161 C  "C4'"  . A   A 1 8  ? -8.538  -5.748  -9.384  1.00 37.33  ? 8   A   A "C4'"  1 
ATOM   162 O  "O4'"  . A   A 1 8  ? -9.767  -5.786  -10.159 1.00 41.00  ? 8   A   A "O4'"  1 
ATOM   163 C  "C3'"  . A   A 1 8  ? -7.837  -4.494  -9.848  1.00 37.62  ? 8   A   A "C3'"  1 
ATOM   164 O  "O3'"  . A   A 1 8  ? -6.445  -4.607  -9.674  1.00 39.18  ? 8   A   A "O3'"  1 
ATOM   165 C  "C2'"  . A   A 1 8  ? -8.226  -4.419  -11.316 1.00 42.03  ? 8   A   A "C2'"  1 
ATOM   166 O  "O2'"  . A   A 1 8  ? -7.441  -5.347  -12.053 1.00 45.10  ? 8   A   A "O2'"  1 
ATOM   167 C  "C1'"  . A   A 1 8  ? -9.663  -4.924  -11.272 1.00 41.20  ? 8   A   A "C1'"  1 
ATOM   168 N  N9     . A   A 1 8  ? -10.623 -3.819  -11.071 1.00 40.70  ? 8   A   A N9     1 
ATOM   169 C  C8     . A   A 1 8  ? -11.630 -3.752  -10.123 1.00 41.42  ? 8   A   A C8     1 
ATOM   170 N  N7     . A   A 1 8  ? -12.299 -2.620  -10.177 1.00 41.16  ? 8   A   A N7     1 
ATOM   171 C  C5     . A   A 1 8  ? -11.739 -1.906  -11.226 1.00 40.51  ? 8   A   A C5     1 
ATOM   172 C  C6     . A   A 1 8  ? -12.006 -0.615  -11.763 1.00 42.65  ? 8   A   A C6     1 
ATOM   173 N  N6     . A   A 1 8  ? -12.990 0.208   -11.350 1.00 42.25  ? 8   A   A N6     1 
ATOM   174 N  N1     . A   A 1 8  ? -11.250 -0.191  -12.814 1.00 41.26  ? 8   A   A N1     1 
ATOM   175 C  C2     . A   A 1 8  ? -10.280 -1.017  -13.230 1.00 42.14  ? 8   A   A C2     1 
ATOM   176 N  N3     . A   A 1 8  ? -9.912  -2.238  -12.791 1.00 40.47  ? 8   A   A N3     1 
ATOM   177 C  C4     . A   A 1 8  ? -10.694 -2.639  -11.766 1.00 40.35  ? 8   A   A C4     1 
ATOM   178 P  P      . C   A 1 9  ? -5.604  -3.353  -9.149  1.00 40.33  ? 9   C   A P      1 
ATOM   179 O  OP1    . C   A 1 9  ? -4.165  -3.723  -9.172  1.00 43.13  ? 9   C   A OP1    1 
ATOM   180 O  OP2    . C   A 1 9  ? -6.233  -2.863  -7.890  1.00 39.80  ? 9   C   A OP2    1 
ATOM   181 O  "O5'"  . C   A 1 9  ? -5.923  -2.209  -10.213 1.00 39.62  ? 9   C   A "O5'"  1 
ATOM   182 C  "C5'"  . C   A 1 9  ? -5.270  -2.135  -11.471 1.00 41.56  ? 9   C   A "C5'"  1 
ATOM   183 C  "C4'"  . C   A 1 9  ? -5.366  -0.740  -12.039 1.00 42.33  ? 9   C   A "C4'"  1 
ATOM   184 O  "O4'"  . C   A 1 9  ? -6.744  -0.421  -12.384 1.00 41.16  ? 9   C   A "O4'"  1 
ATOM   185 C  "C3'"  . C   A 1 9  ? -4.954  0.369   -11.089 1.00 43.85  ? 9   C   A "C3'"  1 
ATOM   186 O  "O3'"  . C   A 1 9  ? -3.554  0.553   -11.043 1.00 47.56  ? 9   C   A "O3'"  1 
ATOM   187 C  "C2'"  . C   A 1 9  ? -5.694  1.575   -11.627 1.00 43.75  ? 9   C   A "C2'"  1 
ATOM   188 O  "O2'"  . C   A 1 9  ? -5.003  2.062   -12.766 1.00 46.12  ? 9   C   A "O2'"  1 
ATOM   189 C  "C1'"  . C   A 1 9  ? -7.004  0.938   -12.101 1.00 41.62  ? 9   C   A "C1'"  1 
ATOM   190 N  N1     . C   A 1 9  ? -8.114  0.988   -11.110 1.00 40.89  ? 9   C   A N1     1 
ATOM   191 C  C2     . C   A 1 9  ? -8.787  2.202   -10.927 1.00 40.49  ? 9   C   A C2     1 
ATOM   192 O  O2     . C   A 1 9  ? -8.412  3.223   -11.540 1.00 40.32  ? 9   C   A O2     1 
ATOM   193 N  N3     . C   A 1 9  ? -9.843  2.246   -10.081 1.00 40.11  ? 9   C   A N3     1 
ATOM   194 C  C4     . C   A 1 9  ? -10.222 1.123   -9.467  1.00 39.87  ? 9   C   A C4     1 
ATOM   195 N  N4     . C   A 1 9  ? -11.286 1.261   -8.693  1.00 40.34  ? 9   C   A N4     1 
ATOM   196 C  C5     . C   A 1 9  ? -9.554  -0.152  -9.620  1.00 38.93  ? 9   C   A C5     1 
ATOM   197 C  C6     . C   A 1 9  ? -8.513  -0.171  -10.481 1.00 40.67  ? 9   C   A C6     1 
ATOM   198 P  P      . G   A 1 10 ? -2.901  0.898   -9.627  1.00 51.23  ? 10  G   A P      1 
ATOM   199 O  OP1    . G   A 1 10 ? -1.448  0.745   -9.785  1.00 57.59  ? 10  G   A OP1    1 
ATOM   200 O  OP2    . G   A 1 10 ? -3.643  0.107   -8.600  1.00 53.62  ? 10  G   A OP2    1 
ATOM   201 O  "O5'"  . G   A 1 10 ? -3.282  2.431   -9.415  1.00 50.51  ? 10  G   A "O5'"  1 
ATOM   202 C  "C5'"  . G   A 1 10 ? -2.764  3.428   -10.280 1.00 50.81  ? 10  G   A "C5'"  1 
ATOM   203 C  "C4'"  . G   A 1 10 ? -3.352  4.780   -9.975  1.00 50.45  ? 10  G   A "C4'"  1 
ATOM   204 O  "O4'"  . G   A 1 10 ? -4.781  4.715   -10.178 1.00 49.67  ? 10  G   A "O4'"  1 
ATOM   205 C  "C3'"  . G   A 1 10 ? -3.218  5.291   -8.545  1.00 52.94  ? 10  G   A "C3'"  1 
ATOM   206 O  "O3'"  . G   A 1 10 ? -1.946  5.850   -8.248  1.00 57.00  ? 10  G   A "O3'"  1 
ATOM   207 C  "C2'"  . G   A 1 10 ? -4.369  6.283   -8.462  1.00 52.33  ? 10  G   A "C2'"  1 
ATOM   208 O  "O2'"  . G   A 1 10 ? -4.092  7.464   -9.205  1.00 55.39  ? 10  G   A "O2'"  1 
ATOM   209 C  "C1'"  . G   A 1 10 ? -5.437  5.536   -9.236  1.00 48.12  ? 10  G   A "C1'"  1 
ATOM   210 N  N9     . G   A 1 10 ? -6.259  4.682   -8.366  1.00 43.31  ? 10  G   A N9     1 
ATOM   211 C  C8     . G   A 1 10 ? -6.265  3.313   -8.290  1.00 40.32  ? 10  G   A C8     1 
ATOM   212 N  N7     . G   A 1 10 ? -7.148  2.877   -7.419  1.00 39.19  ? 10  G   A N7     1 
ATOM   213 C  C5     . G   A 1 10 ? -7.746  4.037   -6.921  1.00 39.23  ? 10  G   A C5     1 
ATOM   214 C  C6     . G   A 1 10 ? -8.780  4.214   -5.966  1.00 37.12  ? 10  G   A C6     1 
ATOM   215 O  O6     . G   A 1 10 ? -9.377  3.343   -5.343  1.00 37.26  ? 10  G   A O6     1 
ATOM   216 N  N1     . G   A 1 10 ? -9.117  5.542   -5.725  1.00 38.22  ? 10  G   A N1     1 
ATOM   217 C  C2     . G   A 1 10 ? -8.478  6.595   -6.368  1.00 39.44  ? 10  G   A C2     1 
ATOM   218 N  N2     . G   A 1 10 ? -8.870  7.837   -6.075  1.00 41.02  ? 10  G   A N2     1 
ATOM   219 N  N3     . G   A 1 10 ? -7.522  6.451   -7.286  1.00 40.79  ? 10  G   A N3     1 
ATOM   220 C  C4     . G   A 1 10 ? -7.207  5.153   -7.506  1.00 40.84  ? 10  G   A C4     1 
ATOM   221 P  P      . A   A 1 11 ? -1.530  6.200   -6.732  1.00 58.93  ? 11  A   A P      1 
ATOM   222 O  OP1    . A   A 1 11 ? -0.055  6.419   -6.800  1.00 60.23  ? 11  A   A OP1    1 
ATOM   223 O  OP2    . A   A 1 11 ? -2.011  5.181   -5.772  1.00 59.39  ? 11  A   A OP2    1 
ATOM   224 O  "O5'"  . A   A 1 11 ? -2.233  7.622   -6.453  1.00 63.36  ? 11  A   A "O5'"  1 
ATOM   225 C  "C5'"  . A   A 1 11 ? -1.497  8.846   -6.290  1.00 63.72  ? 11  A   A "C5'"  1 
ATOM   226 C  "C4'"  . A   A 1 11 ? -2.409  10.051  -6.418  1.00 65.71  ? 11  A   A "C4'"  1 
ATOM   227 O  "O4'"  . A   A 1 11 ? -2.842  10.149  -7.802  1.00 71.42  ? 11  A   A "O4'"  1 
ATOM   228 C  "C3'"  . A   A 1 11 ? -3.694  9.984   -5.577  1.00 63.75  ? 11  A   A "C3'"  1 
ATOM   229 O  "O3'"  . A   A 1 11 ? -3.574  10.708  -4.355  1.00 56.92  ? 11  A   A "O3'"  1 
ATOM   230 C  "C2'"  . A   A 1 11 ? -4.776  10.598  -6.476  1.00 69.80  ? 11  A   A "C2'"  1 
ATOM   231 O  "O2'"  . A   A 1 11 ? -4.930  11.991  -6.233  1.00 72.78  ? 11  A   A "O2'"  1 
ATOM   232 C  "C1'"  . A   A 1 11 ? -4.226  10.388  -7.889  1.00 71.78  ? 11  A   A "C1'"  1 
ATOM   233 P  P      . C   A 1 12 ? -3.348  10.022  -2.916  1.00 53.48  ? 12  C   A P      1 
ATOM   234 O  OP1    . C   A 1 12 ? -3.045  11.113  -1.953  1.00 56.49  ? 12  C   A OP1    1 
ATOM   235 O  OP2    . C   A 1 12 ? -2.323  8.952   -3.008  1.00 55.26  ? 12  C   A OP2    1 
ATOM   236 O  "O5'"  . C   A 1 12 ? -4.771  9.406   -2.570  1.00 50.34  ? 12  C   A "O5'"  1 
ATOM   237 C  "C5'"  . C   A 1 12 ? -5.869  10.228  -2.250  1.00 45.79  ? 12  C   A "C5'"  1 
ATOM   238 C  "C4'"  . C   A 1 12 ? -7.040  9.383   -1.836  1.00 44.47  ? 12  C   A "C4'"  1 
ATOM   239 O  "O4'"  . C   A 1 12 ? -7.539  8.625   -2.969  1.00 43.38  ? 12  C   A "O4'"  1 
ATOM   240 C  "C3'"  . C   A 1 12 ? -6.719  8.323   -0.804  1.00 43.47  ? 12  C   A "C3'"  1 
ATOM   241 O  "O3'"  . C   A 1 12 ? -6.701  8.874   0.491   1.00 45.86  ? 12  C   A "O3'"  1 
ATOM   242 C  "C2'"  . C   A 1 12 ? -7.807  7.295   -1.036  1.00 42.82  ? 12  C   A "C2'"  1 
ATOM   243 O  "O2'"  . C   A 1 12 ? -9.050  7.776   -0.547  1.00 44.36  ? 12  C   A "O2'"  1 
ATOM   244 C  "C1'"  . C   A 1 12 ? -7.882  7.317   -2.554  1.00 41.92  ? 12  C   A "C1'"  1 
ATOM   245 N  N1     . C   A 1 12 ? -6.919  6.380   -3.181  1.00 41.18  ? 12  C   A N1     1 
ATOM   246 C  C2     . C   A 1 12 ? -7.164  4.984   -3.117  1.00 39.51  ? 12  C   A C2     1 
ATOM   247 O  O2     . C   A 1 12 ? -8.133  4.539   -2.480  1.00 38.79  ? 12  C   A O2     1 
ATOM   248 N  N3     . C   A 1 12 ? -6.319  4.148   -3.726  1.00 37.97  ? 12  C   A N3     1 
ATOM   249 C  C4     . C   A 1 12 ? -5.271  4.610   -4.390  1.00 39.74  ? 12  C   A C4     1 
ATOM   250 N  N4     . C   A 1 12 ? -4.461  3.725   -4.961  1.00 38.61  ? 12  C   A N4     1 
ATOM   251 C  C5     . C   A 1 12 ? -4.983  6.012   -4.485  1.00 41.34  ? 12  C   A C5     1 
ATOM   252 C  C6     . C   A 1 12 ? -5.858  6.841   -3.899  1.00 42.40  ? 12  C   A C6     1 
ATOM   253 P  P      . C   A 1 13 ? -5.750  8.265   1.634   1.00 45.27  ? 13  C   A P      1 
ATOM   254 O  OP1    . C   A 1 13 ? -5.990  9.162   2.809   1.00 47.41  ? 13  C   A OP1    1 
ATOM   255 O  OP2    . C   A 1 13 ? -4.358  8.063   1.136   1.00 47.92  ? 13  C   A OP2    1 
ATOM   256 O  "O5'"  . C   A 1 13 ? -6.330  6.807   1.888   1.00 39.70  ? 13  C   A "O5'"  1 
ATOM   257 C  "C5'"  . C   A 1 13 ? -7.657  6.656   2.337   1.00 38.55  ? 13  C   A "C5'"  1 
ATOM   258 C  "C4'"  . C   A 1 13 ? -8.022  5.211   2.352   1.00 35.19  ? 13  C   A "C4'"  1 
ATOM   259 O  "O4'"  . C   A 1 13 ? -7.934  4.676   1.013   1.00 34.52  ? 13  C   A "O4'"  1 
ATOM   260 C  "C3'"  . C   A 1 13 ? -7.101  4.311   3.140   1.00 34.60  ? 13  C   A "C3'"  1 
ATOM   261 O  "O3'"  . C   A 1 13 ? -7.331  4.404   4.521   1.00 36.94  ? 13  C   A "O3'"  1 
ATOM   262 C  "C2'"  . C   A 1 13 ? -7.402  2.946   2.540   1.00 34.05  ? 13  C   A "C2'"  1 
ATOM   263 O  "O2'"  . C   A 1 13 ? -8.679  2.469   2.990   1.00 36.87  ? 13  C   A "O2'"  1 
ATOM   264 C  "C1'"  . C   A 1 13 ? -7.551  3.323   1.065   1.00 32.27  ? 13  C   A "C1'"  1 
ATOM   265 N  N1     . C   A 1 13 ? -6.296  3.154   0.289   1.00 32.56  ? 13  C   A N1     1 
ATOM   266 C  C2     . C   A 1 13 ? -5.948  1.843   -0.082  1.00 32.27  ? 13  C   A C2     1 
ATOM   267 O  O2     . C   A 1 13 ? -6.674  0.903   0.284   1.00 33.67  ? 13  C   A O2     1 
ATOM   268 N  N3     . C   A 1 13 ? -4.843  1.566   -0.817  1.00 32.90  ? 13  C   A N3     1 
ATOM   269 C  C4     . C   A 1 13 ? -4.089  2.581   -1.207  1.00 32.76  ? 13  C   A C4     1 
ATOM   270 N  N4     . C   A 1 13 ? -3.015  2.284   -1.925  1.00 35.65  ? 13  C   A N4     1 
ATOM   271 C  C5     . C   A 1 13 ? -4.419  3.952   -0.836  1.00 33.32  ? 13  C   A C5     1 
ATOM   272 C  C6     . C   A 1 13 ? -5.525  4.198   -0.108  1.00 33.14  ? 13  C   A C6     1 
ATOM   273 P  P      . C   A 1 14 ? -6.177  4.005   5.553   1.00 38.13  ? 14  C   A P      1 
ATOM   274 O  OP1    . C   A 1 14 ? -6.755  4.482   6.843   1.00 41.47  ? 14  C   A OP1    1 
ATOM   275 O  OP2    . C   A 1 14 ? -4.840  4.434   5.094   1.00 41.37  ? 14  C   A OP2    1 
ATOM   276 O  "O5'"  . C   A 1 14 ? -6.140  2.416   5.502   1.00 36.32  ? 14  C   A "O5'"  1 
ATOM   277 C  "C5'"  . C   A 1 14 ? -7.256  1.631   5.892   1.00 36.42  ? 14  C   A "C5'"  1 
ATOM   278 C  "C4'"  . C   A 1 14 ? -6.987  0.175   5.612   1.00 35.62  ? 14  C   A "C4'"  1 
ATOM   279 O  "O4'"  . C   A 1 14 ? -6.769  -0.006  4.192   1.00 37.96  ? 14  C   A "O4'"  1 
ATOM   280 C  "C3'"  . C   A 1 14 ? -5.722  -0.385  6.217   1.00 34.63  ? 14  C   A "C3'"  1 
ATOM   281 O  "O3'"  . C   A 1 14 ? -5.867  -0.717  7.574   1.00 35.44  ? 14  C   A "O3'"  1 
ATOM   282 C  "C2'"  . C   A 1 14 ? -5.431  -1.591  5.323   1.00 36.99  ? 14  C   A "C2'"  1 
ATOM   283 O  "O2'"  . C   A 1 14 ? -6.320  -2.657  5.618   1.00 41.23  ? 14  C   A "O2'"  1 
ATOM   284 C  "C1'"  . C   A 1 14 ? -5.835  -1.042  3.968   1.00 37.76  ? 14  C   A "C1'"  1 
ATOM   285 N  N1     . C   A 1 14 ? -4.685  -0.511  3.208   1.00 36.68  ? 14  C   A N1     1 
ATOM   286 C  C2     . C   A 1 14 ? -3.888  -1.422  2.509   1.00 37.51  ? 14  C   A C2     1 
ATOM   287 O  O2     . C   A 1 14 ? -4.152  -2.610  2.632   1.00 41.06  ? 14  C   A O2     1 
ATOM   288 N  N3     . C   A 1 14 ? -2.858  -1.003  1.767   1.00 36.50  ? 14  C   A N3     1 
ATOM   289 C  C4     . C   A 1 14 ? -2.651  0.315   1.673   1.00 35.90  ? 14  C   A C4     1 
ATOM   290 N  N4     . C   A 1 14 ? -1.647  0.720   0.916   1.00 36.68  ? 14  C   A N4     1 
ATOM   291 C  C5     . C   A 1 14 ? -3.444  1.275   2.398   1.00 34.49  ? 14  C   A C5     1 
ATOM   292 C  C6     . C   A 1 14 ? -4.445  0.838   3.133   1.00 34.46  ? 14  C   A C6     1 
ATOM   293 P  P      . C   A 1 15 ? -4.586  -0.656  8.537   1.00 36.32  ? 15  C   A P      1 
ATOM   294 O  OP1    . C   A 1 15 ? -5.166  -0.915  9.910   1.00 39.64  ? 15  C   A OP1    1 
ATOM   295 O  OP2    . C   A 1 15 ? -3.831  0.599   8.268   1.00 38.25  ? 15  C   A OP2    1 
ATOM   296 O  "O5'"  . C   A 1 15 ? -3.692  -1.895  8.091   1.00 33.72  ? 15  C   A "O5'"  1 
ATOM   297 C  "C5'"  . C   A 1 15 ? -4.129  -3.204  8.303   1.00 31.68  ? 15  C   A "C5'"  1 
ATOM   298 C  "C4'"  . C   A 1 15 ? -3.171  -4.204  7.710   1.00 30.07  ? 15  C   A "C4'"  1 
ATOM   299 O  "O4'"  . C   A 1 15 ? -3.102  -4.081  6.258   1.00 30.19  ? 15  C   A "O4'"  1 
ATOM   300 C  "C3'"  . C   A 1 15 ? -1.723  -4.049  8.124   1.00 29.64  ? 15  C   A "C3'"  1 
ATOM   301 O  "O3'"  . C   A 1 15 ? -1.497  -4.511  9.438   1.00 31.77  ? 15  C   A "O3'"  1 
ATOM   302 C  "C2'"  . C   A 1 15 ? -1.004  -4.858  7.058   1.00 30.26  ? 15  C   A "C2'"  1 
ATOM   303 O  "O2'"  . C   A 1 15 ? -1.192  -6.226  7.283   1.00 31.87  ? 15  C   A "O2'"  1 
ATOM   304 C  "C1'"  . C   A 1 15 ? -1.813  -4.477  5.825   1.00 30.81  ? 15  C   A "C1'"  1 
ATOM   305 N  N1     . C   A 1 15 ? -1.194  -3.335  5.138   1.00 36.93  ? 15  C   A N1     1 
ATOM   306 C  C2     . C   A 1 15 ? -0.120  -3.611  4.304   1.00 37.46  ? 15  C   A C2     1 
ATOM   307 O  O2     . C   A 1 15 ? 0.253   -4.781  4.214   1.00 40.46  ? 15  C   A O2     1 
ATOM   308 N  N3     . C   A 1 15 ? 0.497   -2.607  3.640   1.00 36.13  ? 15  C   A N3     1 
ATOM   309 C  C4     . C   A 1 15 ? 0.048   -1.366  3.792   1.00 38.47  ? 15  C   A C4     1 
ATOM   310 N  N4     . C   A 1 15 ? 0.694   -0.411  3.096   1.00 42.75  ? 15  C   A N4     1 
ATOM   311 C  C5     . C   A 1 15 ? -1.036  -1.039  4.658   1.00 37.66  ? 15  C   A C5     1 
ATOM   312 C  C6     . C   A 1 15 ? -1.629  -2.062  5.322   1.00 36.30  ? 15  C   A C6     1 
ATOM   313 P  P      . A   A 1 16 ? -0.328  -3.844  10.311  1.00 33.98  ? 16  A   A P      1 
ATOM   314 O  OP1    . A   A 1 16 ? -0.485  -4.421  11.677  1.00 42.61  ? 16  A   A OP1    1 
ATOM   315 O  OP2    . A   A 1 16 ? -0.268  -2.376  10.166  1.00 35.12  ? 16  A   A OP2    1 
ATOM   316 O  "O5'"  . A   A 1 16 ? 1.022   -4.425  9.697   1.00 28.31  ? 16  A   A "O5'"  1 
ATOM   317 C  "C5'"  . A   A 1 16 ? 1.303   -5.814  9.756   1.00 27.85  ? 16  A   A "C5'"  1 
ATOM   318 C  "C4'"  . A   A 1 16 ? 2.488   -6.169  8.903   1.00 27.14  ? 16  A   A "C4'"  1 
ATOM   319 O  "O4'"  . A   A 1 16 ? 2.225   -5.727  7.549   1.00 27.32  ? 16  A   A "O4'"  1 
ATOM   320 C  "C3'"  . A   A 1 16 ? 3.745   -5.441  9.256   1.00 26.73  ? 16  A   A "C3'"  1 
ATOM   321 O  "O3'"  . A   A 1 16 ? 4.402   -6.103  10.337  1.00 25.21  ? 16  A   A "O3'"  1 
ATOM   322 C  "C2'"  . A   A 1 16 ? 4.530   -5.491  7.949   1.00 28.23  ? 16  A   A "C2'"  1 
ATOM   323 O  "O2'"  . A   A 1 16 ? 5.045   -6.798  7.736   1.00 28.43  ? 16  A   A "O2'"  1 
ATOM   324 C  "C1'"  . A   A 1 16 ? 3.420   -5.273  6.954   1.00 27.43  ? 16  A   A "C1'"  1 
ATOM   325 N  N9     . A   A 1 16 ? 3.267   -3.858  6.603   1.00 27.55  ? 16  A   A N9     1 
ATOM   326 C  C8     . A   A 1 16 ? 2.304   -2.966  7.000   1.00 27.05  ? 16  A   A C8     1 
ATOM   327 N  N7     . A   A 1 16 ? 2.405   -1.802  6.403   1.00 27.73  ? 16  A   A N7     1 
ATOM   328 C  C5     . A   A 1 16 ? 3.544   -1.908  5.612   1.00 26.86  ? 16  A   A C5     1 
ATOM   329 C  C6     . A   A 1 16 ? 4.242   -1.036  4.722   1.00 29.52  ? 16  A   A C6     1 
ATOM   330 N  N6     . A   A 1 16 ? 3.834   0.235   4.516   1.00 30.86  ? 16  A   A N6     1 
ATOM   331 N  N1     . A   A 1 16 ? 5.366   -1.548  4.115   1.00 27.83  ? 16  A   A N1     1 
ATOM   332 C  C2     . A   A 1 16 ? 5.724   -2.833  4.338   1.00 28.77  ? 16  A   A C2     1 
ATOM   333 N  N3     . A   A 1 16 ? 5.129   -3.739  5.123   1.00 28.35  ? 16  A   A N3     1 
ATOM   334 C  C4     . A   A 1 16 ? 4.056   -3.193  5.727   1.00 28.88  ? 16  A   A C4     1 
HETATM 335 P  P      . CBV A 1 17 ? 5.277   -5.202  11.363  1.00 26.08  ? 17  CBV A P      1 
HETATM 336 O  O1P    . CBV A 1 17 ? 4.526   -3.965  11.708  1.00 27.63  ? 17  CBV A O1P    1 
HETATM 337 O  O2P    . CBV A 1 17 ? 5.636   -6.172  12.443  1.00 25.61  ? 17  CBV A O2P    1 
HETATM 338 O  "O5'"  . CBV A 1 17 ? 6.582   -4.797  10.516  1.00 26.83  ? 17  CBV A "O5'"  1 
HETATM 339 C  "C5'"  . CBV A 1 17 ? 7.550   -5.804  10.254  1.00 26.22  ? 17  CBV A "C5'"  1 
HETATM 340 C  "C4'"  . CBV A 1 17 ? 8.582   -5.333  9.276   1.00 27.33  ? 17  CBV A "C4'"  1 
HETATM 341 O  "O4'"  . CBV A 1 17 ? 7.914   -4.855  8.075   1.00 28.71  ? 17  CBV A "O4'"  1 
HETATM 342 C  "C3'"  . CBV A 1 17 ? 9.422   -4.130  9.657   1.00 26.42  ? 17  CBV A "C3'"  1 
HETATM 343 O  "O3'"  . CBV A 1 17 ? 10.452  -4.484  10.548  1.00 27.75  ? 17  CBV A "O3'"  1 
HETATM 344 C  "C2'"  . CBV A 1 17 ? 9.964   -3.710  8.301   1.00 27.99  ? 17  CBV A "C2'"  1 
HETATM 345 O  "O2'"  . CBV A 1 17 ? 10.928  -4.651  7.841   1.00 29.55  ? 17  CBV A "O2'"  1 
HETATM 346 C  "C1'"  . CBV A 1 17 ? 8.720   -3.896  7.433   1.00 28.60  ? 17  CBV A "C1'"  1 
HETATM 347 N  N1     . CBV A 1 17 ? 7.960   -2.636  7.352   1.00 28.80  ? 17  CBV A N1     1 
HETATM 348 C  C2     . CBV A 1 17 ? 8.447   -1.590  6.467   1.00 29.96  ? 17  CBV A C2     1 
HETATM 349 O  O2     . CBV A 1 17 ? 9.421   -1.797  5.829   1.00 32.62  ? 17  CBV A O2     1 
HETATM 350 N  N3     . CBV A 1 17 ? 7.681   -0.370  6.391   1.00 32.17  ? 17  CBV A N3     1 
HETATM 351 C  C4     . CBV A 1 17 ? 6.515   -0.180  7.162   1.00 29.82  ? 17  CBV A C4     1 
HETATM 352 N  N4     . CBV A 1 17 ? 5.781   1.027   7.079   1.00 32.19  ? 17  CBV A N4     1 
HETATM 353 C  C5     . CBV A 1 17 ? 6.085   -1.256  8.041   1.00 30.06  ? 17  CBV A C5     1 
HETATM 354 C  C6     . CBV A 1 17 ? 6.809   -2.489  8.172   1.00 28.46  ? 17  CBV A C6     1 
HETATM 355 BR BR     . CBV A 1 17 ? 4.568   -1.048  9.167   1.00 33.98  ? 17  CBV A BR     1 
HETATM 356 H  "H5'1" . CBV A 1 17 ? 7.103   -6.583  9.889   1.00 31.48  ? 17  CBV A "H5'1" 1 
HETATM 357 H  "H5'2" . CBV A 1 17 ? 7.989   -6.043  11.085  1.00 31.48  ? 17  CBV A "H5'2" 1 
HETATM 358 H  "H4'"  . CBV A 1 17 ? 9.172   -6.079  9.086   1.00 32.82  ? 17  CBV A "H4'"  1 
HETATM 359 H  "H3'"  . CBV A 1 17 ? 8.864   -3.432  10.033  1.00 31.72  ? 17  CBV A "H3'"  1 
HETATM 360 H  "HO3'" . CBV A 1 17 ? 10.825  -5.199  10.280  1.00 33.33  ? 17  CBV A "HO3'" 1 
HETATM 361 H  "H2'"  . CBV A 1 17 ? 10.293  -2.797  8.308   1.00 33.61  ? 17  CBV A "H2'"  1 
HETATM 362 H  "HO2'" . CBV A 1 17 ? 11.701  -4.300  7.864   1.00 35.48  ? 17  CBV A "HO2'" 1 
HETATM 363 H  "H1'"  . CBV A 1 17 ? 8.960   -4.212  6.547   1.00 34.34  ? 17  CBV A "H1'"  1 
HETATM 364 H  HN41   . CBV A 1 17 ? 5.083   1.152   7.574   1.00 38.65  ? 17  CBV A HN41   1 
HETATM 365 H  HN42   . CBV A 1 17 ? 6.069   1.655   6.566   1.00 38.65  ? 17  CBV A HN42   1 
HETATM 366 H  H6     . CBV A 1 17 ? 6.539   -3.155  8.762   1.00 34.17  ? 17  CBV A H6     1 
ATOM   367 P  P      . C   A 1 18 ? 11.165  -3.416  11.502  1.00 29.70  ? 18  C   A P      1 
ATOM   368 O  OP1    . C   A 1 18 ? 12.109  -4.224  12.348  1.00 32.34  ? 18  C   A OP1    1 
ATOM   369 O  OP2    . C   A 1 18 ? 10.145  -2.505  12.079  1.00 32.85  ? 18  C   A OP2    1 
ATOM   370 O  "O5'"  . C   A 1 18 ? 11.962  -2.493  10.486  1.00 28.78  ? 18  C   A "O5'"  1 
ATOM   371 C  "C5'"  . C   A 1 18 ? 13.128  -3.005  9.850   1.00 29.86  ? 18  C   A "C5'"  1 
ATOM   372 C  "C4'"  . C   A 1 18 ? 13.725  -1.987  8.929   1.00 29.47  ? 18  C   A "C4'"  1 
ATOM   373 O  "O4'"  . C   A 1 18 ? 12.745  -1.584  7.940   1.00 31.89  ? 18  C   A "O4'"  1 
ATOM   374 C  "C3'"  . C   A 1 18 ? 14.105  -0.673  9.594   1.00 31.15  ? 18  C   A "C3'"  1 
ATOM   375 O  "O3'"  . C   A 1 18 ? 15.318  -0.763  10.301  1.00 36.44  ? 18  C   A "O3'"  1 
ATOM   376 C  "C2'"  . C   A 1 18 ? 14.123  0.297   8.416   1.00 32.04  ? 18  C   A "C2'"  1 
ATOM   377 O  "O2'"  . C   A 1 18 ? 15.282  0.124   7.615   1.00 34.38  ? 18  C   A "O2'"  1 
ATOM   378 C  "C1'"  . C   A 1 18 ? 12.940  -0.225  7.602   1.00 30.56  ? 18  C   A "C1'"  1 
ATOM   379 N  N1     . C   A 1 18 ? 11.698  0.529   7.846   1.00 28.63  ? 18  C   A N1     1 
ATOM   380 C  C2     . C   A 1 18 ? 11.595  1.790   7.236   1.00 28.62  ? 18  C   A C2     1 
ATOM   381 O  O2     . C   A 1 18 ? 12.529  2.224   6.528   1.00 31.12  ? 18  C   A O2     1 
ATOM   382 N  N3     . C   A 1 18 ? 10.452  2.501   7.439   1.00 28.89  ? 18  C   A N3     1 
ATOM   383 C  C4     . C   A 1 18 ? 9.491   1.999   8.224   1.00 27.86  ? 18  C   A C4     1 
ATOM   384 N  N4     . C   A 1 18 ? 8.390   2.713   8.394   1.00 30.19  ? 18  C   A N4     1 
ATOM   385 C  C5     . C   A 1 18 ? 9.586   0.739   8.872   1.00 28.73  ? 18  C   A C5     1 
ATOM   386 C  C6     . C   A 1 18 ? 10.716  0.021   8.662   1.00 28.45  ? 18  C   A C6     1 
HETATM 387 S  S      . SO4 B 2 .  ? 13.685  -1.568  2.937   1.00 58.71  ? 101 SO4 A S      1 
HETATM 388 O  O1     . SO4 B 2 .  ? 12.884  -0.711  3.805   1.00 98.55  ? 101 SO4 A O1     1 
HETATM 389 O  O2     . SO4 B 2 .  ? 14.890  -2.002  3.643   1.00 103.12 ? 101 SO4 A O2     1 
HETATM 390 O  O3     . SO4 B 2 .  ? 12.924  -2.767  2.577   1.00 103.32 ? 101 SO4 A O3     1 
HETATM 391 O  O4     . SO4 B 2 .  ? 14.022  -0.852  1.701   1.00 102.89 ? 101 SO4 A O4     1 
HETATM 392 NA NA     . NA  C 3 .  ? 5.441   6.863   3.435   1.00 67.85  ? 102 NA  A NA     1 
HETATM 393 NA NA     . NA  D 3 .  ? 3.021   -1.114  -2.912  1.00 84.36  ? 103 NA  A NA     1 
HETATM 394 NA NA     . NA  E 3 .  ? 0.131   2.408   3.529   1.00 64.66  ? 104 NA  A NA     1 
HETATM 395 C  CAD    . FXT F 4 .  ? -8.226  -0.400  -6.290  0.40 32.24  ? 105 FXT A CAD    1 
HETATM 396 C  CAF    . FXT F 4 .  ? -10.425 -0.306  -5.442  0.40 33.42  ? 105 FXT A CAF    1 
HETATM 397 C  CAG    . FXT F 4 .  ? -11.389 0.638   -4.754  0.40 50.41  ? 105 FXT A CAG    1 
HETATM 398 C  CAH    . FXT F 4 .  ? -12.137 1.575   -5.795  0.40 85.95  ? 105 FXT A CAH    1 
HETATM 399 C  CAI    . FXT F 4 .  ? -13.654 1.282   -5.786  0.40 49.99  ? 105 FXT A CAI    1 
HETATM 400 C  CAJ    . FXT F 4 .  ? -14.213 2.429   -4.960  0.40 36.67  ? 105 FXT A CAJ    1 
HETATM 401 C  CAL    . FXT F 4 .  ? -15.475 4.375   -5.339  0.40 31.34  ? 105 FXT A CAL    1 
HETATM 402 N  NAA    . FXT F 4 .  ? -8.485  -1.682  -6.630  0.40 29.69  ? 105 FXT A NAA    1 
HETATM 403 N  NAB    . FXT F 4 .  ? -16.164 4.102   -4.210  0.40 29.07  ? 105 FXT A NAB    1 
HETATM 404 N  NAC    . FXT F 4 .  ? -7.205  0.033   -6.893  0.40 35.97  ? 105 FXT A NAC    1 
HETATM 405 N  NAE    . FXT F 4 .  ? -9.273  0.420   -6.062  0.40 33.60  ? 105 FXT A NAE    1 
HETATM 406 N  NAK    . FXT F 4 .  ? -14.411 3.642   -5.727  0.40 33.30  ? 105 FXT A NAK    1 
HETATM 407 N  NAM    . FXT F 4 .  ? -15.523 5.673   -5.630  0.40 37.34  ? 105 FXT A NAM    1 
HETATM 408 H  HAG    . FXT F 4 .  ? -10.863 -0.809  -6.147  0.40 40.12  ? 105 FXT A HAG    1 
HETATM 409 H  HAF    . FXT F 4 .  ? -10.058 -0.954  -4.821  0.40 40.12  ? 105 FXT A HAF    1 
HETATM 410 H  HAH    . FXT F 4 .  ? -10.889 1.182   -4.126  0.40 60.51  ? 105 FXT A HAH    1 
HETATM 411 H  HAI    . FXT F 4 .  ? -12.039 0.110   -4.265  0.40 60.51  ? 105 FXT A HAI    1 
HETATM 412 H  HAK    . FXT F 4 .  ? -11.784 1.410   -6.683  0.40 103.16 ? 105 FXT A HAK    1 
HETATM 413 H  HAJ    . FXT F 4 .  ? -11.988 2.502   -5.552  0.40 103.16 ? 105 FXT A HAJ    1 
HETATM 414 H  HAL    . FXT F 4 .  ? -13.854 0.429   -5.369  0.40 60.01  ? 105 FXT A HAL    1 
HETATM 415 H  HAM    . FXT F 4 .  ? -14.027 1.289   -6.681  0.40 60.01  ? 105 FXT A HAM    1 
HETATM 416 H  HAO    . FXT F 4 .  ? -15.071 2.200   -4.570  0.40 44.02  ? 105 FXT A HAO    1 
HETATM 417 H  HAN    . FXT F 4 .  ? -13.623 2.655   -4.224  0.40 44.02  ? 105 FXT A HAN    1 
HETATM 418 H  HAA    . FXT F 4 .  ? -7.792  -2.213  -6.797  0.40 35.65  ? 105 FXT A HAA    1 
HETATM 419 H  HAT    . FXT F 4 .  ? -9.339  -1.934  -6.670  0.40 35.65  ? 105 FXT A HAT    1 
HETATM 420 H  HAU    A FXT F 4 .  ? -15.902 3.402   -3.726  0.40 34.90  ? 105 FXT A HAU    1 
HETATM 421 H  HAU    B FXT F 4 .  ? -16.846 4.635   -4.004  0.40 34.90  ? 105 FXT A HAU    1 
HETATM 422 H  HAC    . FXT F 4 .  ? -6.964  0.876   -6.745  0.40 43.18  ? 105 FXT A HAC    1 
HETATM 423 H  HAE    . FXT F 4 .  ? -9.090  1.236   -5.758  0.40 40.34  ? 105 FXT A HAE    1 
HETATM 424 H  HAP    . FXT F 4 .  ? -14.282 3.578   -6.605  0.40 39.98  ? 105 FXT A HAP    1 
HETATM 425 H  HAR    . FXT F 4 .  ? -16.230 6.134   -5.346  0.40 44.83  ? 105 FXT A HAR    1 
HETATM 426 H  HAS    . FXT F 4 .  ? -14.845 6.017   -6.094  0.40 44.83  ? 105 FXT A HAS    1 
HETATM 427 O  O      . HOH G 5 .  ? -1.620  0.628   7.594   1.00 79.83  ? 201 HOH A O      1 
HETATM 428 O  O      . HOH G 5 .  ? -12.517 -1.591  -7.982  1.00 41.73  ? 202 HOH A O      1 
HETATM 429 O  O      . HOH G 5 .  ? 6.532   12.954  4.984   1.00 49.54  ? 203 HOH A O      1 
HETATM 430 O  O      . HOH G 5 .  ? 5.828   -1.842  12.627  1.00 35.21  ? 204 HOH A O      1 
HETATM 431 O  O      . HOH G 5 .  ? -3.377  5.116   2.966   1.00 67.33  ? 205 HOH A O      1 
HETATM 432 O  O      . HOH G 5 .  ? -2.829  7.069   -1.173  1.00 52.45  ? 206 HOH A O      1 
HETATM 433 O  O      . HOH G 5 .  ? -2.858  -0.160  -5.867  1.00 54.37  ? 207 HOH A O      1 
HETATM 434 O  O      . HOH G 5 .  ? -9.691  9.881   1.011   1.00 56.54  ? 208 HOH A O      1 
HETATM 435 O  O      . HOH G 5 .  ? -1.696  4.671   -3.131  1.00 50.80  ? 209 HOH A O      1 
HETATM 436 O  O      . HOH G 5 .  ? 12.563  -6.500  9.009   1.00 37.70  ? 210 HOH A O      1 
HETATM 437 O  O      . HOH G 5 .  ? -2.115  -7.521  9.512   1.00 44.33  ? 211 HOH A O      1 
HETATM 438 O  O      . HOH G 5 .  ? -9.047  0.026   1.808   1.00 51.83  ? 212 HOH A O      1 
HETATM 439 O  O      . HOH G 5 .  ? 7.991   -0.976  11.305  1.00 36.30  ? 213 HOH A O      1 
HETATM 440 O  O      . HOH G 5 .  ? 6.414   -6.179  5.266   1.00 32.70  ? 214 HOH A O      1 
HETATM 441 O  O      . HOH G 5 .  ? 0.253   -10.037 -8.256  1.00 41.19  ? 215 HOH A O      1 
HETATM 442 O  O      . HOH G 5 .  ? 5.068   0.390   -1.140  1.00 50.09  ? 216 HOH A O      1 
HETATM 443 O  O      . HOH G 5 .  ? 17.623  -1.672  9.071   1.00 63.03  ? 217 HOH A O      1 
HETATM 444 O  O      . HOH G 5 .  ? -1.322  -11.995 -5.078  0.33 34.40  ? 218 HOH A O      1 
HETATM 445 O  O      . HOH G 5 .  ? 13.321  2.127   2.976   1.00 45.86  ? 219 HOH A O      1 
HETATM 446 O  O      . HOH G 5 .  ? 5.656   -5.461  15.131  1.00 35.66  ? 220 HOH A O      1 
HETATM 447 O  O      . HOH G 5 .  ? -7.256  4.645   -13.643 1.00 52.49  ? 221 HOH A O      1 
HETATM 448 O  O      . HOH G 5 .  ? 0.994   0.288   7.617   1.00 45.99  ? 222 HOH A O      1 
HETATM 449 O  O      . HOH G 5 .  ? -6.612  -9.949  -2.315  1.00 38.66  ? 223 HOH A O      1 
HETATM 450 O  O      . HOH G 5 .  ? -0.627  -7.794  1.619   1.00 54.40  ? 224 HOH A O      1 
HETATM 451 O  O      . HOH G 5 .  ? 0.173   -11.367 -2.043  0.33 33.19  ? 225 HOH A O      1 
HETATM 452 O  O      . HOH G 5 .  ? 7.488   -8.294  12.801  0.33 30.13  ? 226 HOH A O      1 
HETATM 453 O  O      . HOH G 5 .  ? 5.820   -8.994  9.418   0.33 26.95  ? 227 HOH A O      1 
HETATM 454 O  O      . HOH G 5 .  ? -10.833 -1.369  -1.396  1.00 52.81  ? 228 HOH A O      1 
HETATM 455 O  O      . HOH G 5 .  ? -2.916  2.234   6.061   1.00 55.90  ? 229 HOH A O      1 
HETATM 456 O  O      . HOH G 5 .  ? 0.368   0.157   -3.145  1.00 61.52  ? 230 HOH A O      1 
HETATM 457 O  O      . HOH G 5 .  ? 7.487   1.159   -2.820  1.00 56.54  ? 231 HOH A O      1 
HETATM 458 O  O      . HOH G 5 .  ? 13.017  10.903  -0.514  1.00 57.80  ? 232 HOH A O      1 
HETATM 459 O  O      . HOH G 5 .  ? -6.567  -4.144  1.943   1.00 41.46  ? 233 HOH A O      1 
HETATM 460 O  O      . HOH G 5 .  ? 13.786  7.883   3.601   1.00 45.45  ? 234 HOH A O      1 
HETATM 461 O  O      . HOH G 5 .  ? 15.004  4.225   -1.608  1.00 54.21  ? 235 HOH A O      1 
HETATM 462 O  O      . HOH G 5 .  ? -4.666  5.369   -13.140 1.00 68.75  ? 236 HOH A O      1 
HETATM 463 O  O      . HOH G 5 .  ? 3.423   2.422   8.517   1.00 54.31  ? 237 HOH A O      1 
HETATM 464 O  O      . HOH G 5 .  ? 6.285   2.230   10.611  1.00 48.55  ? 238 HOH A O      1 
HETATM 465 O  O      . HOH G 5 .  ? 13.422  -3.507  -1.985  1.00 48.95  ? 239 HOH A O      1 
HETATM 466 O  O      . HOH G 5 .  ? -15.243 -1.229  -9.740  1.00 55.06  ? 240 HOH A O      1 
HETATM 467 O  O      . HOH G 5 .  ? 15.164  5.418   3.575   1.00 54.87  ? 241 HOH A O      1 
HETATM 468 O  O      . HOH G 5 .  ? -13.231 -1.529  -1.507  1.00 66.03  ? 242 HOH A O      1 
HETATM 469 O  O      . HOH G 5 .  ? 9.300   -6.224  14.366  1.00 53.83  ? 243 HOH A O      1 
HETATM 470 O  O      . HOH G 5 .  ? 6.273   -2.659  15.411  1.00 61.90  ? 244 HOH A O      1 
HETATM 471 O  O      . HOH G 5 .  ? 9.427   -7.479  16.737  0.33 54.10  ? 245 HOH A O      1 
# 
loop_
_atom_site_anisotrop.id 
_atom_site_anisotrop.type_symbol 
_atom_site_anisotrop.pdbx_label_atom_id 
_atom_site_anisotrop.pdbx_label_alt_id 
_atom_site_anisotrop.pdbx_label_comp_id 
_atom_site_anisotrop.pdbx_label_asym_id 
_atom_site_anisotrop.pdbx_label_seq_id 
_atom_site_anisotrop.pdbx_PDB_ins_code 
_atom_site_anisotrop.U[1][1] 
_atom_site_anisotrop.U[2][2] 
_atom_site_anisotrop.U[3][3] 
_atom_site_anisotrop.U[1][2] 
_atom_site_anisotrop.U[1][3] 
_atom_site_anisotrop.U[2][3] 
_atom_site_anisotrop.pdbx_auth_seq_id 
_atom_site_anisotrop.pdbx_auth_comp_id 
_atom_site_anisotrop.pdbx_auth_asym_id 
_atom_site_anisotrop.pdbx_auth_atom_id 
1   O  "O5'" . G   A 1  ? 0.5757 0.4925 0.4339 0.0235  -0.0566 -0.0013 1  G   A "O5'" 
2   C  "C5'" . G   A 1  ? 0.5807 0.4752 0.4094 0.0340  -0.0589 -0.0210 1  G   A "C5'" 
3   C  "C4'" . G   A 1  ? 0.5952 0.3527 0.3916 0.0081  -0.0698 -0.0230 1  G   A "C4'" 
4   O  "O4'" . G   A 1  ? 0.5815 0.3354 0.4035 0.0206  -0.0836 -0.0320 1  G   A "O4'" 
5   C  "C3'" . G   A 1  ? 0.5722 0.3725 0.3797 -0.0082 -0.0699 -0.0264 1  G   A "C3'" 
6   O  "O3'" . G   A 1  ? 0.6036 0.4275 0.3691 -0.0098 -0.0735 -0.0380 1  G   A "O3'" 
7   C  "C2'" . G   A 1  ? 0.5104 0.3941 0.3815 -0.0135 -0.0352 -0.0460 1  G   A "C2'" 
8   O  "O2'" . G   A 1  ? 0.5271 0.4235 0.4104 -0.0287 -0.0293 -0.0660 1  G   A "O2'" 
9   C  "C1'" . G   A 1  ? 0.4931 0.3379 0.3948 -0.0084 -0.0522 -0.0527 1  G   A "C1'" 
10  N  N9    . G   A 1  ? 0.4853 0.3492 0.3721 -0.0385 -0.0501 -0.0512 1  G   A N9    
11  C  C8    . G   A 1  ? 0.4689 0.3694 0.3675 -0.0145 -0.0529 -0.0425 1  G   A C8    
12  N  N7    . G   A 1  ? 0.4859 0.3487 0.3774 -0.0141 -0.0643 -0.0205 1  G   A N7    
13  C  C5    . G   A 1  ? 0.4916 0.3642 0.3451 0.0008  -0.0543 -0.0141 1  G   A C5    
14  C  C6    . G   A 1  ? 0.4867 0.4239 0.3290 -0.0142 -0.0441 -0.0238 1  G   A C6    
15  O  O6    . G   A 1  ? 0.4833 0.4115 0.3468 -0.0089 -0.0674 -0.0264 1  G   A O6    
16  N  N1    . G   A 1  ? 0.4545 0.4120 0.3125 -0.0289 -0.0343 -0.0306 1  G   A N1    
17  C  C2    . G   A 1  ? 0.4581 0.3986 0.3257 -0.0178 -0.0368 -0.0408 1  G   A C2    
18  N  N2    . G   A 1  ? 0.4503 0.4134 0.3136 -0.0115 -0.0325 -0.0549 1  G   A N2    
19  N  N3    . G   A 1  ? 0.5001 0.3284 0.3484 -0.0188 -0.0612 -0.0431 1  G   A N3    
20  C  C4    . G   A 1  ? 0.4836 0.3592 0.3759 -0.0150 -0.0626 -0.0537 1  G   A C4    
21  P  P     . G   A 2  ? 0.6430 0.4805 0.3647 -0.0256 -0.0821 -0.0051 2  G   A P     
22  O  OP1   . G   A 2  ? 0.6914 0.5257 0.3804 -0.0210 -0.0914 -0.0048 2  G   A OP1   
23  O  OP2   . G   A 2  ? 0.6019 0.5869 0.4020 0.0106  -0.1068 -0.0355 2  G   A OP2   
24  O  "O5'" . G   A 2  ? 0.6778 0.4045 0.3693 -0.0406 -0.0670 -0.0032 2  G   A "O5'" 
25  C  "C5'" . G   A 2  ? 0.6495 0.4432 0.3849 -0.0496 -0.0541 -0.0372 2  G   A "C5'" 
26  C  "C4'" . G   A 2  ? 0.6632 0.4078 0.3584 -0.0854 -0.0343 -0.0154 2  G   A "C4'" 
27  O  "O4'" . G   A 2  ? 0.6789 0.3567 0.3425 -0.1287 -0.0190 0.0136  2  G   A "O4'" 
28  C  "C3'" . G   A 2  ? 0.6574 0.3725 0.3313 -0.0960 -0.0197 0.0048  2  G   A "C3'" 
29  O  "O3'" . G   A 2  ? 0.6406 0.3961 0.3345 -0.0855 -0.0090 -0.0286 2  G   A "O3'" 
30  C  "C2'" . G   A 2  ? 0.6507 0.3609 0.3444 -0.0901 -0.0257 0.0060  2  G   A "C2'" 
31  O  "O2'" . G   A 2  ? 0.6202 0.3745 0.3777 -0.0688 -0.0218 -0.0289 2  G   A "O2'" 
32  C  "C1'" . G   A 2  ? 0.6698 0.3210 0.3369 -0.1280 -0.0317 0.0107  2  G   A "C1'" 
33  N  N9    . G   A 2  ? 0.6197 0.3499 0.2970 -0.0835 -0.0271 -0.0051 2  G   A N9    
34  C  C8    . G   A 2  ? 0.5907 0.3843 0.3257 -0.0598 -0.0534 -0.0556 2  G   A C8    
35  N  N7    . G   A 2  ? 0.6045 0.3806 0.3140 -0.0637 -0.0661 -0.0136 2  G   A N7    
36  C  C5    . G   A 2  ? 0.6205 0.3392 0.3015 -0.0742 -0.0622 0.0124  2  G   A C5    
37  C  C6    . G   A 2  ? 0.5327 0.3906 0.3094 -0.0723 -0.0510 -0.0167 2  G   A C6    
38  O  O6    . G   A 2  ? 0.5189 0.4227 0.3074 -0.0408 -0.0543 -0.0314 2  G   A O6    
39  N  N1    . G   A 2  ? 0.5343 0.3706 0.3391 -0.0725 -0.0557 -0.0484 2  G   A N1    
40  C  C2    . G   A 2  ? 0.5682 0.3900 0.3002 -0.0644 -0.0188 -0.0041 2  G   A C2    
41  N  N2    . G   A 2  ? 0.5874 0.3453 0.3282 -0.0581 -0.0337 -0.0170 2  G   A N2    
42  N  N3    . G   A 2  ? 0.6056 0.3235 0.2754 -0.0895 -0.0031 0.0155  2  G   A N3    
43  C  C4    . G   A 2  ? 0.6102 0.3373 0.2829 -0.0789 -0.0314 0.0221  2  G   A C4    
44  P  P     . U   A 3  ? 0.6065 0.4527 0.3046 -0.0573 0.0191  0.0015  3  U   A P     
45  O  OP1   . U   A 3  ? 0.6201 0.4637 0.3184 -0.1147 0.0583  -0.0184 3  U   A OP1   
46  O  OP2   . U   A 3  ? 0.6567 0.4964 0.3726 -0.0291 -0.0593 -0.0183 3  U   A OP2   
47  O  "O5'" . U   A 3  ? 0.5606 0.4225 0.3329 -0.0303 0.0131  -0.0197 3  U   A "O5'" 
48  C  "C5'" . U   A 3  ? 0.5691 0.4040 0.3088 -0.0361 0.0287  -0.0047 3  U   A "C5'" 
49  C  "C4'" . U   A 3  ? 0.4834 0.4119 0.3282 -0.0474 0.0405  -0.0640 3  U   A "C4'" 
50  O  "O4'" . U   A 3  ? 0.4788 0.3731 0.3415 -0.0757 0.0097  -0.0429 3  U   A "O4'" 
51  C  "C3'" . U   A 3  ? 0.4796 0.3944 0.3214 -0.0702 0.0360  -0.0765 3  U   A "C3'" 
52  O  "O3'" . U   A 3  ? 0.5565 0.3604 0.3318 -0.0808 0.0346  -0.0641 3  U   A "O3'" 
53  C  "C2'" . U   A 3  ? 0.4541 0.4140 0.3482 -0.0555 -0.0029 -0.0553 3  U   A "C2'" 
54  O  "O2'" . U   A 3  ? 0.4283 0.4645 0.3682 -0.0794 -0.0158 -0.0485 3  U   A "O2'" 
55  C  "C1'" . U   A 3  ? 0.4499 0.3544 0.3395 -0.0734 -0.0026 -0.0240 3  U   A "C1'" 
56  N  N1    . U   A 3  ? 0.4187 0.4142 0.3016 -0.0704 0.0019  -0.0029 3  U   A N1    
57  C  C2    . U   A 3  ? 0.3746 0.4736 0.2945 -0.0511 -0.0069 0.0169  3  U   A C2    
58  O  O2    . U   A 3  ? 0.4141 0.5296 0.3111 -0.0582 -0.0209 0.0188  3  U   A O2    
59  N  N3    . U   A 3  ? 0.3689 0.4967 0.2925 -0.0121 -0.0306 0.0086  3  U   A N3    
60  C  C4    . U   A 3  ? 0.3890 0.4900 0.2822 -0.0018 -0.0302 -0.0266 3  U   A C4    
61  O  O4    . U   A 3  ? 0.4018 0.5413 0.2845 -0.0147 -0.0373 -0.0139 3  U   A O4    
62  C  C5    . U   A 3  ? 0.3492 0.4602 0.2912 -0.0598 -0.0116 -0.0314 3  U   A C5    
63  C  C6    . U   A 3  ? 0.4251 0.4303 0.3012 -0.0533 -0.0176 -0.0169 3  U   A C6    
64  P  P     . G   A 4  ? 0.6479 0.3878 0.3327 -0.0716 0.0183  -0.0609 4  G   A P     
65  O  OP1   . G   A 4  ? 0.6741 0.4658 0.3548 -0.0609 0.0520  -0.1064 4  G   A OP1   
66  O  OP2   . G   A 4  ? 0.7763 0.3653 0.3425 -0.0411 -0.0524 -0.0297 4  G   A OP2   
67  O  "O5'" . G   A 4  ? 0.5619 0.3409 0.3423 -0.0958 0.0193  0.0034  4  G   A "O5'" 
68  C  "C5'" . G   A 4  ? 0.5154 0.3843 0.3657 -0.1745 0.0140  0.0238  4  G   A "C5'" 
69  C  "C4'" . G   A 4  ? 0.4774 0.5216 0.3462 -0.0935 0.0047  -0.0444 4  G   A "C4'" 
70  O  "O4'" . G   A 4  ? 0.4309 0.4934 0.3900 -0.0706 -0.0291 -0.0818 4  G   A "O4'" 
71  C  "C3'" . G   A 4  ? 0.4640 0.5275 0.3583 -0.0379 -0.0197 -0.1235 4  G   A "C3'" 
72  O  "O3'" . G   A 4  ? 0.5401 0.5992 0.4498 0.0588  -0.0944 -0.2392 4  G   A "O3'" 
73  C  "C2'" . G   A 4  ? 0.4751 0.4786 0.3916 -0.0267 -0.0399 -0.1238 4  G   A "C2'" 
74  O  "O2'" . G   A 4  ? 0.4757 0.4950 0.4034 -0.0380 -0.0146 -0.1207 4  G   A "O2'" 
75  C  "C1'" . G   A 4  ? 0.4311 0.5001 0.3898 -0.0440 -0.0212 -0.1197 4  G   A "C1'" 
76  N  N9    . G   A 4  ? 0.4581 0.4235 0.3695 -0.0660 -0.0195 -0.1128 4  G   A N9    
77  C  C8    . G   A 4  ? 0.4392 0.4823 0.3128 -0.0630 -0.0056 -0.1101 4  G   A C8    
78  N  N7    . G   A 4  ? 0.3766 0.4221 0.2959 -0.0440 -0.0214 -0.0787 4  G   A N7    
79  C  C5    . G   A 4  ? 0.4100 0.3806 0.3469 -0.0354 -0.0566 -0.0795 4  G   A C5    
80  C  C6    . G   A 4  ? 0.4750 0.5053 0.3609 -0.0261 -0.0960 -0.0616 4  G   A C6    
81  O  O6    . G   A 4  ? 0.4942 0.4322 0.3738 -0.0228 -0.1306 -0.0404 4  G   A O6    
82  N  N1    . G   A 4  ? 0.4274 0.4878 0.3238 -0.0550 -0.0694 -0.0074 4  G   A N1    
83  C  C2    . G   A 4  ? 0.4086 0.6268 0.2926 -0.0437 -0.0162 -0.0383 4  G   A C2    
84  N  N2    . G   A 4  ? 0.3734 0.6658 0.2885 -0.1008 -0.0045 0.0107  4  G   A N2    
85  N  N3    . G   A 4  ? 0.4075 0.7433 0.3008 -0.0321 0.0177  -0.1250 4  G   A N3    
86  C  C4    . G   A 4  ? 0.4186 0.5742 0.3438 -0.0311 -0.0023 -0.1334 4  G   A C4    
87  P  P     . G   A 5  ? 0.5421 0.5893 0.4372 -0.0708 -0.0392 -0.1753 5  G   A P     
88  O  OP1   . G   A 5  ? 0.6434 0.6154 0.5067 -0.0584 -0.1041 -0.1545 5  G   A OP1   
89  O  OP2   . G   A 5  ? 0.5137 0.6600 0.4504 -0.0996 -0.0218 -0.2107 5  G   A OP2   
90  O  "O5'" . G   A 5  ? 0.4908 0.6289 0.4901 -0.1058 -0.0414 -0.2330 5  G   A "O5'" 
91  C  "C5'" . G   A 5  ? 0.4464 0.6153 0.5060 -0.0547 -0.0699 -0.2482 5  G   A "C5'" 
92  C  "C4'" . G   A 5  ? 0.3352 0.4918 0.4624 0.0298  -0.1027 -0.1700 5  G   A "C4'" 
93  O  "O4'" . G   A 5  ? 0.3643 0.5159 0.4901 0.0630  -0.1464 -0.1884 5  G   A "O4'" 
94  C  "C3'" . G   A 5  ? 0.3609 0.4203 0.4129 -0.0172 -0.0961 -0.1317 5  G   A "C3'" 
95  O  "O3'" . G   A 5  ? 0.4015 0.3778 0.3730 -0.0291 -0.1083 -0.0812 5  G   A "O3'" 
96  C  "C2'" . G   A 5  ? 0.4110 0.4635 0.4028 0.0189  -0.1079 -0.1222 5  G   A "C2'" 
97  O  "O2'" . G   A 5  ? 0.4504 0.5358 0.3375 0.0274  -0.0642 -0.1229 5  G   A "O2'" 
98  C  "C1'" . G   A 5  ? 0.3759 0.4257 0.4478 0.0225  -0.1294 -0.1395 5  G   A "C1'" 
99  N  N9    . G   A 5  ? 0.3919 0.4539 0.4537 0.0163  -0.1277 -0.1700 5  G   A N9    
100 C  C8    . G   A 5  ? 0.3981 0.5093 0.4581 0.0255  -0.1390 -0.1770 5  G   A C8    
101 N  N7    . G   A 5  ? 0.4282 0.5153 0.4509 0.0157  -0.1291 -0.1747 5  G   A N7    
102 C  C5    . G   A 5  ? 0.3941 0.4743 0.4234 0.0337  -0.1217 -0.1480 5  G   A C5    
103 C  C6    . G   A 5  ? 0.4316 0.5001 0.4377 0.0351  -0.1534 -0.1360 5  G   A C6    
104 O  O6    . G   A 5  ? 0.4453 0.5274 0.4656 0.0774  -0.1768 -0.1454 5  G   A O6    
105 N  N1    . G   A 5  ? 0.4748 0.4747 0.4204 0.0468  -0.1708 -0.1113 5  G   A N1    
106 C  C2    . G   A 5  ? 0.4414 0.5868 0.3943 0.1141  -0.1569 -0.1483 5  G   A C2    
107 N  N2    . G   A 5  ? 0.4038 0.5719 0.3567 0.1534  -0.1436 -0.1216 5  G   A N2    
108 N  N3    . G   A 5  ? 0.4057 0.4837 0.3805 0.0885  -0.1337 -0.1243 5  G   A N3    
109 C  C4    . G   A 5  ? 0.3998 0.5140 0.4240 0.0589  -0.1311 -0.1663 5  G   A C4    
110 P  P     . G   A 6  ? 0.4067 0.4085 0.3228 -0.0232 -0.0642 -0.0220 6  G   A P     
111 O  OP1   . G   A 6  ? 0.4464 0.3764 0.3579 -0.0324 -0.0803 -0.0533 6  G   A OP1   
112 O  OP2   . G   A 6  ? 0.4289 0.4218 0.3432 -0.0600 -0.0561 0.0012  6  G   A OP2   
113 O  "O5'" . G   A 6  ? 0.4036 0.4556 0.3236 -0.0197 -0.0733 -0.0480 6  G   A "O5'" 
114 C  "C5'" . G   A 6  ? 0.3871 0.4846 0.3113 0.0004  -0.0598 -0.0445 6  G   A "C5'" 
115 C  "C4'" . G   A 6  ? 0.3741 0.4473 0.3359 0.0094  -0.0906 -0.0361 6  G   A "C4'" 
116 O  "O4'" . G   A 6  ? 0.3756 0.4217 0.3356 0.0205  -0.1123 -0.0338 6  G   A "O4'" 
117 C  "C3'" . G   A 6  ? 0.3967 0.4820 0.3118 0.0357  -0.0989 -0.0213 6  G   A "C3'" 
118 O  "O3'" . G   A 6  ? 0.4056 0.4909 0.3335 0.0037  -0.1143 -0.0278 6  G   A "O3'" 
119 C  "C2'" . G   A 6  ? 0.3813 0.5034 0.2736 0.0525  -0.0685 0.0145  6  G   A "C2'" 
120 O  "O2'" . G   A 6  ? 0.3886 0.5051 0.3031 0.0449  -0.0584 0.0274  6  G   A "O2'" 
121 C  "C1'" . G   A 6  ? 0.3603 0.4776 0.3319 0.0490  -0.1046 -0.0186 6  G   A "C1'" 
122 N  N9    . G   A 6  ? 0.3407 0.4338 0.3178 0.0180  -0.0757 -0.0032 6  G   A N9    
123 C  C8    . G   A 6  ? 0.3396 0.4942 0.3286 0.0118  -0.0771 -0.0303 6  G   A C8    
124 N  N7    . G   A 6  ? 0.3770 0.4511 0.3388 0.0227  -0.0887 -0.0476 6  G   A N7    
125 C  C5    . G   A 6  ? 0.3478 0.4203 0.3429 0.0217  -0.0907 -0.0397 6  G   A C5    
126 C  C6    . G   A 6  ? 0.3923 0.4423 0.3403 -0.0078 -0.0936 0.0015  6  G   A C6    
127 O  O6    . G   A 6  ? 0.3984 0.4404 0.3423 0.0152  -0.0959 0.0114  6  G   A O6    
128 N  N1    . G   A 6  ? 0.3836 0.4388 0.3312 -0.0006 -0.0981 0.0004  6  G   A N1    
129 C  C2    . G   A 6  ? 0.3706 0.4088 0.3435 0.0318  -0.1040 -0.0064 6  G   A C2    
130 N  N2    . G   A 6  ? 0.3670 0.4421 0.2894 0.0372  -0.0625 0.0184  6  G   A N2    
131 N  N3    . G   A 6  ? 0.4073 0.3778 0.3253 0.0082  -0.0931 0.0205  6  G   A N3    
132 C  C4    . G   A 6  ? 0.3563 0.4035 0.3418 0.0232  -0.0947 -0.0127 6  G   A C4    
133 P  P     . G   A 7  ? 0.3895 0.5527 0.3505 -0.0014 -0.0895 -0.0241 7  G   A P     
134 O  OP1   . G   A 7  ? 0.4396 0.4831 0.4079 -0.0322 -0.1318 -0.0453 7  G   A OP1   
135 O  OP2   . G   A 7  ? 0.3767 0.6301 0.3469 -0.0292 -0.0783 0.0096  7  G   A OP2   
136 O  "O5'" . G   A 7  ? 0.3802 0.4642 0.3814 -0.0210 -0.0818 0.0042  7  G   A "O5'" 
137 C  "C5'" . G   A 7  ? 0.3878 0.4084 0.3979 -0.0462 -0.0833 -0.0064 7  G   A "C5'" 
138 C  "C4'" . G   A 7  ? 0.4104 0.4332 0.4008 -0.0277 -0.1023 -0.0098 7  G   A "C4'" 
139 O  "O4'" . G   A 7  ? 0.4172 0.4483 0.4205 -0.0021 -0.1267 -0.0107 7  G   A "O4'" 
140 C  "C3'" . G   A 7  ? 0.3640 0.4312 0.3989 -0.0400 -0.0910 -0.0155 7  G   A "C3'" 
141 O  "O3'" . G   A 7  ? 0.3823 0.4628 0.3928 -0.0117 -0.1069 0.0126  7  G   A "O3'" 
142 C  "C2'" . G   A 7  ? 0.3640 0.4903 0.4238 -0.0057 -0.1015 -0.0320 7  G   A "C2'" 
143 O  "O2'" . G   A 7  ? 0.4185 0.5521 0.4480 0.0170  -0.0956 -0.0593 7  G   A "O2'" 
144 C  "C1'" . G   A 7  ? 0.4266 0.4109 0.4112 -0.0089 -0.1343 0.0226  7  G   A "C1'" 
145 N  N9    . G   A 7  ? 0.4468 0.4172 0.4070 -0.0330 -0.1738 0.0321  7  G   A N9    
146 C  C8    . G   A 7  ? 0.4390 0.4526 0.4142 -0.0191 -0.1879 0.0236  7  G   A C8    
147 N  N7    . G   A 7  ? 0.3909 0.4325 0.4232 -0.0298 -0.1751 0.0250  7  G   A N7    
148 C  C5    . G   A 7  ? 0.4319 0.4664 0.4151 -0.0519 -0.1833 0.0393  7  G   A C5    
149 C  C6    . G   A 7  ? 0.4288 0.5134 0.4269 -0.0454 -0.1724 0.0407  7  G   A C6    
150 O  O6    . G   A 7  ? 0.4573 0.5105 0.4312 -0.0753 -0.1476 0.0452  7  G   A O6    
151 N  N1    . G   A 7  ? 0.4130 0.5873 0.4139 0.0235  -0.1814 0.0194  7  G   A N1    
152 C  C2    . G   A 7  ? 0.4433 0.5558 0.4183 0.0195  -0.1854 0.0209  7  G   A C2    
153 N  N2    . G   A 7  ? 0.4765 0.5180 0.3958 -0.0195 -0.1871 0.0644  7  G   A N2    
154 N  N3    . G   A 7  ? 0.4963 0.4237 0.4210 -0.0238 -0.1866 0.0460  7  G   A N3    
155 C  C4    . G   A 7  ? 0.4593 0.3835 0.4130 -0.0680 -0.1799 0.0563  7  G   A C4    
156 P  P     . A   A 8  ? 0.3922 0.4867 0.4204 0.0039  -0.1160 -0.0345 8  A   A P     
157 O  OP1   . A   A 8  ? 0.4206 0.4699 0.4229 0.0066  -0.1238 -0.0523 8  A   A OP1   
158 O  OP2   . A   A 8  ? 0.3928 0.5065 0.4304 -0.0450 -0.1195 -0.0270 8  A   A OP2   
159 O  "O5'" . A   A 8  ? 0.4320 0.5077 0.4042 -0.0057 -0.0964 -0.0499 8  A   A "O5'" 
160 C  "C5'" . A   A 8  ? 0.4650 0.4902 0.3912 -0.0064 -0.0999 0.0068  8  A   A "C5'" 
161 C  "C4'" . A   A 8  ? 0.4225 0.5629 0.4330 -0.0037 -0.1097 0.0027  8  A   A "C4'" 
162 O  "O4'" . A   A 8  ? 0.4568 0.6233 0.4775 -0.0297 -0.1423 -0.0194 8  A   A "O4'" 
163 C  "C3'" . A   A 8  ? 0.4172 0.5835 0.4285 -0.0217 -0.0968 0.0447  8  A   A "C3'" 
164 O  "O3'" . A   A 8  ? 0.4090 0.6210 0.4585 -0.0451 -0.1072 0.0507  8  A   A "O3'" 
165 C  "C2'" . A   A 8  ? 0.4466 0.6967 0.4536 0.0156  -0.0865 -0.0257 8  A   A "C2'" 
166 O  "O2'" . A   A 8  ? 0.5227 0.7206 0.4704 0.0103  -0.0801 -0.0550 8  A   A "O2'" 
167 C  "C1'" . A   A 8  ? 0.4609 0.6346 0.4700 -0.0251 -0.1352 0.0028  8  A   A "C1'" 
168 N  N9    . A   A 8  ? 0.4490 0.6338 0.4636 -0.0357 -0.1437 0.0217  8  A   A N9    
169 C  C8    . A   A 8  ? 0.4302 0.6748 0.4687 -0.0256 -0.1493 0.0318  8  A   A C8    
170 N  N7    . A   A 8  ? 0.4200 0.6910 0.4529 -0.0188 -0.1284 0.0564  8  A   A N7    
171 C  C5    . A   A 8  ? 0.4499 0.6721 0.4174 -0.0264 -0.1212 0.0825  8  A   A C5    
172 C  C6    . A   A 8  ? 0.4967 0.6900 0.4337 -0.0109 -0.1165 0.0731  8  A   A C6    
173 N  N6    . A   A 8  ? 0.5281 0.6760 0.4013 0.0098  -0.0847 0.1250  8  A   A N6    
174 N  N1    . A   A 8  ? 0.4688 0.6791 0.4197 -0.0317 -0.1141 0.0659  8  A   A N1    
175 C  C2    . A   A 8  ? 0.4818 0.6841 0.4352 -0.0139 -0.1334 0.0245  8  A   A C2    
176 N  N3    . A   A 8  ? 0.4785 0.6517 0.4076 -0.0464 -0.0979 0.0356  8  A   A N3    
177 C  C4    . A   A 8  ? 0.4766 0.6290 0.4274 -0.0543 -0.1242 0.0449  8  A   A C4    
178 P  P     . C   A 9  ? 0.3909 0.6705 0.4713 -0.0191 -0.0881 0.0296  9  C   A P     
179 O  OP1   . C   A 9  ? 0.3475 0.7766 0.5145 0.0441  -0.0777 -0.0159 9  C   A OP1   
180 O  OP2   . C   A 9  ? 0.4463 0.6222 0.4437 -0.0097 -0.0968 0.0291  9  C   A OP2   
181 O  "O5'" . C   A 9  ? 0.4013 0.6684 0.4356 -0.0118 -0.0695 0.0497  9  C   A "O5'" 
182 C  "C5'" . C   A 9  ? 0.4213 0.6907 0.4669 -0.0312 -0.0685 0.0202  9  C   A "C5'" 
183 C  "C4'" . C   A 9  ? 0.4281 0.7149 0.4653 -0.0431 -0.0516 -0.0176 9  C   A "C4'" 
184 O  "O4'" . C   A 9  ? 0.4660 0.6913 0.4063 -0.0853 -0.0434 -0.0003 9  C   A "O4'" 
185 C  "C3'" . C   A 9  ? 0.4267 0.7330 0.5065 -0.0389 -0.0423 -0.0390 9  C   A "C3'" 
186 O  "O3'" . C   A 9  ? 0.4177 0.7728 0.6167 -0.0397 -0.0559 -0.0740 9  C   A "O3'" 
187 C  "C2'" . C   A 9  ? 0.4801 0.7440 0.4381 -0.0619 -0.0239 -0.0067 9  C   A "C2'" 
188 O  "O2'" . C   A 9  ? 0.5379 0.7826 0.4317 -0.0632 0.0019  -0.0067 9  C   A "O2'" 
189 C  "C1'" . C   A 9  ? 0.4819 0.7121 0.3873 -0.0578 -0.0338 0.0216  9  C   A "C1'" 
190 N  N1    . C   A 9  ? 0.4182 0.7257 0.4098 -0.0291 -0.0888 0.0391  9  C   A N1    
191 C  C2    . C   A 9  ? 0.4372 0.6924 0.4087 -0.0584 -0.0957 0.0809  9  C   A C2    
192 O  O2    . C   A 9  ? 0.4766 0.6408 0.4146 -0.1125 -0.0850 0.1138  9  C   A O2    
193 N  N3    . C   A 9  ? 0.4228 0.7380 0.3630 0.0317  -0.0902 0.1035  9  C   A N3    
194 C  C4    . C   A 9  ? 0.4448 0.7169 0.3531 0.0543  -0.0850 0.0894  9  C   A C4    
195 N  N4    . C   A 9  ? 0.5217 0.6364 0.3745 0.0386  -0.0967 0.1093  9  C   A N4    
196 C  C5    . C   A 9  ? 0.4259 0.7059 0.3473 0.0302  -0.1237 0.1168  9  C   A C5    
197 C  C6    . C   A 9  ? 0.4107 0.7416 0.3928 0.0307  -0.1250 0.0415  9  C   A C6    
198 P  P     . G   A 10 ? 0.4037 0.8207 0.7223 -0.0479 -0.0874 -0.1096 10 G   A P     
199 O  OP1   . G   A 10 ? 0.3292 1.0706 0.7883 0.0589  -0.0813 -0.2075 10 G   A OP1   
200 O  OP2   . G   A 10 ? 0.4600 0.7848 0.7926 -0.0346 -0.1772 -0.1296 10 G   A OP2   
201 O  "O5'" . G   A 10 ? 0.4636 0.7477 0.7079 -0.1130 -0.0747 -0.0612 10 G   A "O5'" 
202 C  "C5'" . G   A 10 ? 0.5563 0.6980 0.6762 -0.1605 -0.0942 -0.0020 10 G   A "C5'" 
203 C  "C4'" . G   A 10 ? 0.5597 0.7276 0.6294 -0.1687 -0.1020 0.0320  10 G   A "C4'" 
204 O  "O4'" . G   A 10 ? 0.5964 0.6986 0.5924 -0.1705 -0.1168 0.0455  10 G   A "O4'" 
205 C  "C3'" . G   A 10 ? 0.5839 0.7743 0.6534 -0.1676 -0.1380 0.0234  10 G   A "C3'" 
206 O  "O3'" . G   A 10 ? 0.5847 0.8560 0.7252 -0.1696 -0.1803 0.0021  10 G   A "O3'" 
207 C  "C2'" . G   A 10 ? 0.5666 0.8006 0.6210 -0.1421 -0.1234 0.0050  10 G   A "C2'" 
208 O  "O2'" . G   A 10 ? 0.6124 0.8913 0.6009 -0.1396 -0.1005 0.0118  10 G   A "O2'" 
209 C  "C1'" . G   A 10 ? 0.5832 0.6672 0.5778 -0.1564 -0.1336 0.0375  10 G   A "C1'" 
210 N  N9    . G   A 10 ? 0.5353 0.5647 0.5455 -0.1240 -0.1624 0.0380  10 G   A N9    
211 C  C8    . G   A 10 ? 0.5163 0.5024 0.5134 -0.1138 -0.1718 0.0748  10 G   A C8    
212 N  N7    . G   A 10 ? 0.4451 0.5055 0.5386 -0.0895 -0.1998 0.0422  10 G   A N7    
213 C  C5    . G   A 10 ? 0.4963 0.4897 0.5045 -0.1010 -0.1873 0.0579  10 G   A C5    
214 C  C6    . G   A 10 ? 0.4664 0.4765 0.4676 -0.0782 -0.1701 0.0809  10 G   A C6    
215 O  O6    . G   A 10 ? 0.4147 0.5206 0.4803 -0.0492 -0.1542 0.0520  10 G   A O6    
216 N  N1    . G   A 10 ? 0.5244 0.4624 0.4656 -0.0892 -0.1855 0.0812  10 G   A N1    
217 C  C2    . G   A 10 ? 0.5929 0.4237 0.4820 -0.1067 -0.1850 0.0699  10 G   A C2    
218 N  N2    . G   A 10 ? 0.6479 0.4556 0.4549 -0.0624 -0.1681 0.0403  10 G   A N2    
219 N  N3    . G   A 10 ? 0.5982 0.4408 0.5106 -0.1191 -0.1834 0.0457  10 G   A N3    
220 C  C4    . G   A 10 ? 0.5460 0.4916 0.5142 -0.1112 -0.1744 0.0443  10 G   A C4    
221 P  P     . A   A 11 ? 0.5268 0.9466 0.7658 -0.1595 -0.1931 -0.0020 11 A   A P     
222 O  OP1   . A   A 11 ? 0.4202 1.0520 0.8163 -0.1445 -0.1810 -0.0629 11 A   A OP1   
223 O  OP2   . A   A 11 ? 0.5620 0.9298 0.7644 -0.1614 -0.2222 0.0110  11 A   A OP2   
224 O  "O5'" . A   A 11 ? 0.5692 1.0713 0.7669 -0.1320 -0.1811 0.0086  11 A   A "O5'" 
225 C  "C5'" . A   A 11 ? 0.5809 1.0712 0.7691 -0.1383 -0.1728 0.0348  11 A   A "C5'" 
226 C  "C4'" . A   A 11 ? 0.6380 1.0934 0.7653 -0.1022 -0.1755 0.0454  11 A   A "C4'" 
227 O  "O4'" . A   A 11 ? 0.6614 1.2548 0.7976 0.0002  -0.1789 -0.0265 11 A   A "O4'" 
228 C  "C3'" . A   A 11 ? 0.7029 0.9631 0.7562 -0.1458 -0.1945 0.0822  11 A   A "C3'" 
229 O  "O3'" . A   A 11 ? 0.6983 0.7608 0.7034 -0.1981 -0.1812 0.1001  11 A   A "O3'" 
230 C  "C2'" . A   A 11 ? 0.7547 1.1161 0.7814 -0.0762 -0.2080 0.0494  11 A   A "C2'" 
231 O  "O2'" . A   A 11 ? 0.8536 1.1336 0.7783 -0.0662 -0.2301 0.0683  11 A   A "O2'" 
232 C  "C1'" . A   A 11 ? 0.6943 1.2240 0.8089 -0.0071 -0.1945 -0.0124 11 A   A "C1'" 
233 P  P     . C   A 12 ? 0.7134 0.6146 0.7042 -0.2205 -0.1990 0.0140  12 C   A P     
234 O  OP1   . C   A 12 ? 0.7251 0.6903 0.7310 -0.2115 -0.1875 -0.0364 12 C   A OP1   
235 O  OP2   . C   A 12 ? 0.6542 0.7315 0.7141 -0.1172 -0.2098 -0.0308 12 C   A OP2   
236 O  "O5'" . C   A 12 ? 0.6831 0.5914 0.6381 -0.1491 -0.2074 0.0326  12 C   A "O5'" 
237 C  "C5'" . C   A 12 ? 0.7057 0.4517 0.5824 -0.1454 -0.2233 0.0588  12 C   A "C5'" 
238 C  "C4'" . C   A 12 ? 0.7017 0.4198 0.5682 -0.1005 -0.2442 0.0371  12 C   A "C4'" 
239 O  "O4'" . C   A 12 ? 0.6923 0.3989 0.5570 -0.0886 -0.2465 0.0377  12 C   A "O4'" 
240 C  "C3'" . C   A 12 ? 0.7030 0.4085 0.5400 -0.0625 -0.2354 0.0381  12 C   A "C3'" 
241 O  "O3'" . C   A 12 ? 0.7204 0.4692 0.5528 -0.0078 -0.2367 -0.0082 12 C   A "O3'" 
242 C  "C2'" . C   A 12 ? 0.6660 0.4252 0.5360 -0.0610 -0.2261 0.0386  12 C   A "C2'" 
243 O  "O2'" . C   A 12 ? 0.6809 0.4591 0.5455 -0.0415 -0.2292 0.0451  12 C   A "O2'" 
244 C  "C1'" . C   A 12 ? 0.6488 0.4005 0.5436 -0.0676 -0.2402 0.0346  12 C   A "C1'" 
245 N  N1    . C   A 12 ? 0.5759 0.4455 0.5435 -0.0630 -0.2267 0.0064  12 C   A N1    
246 C  C2    . C   A 12 ? 0.5401 0.4200 0.5412 -0.0543 -0.2455 0.0090  12 C   A C2    
247 O  O2    . C   A 12 ? 0.5705 0.3863 0.5172 -0.0356 -0.2398 0.0401  12 C   A O2    
248 N  N3    . C   A 12 ? 0.4965 0.4548 0.4912 -0.0274 -0.2060 0.0063  12 C   A N3    
249 C  C4    . C   A 12 ? 0.5061 0.5106 0.4931 -0.0267 -0.1839 -0.0392 12 C   A C4    
250 N  N4    . C   A 12 ? 0.5037 0.4891 0.4741 -0.0717 -0.1754 -0.0187 12 C   A N4    
251 C  C5    . C   A 12 ? 0.4852 0.5750 0.5106 0.0242  -0.1655 -0.1023 12 C   A C5    
252 C  C6    . C   A 12 ? 0.5011 0.5834 0.5266 0.0034  -0.1730 -0.0757 12 C   A C6    
253 P  P     . C   A 13 ? 0.6800 0.4794 0.5605 -0.0274 -0.2357 -0.0480 13 C   A P     
254 O  OP1   . C   A 13 ? 0.7568 0.4745 0.5700 -0.0438 -0.2253 -0.0745 13 C   A OP1   
255 O  OP2   . C   A 13 ? 0.6688 0.5883 0.5637 -0.0201 -0.2115 -0.0381 13 C   A OP2   
256 O  "O5'" . C   A 13 ? 0.5564 0.4053 0.5465 -0.0496 -0.2115 -0.0162 13 C   A "O5'" 
257 C  "C5'" . C   A 13 ? 0.5458 0.3958 0.5230 -0.0215 -0.2046 -0.0219 13 C   A "C5'" 
258 C  "C4'" . C   A 13 ? 0.5248 0.3553 0.4570 0.0223  -0.1781 0.0124  13 C   A "C4'" 
259 O  "O4'" . C   A 13 ? 0.4611 0.4042 0.4462 0.0662  -0.1692 -0.0047 13 C   A "O4'" 
260 C  "C3'" . C   A 13 ? 0.5101 0.3656 0.4390 0.0474  -0.1583 0.0027  13 C   A "C3'" 
261 O  "O3'" . C   A 13 ? 0.5241 0.4311 0.4486 0.0837  -0.1482 -0.0237 13 C   A "O3'" 
262 C  "C2'" . C   A 13 ? 0.4387 0.4156 0.4396 0.0144  -0.1248 -0.0036 13 C   A "C2'" 
263 O  "O2'" . C   A 13 ? 0.4779 0.4328 0.4902 0.0140  -0.1483 -0.0173 13 C   A "O2'" 
264 C  "C1'" . C   A 13 ? 0.4379 0.3682 0.4200 0.0426  -0.1402 0.0151  13 C   A "C1'" 
265 N  N1    . C   A 13 ? 0.4010 0.4219 0.4141 0.0493  -0.1350 -0.0257 13 C   A N1    
266 C  C2    . C   A 13 ? 0.3854 0.4136 0.4271 0.0612  -0.1434 -0.0383 13 C   A C2    
267 O  O2    . C   A 13 ? 0.4156 0.4262 0.4373 0.0855  -0.1418 -0.0599 13 C   A O2    
268 N  N3    . C   A 13 ? 0.3647 0.4615 0.4237 0.0941  -0.1372 -0.0633 13 C   A N3    
269 C  C4    . C   A 13 ? 0.3424 0.4698 0.4326 0.0752  -0.1411 -0.0508 13 C   A C4    
270 N  N4    . C   A 13 ? 0.3463 0.5703 0.4378 0.1267  -0.1307 -0.0963 13 C   A N4    
271 C  C5    . C   A 13 ? 0.3310 0.5069 0.4283 0.0678  -0.1238 -0.0771 13 C   A C5    
272 C  C6    . C   A 13 ? 0.4026 0.4587 0.3980 0.0594  -0.1336 -0.0280 13 C   A C6    
273 P  P     . C   A 14 ? 0.5479 0.4513 0.4496 0.0736  -0.1469 -0.0377 14 C   A P     
274 O  OP1   . C   A 14 ? 0.5837 0.5269 0.4652 0.1201  -0.1264 -0.1041 14 C   A OP1   
275 O  OP2   . C   A 14 ? 0.5478 0.5472 0.4768 0.0500  -0.1631 -0.0304 14 C   A OP2   
276 O  "O5'" . C   A 14 ? 0.5433 0.4156 0.4209 0.0671  -0.1231 -0.0228 14 C   A "O5'" 
277 C  "C5'" . C   A 14 ? 0.5200 0.4463 0.4173 0.1064  -0.1266 -0.0447 14 C   A "C5'" 
278 C  "C4'" . C   A 14 ? 0.5182 0.4054 0.4298 0.1109  -0.1553 -0.0195 14 C   A "C4'" 
279 O  "O4'" . C   A 14 ? 0.4729 0.5115 0.4578 0.1354  -0.1729 -0.0617 14 C   A "O4'" 
280 C  "C3'" . C   A 14 ? 0.5220 0.3934 0.4006 0.1519  -0.1381 -0.0080 14 C   A "C3'" 
281 O  "O3'" . C   A 14 ? 0.5167 0.4536 0.3763 0.1180  -0.0976 0.0231  14 C   A "O3'" 
282 C  "C2'" . C   A 14 ? 0.5287 0.4417 0.4349 0.1243  -0.1542 -0.0157 14 C   A "C2'" 
283 O  "O2'" . C   A 14 ? 0.5871 0.4924 0.4867 0.1266  -0.1616 -0.0226 14 C   A "O2'" 
284 C  "C1'" . C   A 14 ? 0.5213 0.4606 0.4528 0.1182  -0.1776 -0.0571 14 C   A "C1'" 
285 N  N1    . C   A 14 ? 0.4593 0.5119 0.4225 0.1262  -0.1589 -0.1031 14 C   A N1    
286 C  C2    . C   A 14 ? 0.4660 0.5154 0.4441 0.1092  -0.1953 -0.1275 14 C   A C2    
287 O  O2    . C   A 14 ? 0.4724 0.5924 0.4955 0.1484  -0.2275 -0.1659 14 C   A O2    
288 N  N3    . C   A 14 ? 0.4513 0.4930 0.4424 0.0752  -0.1873 -0.1379 14 C   A N3    
289 C  C4    . C   A 14 ? 0.4323 0.4889 0.4427 0.0808  -0.1641 -0.1171 14 C   A C4    
290 N  N4    . C   A 14 ? 0.4015 0.5102 0.4821 0.0935  -0.1933 -0.0996 14 C   A N4    
291 C  C5    . C   A 14 ? 0.4259 0.4676 0.4169 0.0792  -0.1520 -0.1104 14 C   A C5    
292 C  C6    . C   A 14 ? 0.4704 0.4364 0.4027 0.0519  -0.1599 -0.0516 14 C   A C6    
293 P  P     . C   A 15 ? 0.5239 0.4734 0.3827 0.0880  -0.0694 0.0019  15 C   A P     
294 O  OP1   . C   A 15 ? 0.5363 0.5854 0.3844 0.1297  -0.0313 -0.0279 15 C   A OP1   
295 O  OP2   . C   A 15 ? 0.5651 0.4888 0.3996 0.0456  -0.0947 0.0299  15 C   A OP2   
296 O  "O5'" . C   A 15 ? 0.5047 0.3925 0.3840 0.0594  -0.0674 0.0225  15 C   A "O5'" 
297 C  "C5'" . C   A 15 ? 0.4402 0.3631 0.4005 0.0568  -0.0611 -0.0367 15 C   A "C5'" 
298 C  "C4'" . C   A 15 ? 0.3438 0.4481 0.3508 0.0782  -0.0418 0.0011  15 C   A "C4'" 
299 O  "O4'" . C   A 15 ? 0.3423 0.4696 0.3351 0.0477  -0.0401 0.0286  15 C   A "O4'" 
300 C  "C3'" . C   A 15 ? 0.3260 0.4734 0.3266 0.0801  -0.0465 0.0194  15 C   A "C3'" 
301 O  "O3'" . C   A 15 ? 0.3471 0.5785 0.2816 0.1106  -0.0405 0.0733  15 C   A "O3'" 
302 C  "C2'" . C   A 15 ? 0.3805 0.4028 0.3667 0.0563  -0.0757 0.0275  15 C   A "C2'" 
303 O  "O2'" . C   A 15 ? 0.3635 0.4796 0.3679 0.0783  -0.0558 0.0181  15 C   A "O2'" 
304 C  "C1'" . C   A 15 ? 0.3731 0.4495 0.3481 0.0689  -0.0698 0.0226  15 C   A "C1'" 
305 N  N1    . C   A 15 ? 0.4922 0.5591 0.3518 0.0704  -0.1352 0.0252  15 C   A N1    
306 C  C2    . C   A 15 ? 0.4383 0.6198 0.3654 0.0801  -0.1111 -0.0552 15 C   A C2    
307 O  O2    . C   A 15 ? 0.3267 0.8205 0.3899 0.0527  -0.0549 -0.1378 15 C   A O2    
308 N  N3    . C   A 15 ? 0.4630 0.5564 0.3535 -0.0137 -0.1279 0.0339  15 C   A N3    
309 C  C4    . C   A 15 ? 0.4460 0.6401 0.3755 -0.0005 -0.1519 0.0362  15 C   A C4    
310 N  N4    . C   A 15 ? 0.4344 0.8200 0.3700 0.0334  -0.1425 0.0171  15 C   A N4    
311 C  C5    . C   A 15 ? 0.4514 0.6111 0.3685 0.0169  -0.1583 0.0367  15 C   A C5    
312 C  C6    . C   A 15 ? 0.4792 0.5493 0.3506 0.0596  -0.1514 0.0379  15 C   A C6    
313 P  P     . A   A 16 ? 0.4060 0.5894 0.2958 0.1489  -0.0413 0.0116  16 A   A P     
314 O  OP1   . A   A 16 ? 0.4725 0.8405 0.3060 0.2379  -0.0548 -0.0043 16 A   A OP1   
315 O  OP2   . A   A 16 ? 0.4858 0.4863 0.3624 0.1617  -0.0862 -0.0283 16 A   A OP2   
316 O  "O5'" . A   A 16 ? 0.3548 0.4151 0.3055 0.0350  -0.0422 0.0100  16 A   A "O5'" 
317 C  "C5'" . A   A 16 ? 0.3509 0.4155 0.2916 0.0244  -0.0155 -0.0036 16 A   A "C5'" 
318 C  "C4'" . A   A 16 ? 0.3317 0.4174 0.2820 0.0115  -0.0412 -0.0026 16 A   A "C4'" 
319 O  "O4'" . A   A 16 ? 0.3214 0.4240 0.2926 0.0028  -0.0499 -0.0049 16 A   A "O4'" 
320 C  "C3'" . A   A 16 ? 0.3589 0.3987 0.2579 0.0093  -0.0218 -0.0113 16 A   A "C3'" 
321 O  "O3'" . A   A 16 ? 0.3744 0.3172 0.2663 -0.0223 -0.0467 -0.0214 16 A   A "O3'" 
322 C  "C2'" . A   A 16 ? 0.3724 0.4275 0.2726 0.0397  -0.0366 -0.0215 16 A   A "C2'" 
323 O  "O2'" . A   A 16 ? 0.3384 0.4502 0.2914 0.0192  -0.0225 -0.0456 16 A   A "O2'" 
324 C  "C1'" . A   A 16 ? 0.3545 0.4315 0.2562 0.0053  -0.0210 0.0220  16 A   A "C1'" 
325 N  N9    . A   A 16 ? 0.3732 0.4104 0.2629 0.0291  -0.0358 0.0180  16 A   A N9    
326 C  C8    . A   A 16 ? 0.3932 0.3591 0.2754 0.0199  -0.0598 0.0109  16 A   A C8    
327 N  N7    . A   A 16 ? 0.3482 0.4464 0.2590 0.0032  -0.0136 0.0044  16 A   A N7    
328 C  C5    . A   A 16 ? 0.3323 0.4468 0.2416 -0.0165 0.0033  0.0120  16 A   A C5    
329 C  C6    . A   A 16 ? 0.3640 0.4706 0.2871 -0.0205 -0.0399 -0.0092 16 A   A C6    
330 N  N6    . A   A 16 ? 0.4067 0.4605 0.3053 -0.0395 -0.0586 0.0293  16 A   A N6    
331 N  N1    . A   A 16 ? 0.3413 0.4487 0.2673 -0.0025 -0.0321 0.0035  16 A   A N1    
332 C  C2    . A   A 16 ? 0.3630 0.4796 0.2506 -0.0097 -0.0321 0.0109  16 A   A C2    
333 N  N3    . A   A 16 ? 0.3762 0.4661 0.2347 -0.0063 -0.0178 0.0217  16 A   A N3    
334 C  C4    . A   A 16 ? 0.3693 0.4859 0.2423 0.0291  -0.0223 0.0090  16 A   A C4    
335 P  P     . CBV A 17 ? 0.3731 0.3341 0.2838 -0.0165 -0.0277 -0.0260 17 CBV A P     
336 O  O1P   . CBV A 17 ? 0.4352 0.3392 0.2753 0.0466  -0.0013 -0.0360 17 CBV A O1P   
337 O  O2P   . CBV A 17 ? 0.3525 0.3228 0.2979 0.0140  -0.0391 -0.0129 17 CBV A O2P   
338 O  "O5'" . CBV A 17 ? 0.3567 0.3571 0.3058 -0.0280 -0.0149 -0.0013 17 CBV A "O5'" 
339 C  "C5'" . CBV A 17 ? 0.3379 0.3559 0.3024 -0.0151 0.0049  -0.0264 17 CBV A "C5'" 
340 C  "C4'" . CBV A 17 ? 0.3897 0.3536 0.2951 -0.0525 -0.0149 -0.0035 17 CBV A "C4'" 
341 O  "O4'" . CBV A 17 ? 0.4006 0.3792 0.3111 -0.0554 -0.0452 -0.0219 17 CBV A "O4'" 
342 C  "C3'" . CBV A 17 ? 0.3576 0.3520 0.2941 -0.0610 -0.0001 -0.0095 17 CBV A "C3'" 
343 O  "O3'" . CBV A 17 ? 0.3610 0.3246 0.3690 -0.0537 -0.0473 -0.0274 17 CBV A "O3'" 
344 C  "C2'" . CBV A 17 ? 0.3745 0.3646 0.3242 -0.0449 0.0046  -0.0316 17 CBV A "C2'" 
345 O  "O2'" . CBV A 17 ? 0.4003 0.3631 0.3592 -0.0527 0.0099  -0.0535 17 CBV A "O2'" 
346 C  "C1'" . CBV A 17 ? 0.4057 0.3557 0.3251 -0.0772 -0.0198 -0.0096 17 CBV A "C1'" 
347 N  N1    . CBV A 17 ? 0.4469 0.3463 0.3012 -0.0495 -0.0285 0.0091  17 CBV A N1    
348 C  C2    . CBV A 17 ? 0.5450 0.3035 0.2896 -0.0680 -0.0471 0.0261  17 CBV A C2    
349 O  O2    . CBV A 17 ? 0.5372 0.3597 0.3423 -0.0292 -0.0504 -0.0483 17 CBV A O2    
350 N  N3    . CBV A 17 ? 0.4941 0.4182 0.3100 -0.0168 -0.0591 -0.0408 17 CBV A N3    
351 C  C4    . CBV A 17 ? 0.4877 0.3516 0.2937 -0.0394 -0.0649 0.0035  17 CBV A C4    
352 N  N4    . CBV A 17 ? 0.5033 0.4071 0.3126 -0.0181 -0.0889 0.0083  17 CBV A N4    
353 C  C5    . CBV A 17 ? 0.4431 0.3970 0.3019 -0.0228 -0.0322 -0.0315 17 CBV A C5    
354 C  C6    . CBV A 17 ? 0.4147 0.3362 0.3306 -0.0737 -0.0467 -0.0314 17 CBV A C6    
355 BR BR    . CBV A 17 ? 0.4691 0.4417 0.3800 -0.0250 -0.0731 -0.0416 17 CBV A BR    
367 P  P     . C   A 18 ? 0.3693 0.3868 0.3724 -0.0386 -0.0493 -0.0414 18 C   A P     
368 O  OP1   . C   A 18 ? 0.3989 0.4240 0.4058 0.0498  -0.1024 -0.0292 18 C   A OP1   
369 O  OP2   . C   A 18 ? 0.4128 0.4491 0.3862 0.0149  -0.0400 -0.0808 18 C   A OP2   
370 O  "O5'" . C   A 18 ? 0.3354 0.3446 0.4136 -0.0257 -0.0327 -0.0435 18 C   A "O5'" 
371 C  "C5'" . C   A 18 ? 0.3708 0.3272 0.4368 -0.0617 -0.0262 -0.0269 18 C   A "C5'" 
372 C  "C4'" . C   A 18 ? 0.3757 0.2947 0.4494 -0.0686 -0.0446 0.0005  18 C   A "C4'" 
373 O  "O4'" . C   A 18 ? 0.4321 0.3525 0.4273 -0.0417 -0.0221 -0.0280 18 C   A "O4'" 
374 C  "C3'" . C   A 18 ? 0.3545 0.3339 0.4950 -0.0787 -0.0597 0.0071  18 C   A "C3'" 
375 O  "O3'" . C   A 18 ? 0.3282 0.4707 0.5857 -0.0274 -0.1243 -0.0271 18 C   A "O3'" 
376 C  "C2'" . C   A 18 ? 0.3803 0.3870 0.4501 -0.0663 -0.0117 0.0042  18 C   A "C2'" 
377 O  "O2'" . C   A 18 ? 0.4405 0.4026 0.4630 -0.0759 -0.0163 0.0550  18 C   A "O2'" 
378 C  "C1'" . C   A 18 ? 0.3648 0.3660 0.4303 -0.0604 -0.0154 -0.0182 18 C   A "C1'" 
379 N  N1    . C   A 18 ? 0.3521 0.3231 0.4126 -0.0520 -0.0369 -0.0097 18 C   A N1    
380 C  C2    . C   A 18 ? 0.3727 0.3345 0.3801 -0.0501 -0.0156 0.0164  18 C   A C2    
381 O  O2    . C   A 18 ? 0.4349 0.3225 0.4251 -0.0157 -0.0287 -0.0125 18 C   A O2    
382 N  N3    . C   A 18 ? 0.3355 0.3877 0.3744 -0.0246 -0.0313 -0.0277 18 C   A N3    
383 C  C4    . C   A 18 ? 0.3396 0.3786 0.3402 -0.0177 -0.0348 -0.0332 18 C   A C4    
384 N  N4    . C   A 18 ? 0.3727 0.4128 0.3616 -0.0045 -0.0741 -0.0580 18 C   A N4    
385 C  C5    . C   A 18 ? 0.3449 0.3670 0.3796 -0.0075 -0.0518 -0.0575 18 C   A C5    
386 C  C6    . C   A 18 ? 0.3307 0.3554 0.3947 -0.0555 -0.0459 -0.0289 18 C   A C6    
# 
